data_2YW9
#
_entry.id   2YW9
#
_cell.length_a   96.087
_cell.length_b   107.131
_cell.length_c   184.704
_cell.angle_alpha   90.00
_cell.angle_beta   90.00
_cell.angle_gamma   90.00
#
_symmetry.space_group_name_H-M   'P 21 21 21'
#
loop_
_entity.id
_entity.type
_entity.pdbx_description
1 polymer 'Enoyl-[acyl carrier protein] reductase'
2 non-polymer 'NADP NICOTINAMIDE-ADENINE-DINUCLEOTIDE PHOSPHATE'
3 water water
#
_entity_poly.entity_id   1
_entity_poly.type   'polypeptide(L)'
_entity_poly.pdbx_seq_one_letter_code
;MLTVDLSGKKALVMGVTNQRSLGFAIAAKLKEAGAEVALSYQAERLRPEAEKLAEALGGALLFRADVTQDEELDALFAGV
KEAFGGLDYLVHAIAFAPREAMEGRYIDTRRQDWLLALEVSAYSLVAVARRAEPLLREGGGIVTLTYYASEKVVPKYNVM
AIAKAALEASVRYLAYELGPKGVRVNAISAGPVRTVAARSIPGFTKMYDRVAQTAPLRRNITQEEVGNLGLFLLSPLASG
ITGEVVYVDAGYHIMGMELEG
;
_entity_poly.pdbx_strand_id   A,B,C,D,E,F,G,H
#
loop_
_chem_comp.id
_chem_comp.type
_chem_comp.name
_chem_comp.formula
NAP non-polymer 'NADP NICOTINAMIDE-ADENINE-DINUCLEOTIDE PHOSPHATE' 'C21 H28 N7 O17 P3'
#
# COMPACT_ATOMS: atom_id res chain seq x y z
N MET A 1 9.52 41.46 33.66
CA MET A 1 8.99 40.10 33.91
C MET A 1 7.46 40.12 33.89
N LEU A 2 6.87 39.45 32.90
CA LEU A 2 5.41 39.33 32.82
C LEU A 2 4.95 38.10 33.61
N THR A 3 3.89 38.28 34.41
CA THR A 3 3.38 37.20 35.24
C THR A 3 1.98 36.77 34.79
N VAL A 4 1.74 35.46 34.82
CA VAL A 4 0.40 34.93 34.61
C VAL A 4 -0.19 34.53 35.95
N ASP A 5 -1.05 35.39 36.49
CA ASP A 5 -1.65 35.16 37.80
C ASP A 5 -3.09 34.67 37.69
N LEU A 6 -3.29 33.37 37.91
CA LEU A 6 -4.62 32.78 37.78
C LEU A 6 -5.22 32.40 39.12
N SER A 7 -4.75 33.03 40.19
CA SER A 7 -5.33 32.79 41.50
C SER A 7 -6.78 33.26 41.53
N GLY A 8 -7.64 32.49 42.20
CA GLY A 8 -9.06 32.80 42.27
C GLY A 8 -9.83 32.23 41.09
N LYS A 9 -9.11 31.66 40.13
CA LYS A 9 -9.74 31.06 38.97
C LYS A 9 -10.04 29.58 39.20
N LYS A 10 -11.17 29.15 38.66
CA LYS A 10 -11.65 27.79 38.88
C LYS A 10 -11.66 27.01 37.58
N ALA A 11 -11.07 25.82 37.60
CA ALA A 11 -10.95 25.02 36.39
C ALA A 11 -11.56 23.64 36.54
N LEU A 12 -12.17 23.13 35.48
CA LEU A 12 -12.63 21.75 35.42
C LEU A 12 -11.87 21.03 34.31
N VAL A 13 -11.16 19.95 34.67
CA VAL A 13 -10.37 19.20 33.70
C VAL A 13 -10.95 17.79 33.52
N MET A 14 -11.34 17.47 32.30
CA MET A 14 -12.02 16.22 32.04
C MET A 14 -11.23 15.34 31.12
N GLY A 15 -11.28 14.03 31.35
CA GLY A 15 -10.65 13.05 30.47
C GLY A 15 -9.25 12.62 30.87
N VAL A 16 -8.82 13.02 32.05
CA VAL A 16 -7.48 12.68 32.52
C VAL A 16 -7.47 11.35 33.27
N THR A 17 -6.67 10.41 32.78
CA THR A 17 -6.59 9.09 33.41
C THR A 17 -5.18 8.76 33.88
N ASN A 18 -4.20 9.47 33.35
CA ASN A 18 -2.82 9.27 33.80
C ASN A 18 -2.00 10.56 33.76
N GLN A 19 -0.91 10.59 34.51
CA GLN A 19 -0.09 11.80 34.64
C GLN A 19 0.69 12.10 33.36
N ARG A 20 0.81 11.10 32.49
CA ARG A 20 1.54 11.27 31.23
C ARG A 20 0.61 11.67 30.10
N SER A 21 -0.57 12.15 30.46
CA SER A 21 -1.53 12.62 29.46
C SER A 21 -1.40 14.11 29.22
N LEU A 22 -1.90 14.56 28.07
CA LEU A 22 -1.81 15.96 27.70
C LEU A 22 -2.77 16.81 28.52
N GLY A 23 -3.88 16.21 28.93
CA GLY A 23 -4.84 16.89 29.78
C GLY A 23 -4.29 17.17 31.16
N PHE A 24 -3.45 16.27 31.67
CA PHE A 24 -2.85 16.46 32.97
C PHE A 24 -1.89 17.63 32.89
N ALA A 25 -1.16 17.70 31.78
CA ALA A 25 -0.11 18.70 31.60
C ALA A 25 -0.70 20.10 31.69
N ILE A 26 -1.86 20.28 31.08
CA ILE A 26 -2.56 21.55 31.13
C ILE A 26 -2.98 21.86 32.57
N ALA A 27 -3.56 20.88 33.25
CA ALA A 27 -3.97 21.04 34.64
C ALA A 27 -2.80 21.43 35.54
N ALA A 28 -1.67 20.74 35.37
CA ALA A 28 -0.45 21.05 36.13
C ALA A 28 -0.05 22.51 35.97
N LYS A 29 -0.03 22.97 34.72
CA LYS A 29 0.30 24.37 34.40
C LYS A 29 -0.73 25.36 34.93
N LEU A 30 -2.01 25.00 34.86
CA LEU A 30 -3.05 25.84 35.46
C LEU A 30 -2.84 25.96 36.95
N LYS A 31 -2.50 24.83 37.58
CA LYS A 31 -2.29 24.81 39.02
C LYS A 31 -1.06 25.64 39.37
N GLU A 32 -0.01 25.51 38.56
CA GLU A 32 1.21 26.25 38.75
C GLU A 32 0.94 27.76 38.66
N ALA A 33 -0.02 28.14 37.81
CA ALA A 33 -0.37 29.54 37.62
C ALA A 33 -1.26 30.11 38.74
N GLY A 34 -1.75 29.23 39.61
CA GLY A 34 -2.54 29.65 40.77
C GLY A 34 -4.00 29.26 40.78
N ALA A 35 -4.47 28.57 39.75
CA ALA A 35 -5.89 28.20 39.70
C ALA A 35 -6.22 26.99 40.57
N GLU A 36 -7.49 26.89 40.98
CA GLU A 36 -7.99 25.68 41.61
C GLU A 36 -8.53 24.73 40.54
N VAL A 37 -8.20 23.45 40.63
CA VAL A 37 -8.59 22.49 39.62
C VAL A 37 -9.53 21.43 40.18
N ALA A 38 -10.53 21.05 39.40
CA ALA A 38 -11.36 19.89 39.71
C ALA A 38 -11.18 18.89 38.58
N LEU A 39 -10.86 17.65 38.93
CA LEU A 39 -10.77 16.58 37.96
C LEU A 39 -12.06 15.79 37.93
N SER A 40 -12.44 15.34 36.74
CA SER A 40 -13.52 14.38 36.61
C SER A 40 -12.91 13.02 36.34
N TYR A 41 -13.63 11.98 36.74
CA TYR A 41 -13.22 10.62 36.44
C TYR A 41 -14.46 9.81 36.04
N GLN A 42 -14.26 8.80 35.20
CA GLN A 42 -15.36 8.13 34.52
C GLN A 42 -16.24 7.29 35.43
N ALA A 43 -15.63 6.49 36.29
CA ALA A 43 -16.39 5.58 37.16
C ALA A 43 -15.69 5.39 38.50
N GLU A 44 -16.43 4.87 39.48
CA GLU A 44 -15.92 4.76 40.86
C GLU A 44 -14.79 3.75 41.01
N ARG A 45 -14.68 2.82 40.07
CA ARG A 45 -13.59 1.84 40.06
C ARG A 45 -12.26 2.53 39.73
N LEU A 46 -12.34 3.76 39.23
CA LEU A 46 -11.14 4.52 38.88
C LEU A 46 -10.77 5.60 39.91
N ARG A 47 -11.48 5.63 41.04
CA ARG A 47 -11.19 6.62 42.07
C ARG A 47 -9.74 6.60 42.59
N PRO A 48 -9.19 5.41 42.87
CA PRO A 48 -7.78 5.36 43.29
C PRO A 48 -6.83 6.08 42.32
N GLU A 49 -7.01 5.86 41.02
CA GLU A 49 -6.20 6.54 40.01
C GLU A 49 -6.44 8.05 40.03
N ALA A 50 -7.70 8.43 40.17
CA ALA A 50 -8.09 9.84 40.25
C ALA A 50 -7.51 10.54 41.48
N GLU A 51 -7.48 9.85 42.61
CA GLU A 51 -6.87 10.39 43.83
C GLU A 51 -5.37 10.61 43.67
N LYS A 52 -4.69 9.69 42.99
CA LYS A 52 -3.26 9.81 42.69
C LYS A 52 -2.99 11.06 41.84
N LEU A 53 -3.90 11.33 40.90
CA LEU A 53 -3.75 12.49 40.02
C LEU A 53 -3.98 13.80 40.78
N ALA A 54 -4.97 13.81 41.67
CA ALA A 54 -5.25 14.96 42.52
C ALA A 54 -4.03 15.29 43.38
N GLU A 55 -3.40 14.25 43.90
CA GLU A 55 -2.24 14.39 44.77
C GLU A 55 -1.06 14.94 44.00
N ALA A 56 -0.90 14.45 42.77
CA ALA A 56 0.16 14.91 41.88
C ALA A 56 0.01 16.39 41.53
N LEU A 57 -1.24 16.85 41.46
CA LEU A 57 -1.50 18.25 41.19
C LEU A 57 -1.33 19.09 42.44
N GLY A 58 -0.99 18.44 43.55
CA GLY A 58 -0.86 19.11 44.83
C GLY A 58 -2.21 19.45 45.40
N GLY A 59 -3.20 18.59 45.15
CA GLY A 59 -4.56 18.80 45.64
C GLY A 59 -5.53 19.23 44.56
N ALA A 60 -6.65 18.52 44.47
CA ALA A 60 -7.68 18.81 43.49
C ALA A 60 -8.98 18.11 43.88
N LEU A 61 -10.09 18.75 43.56
CA LEU A 61 -11.43 18.20 43.78
C LEU A 61 -11.70 17.06 42.79
N LEU A 62 -12.46 16.06 43.22
CA LEU A 62 -12.80 14.94 42.33
C LEU A 62 -14.32 14.80 42.14
N PHE A 63 -14.75 14.54 40.92
CA PHE A 63 -16.15 14.24 40.63
C PHE A 63 -16.26 13.04 39.70
N ARG A 64 -17.19 12.14 39.99
CA ARG A 64 -17.45 11.03 39.10
C ARG A 64 -18.48 11.42 38.05
N ALA A 65 -18.16 11.18 36.78
CA ALA A 65 -19.10 11.36 35.68
C ALA A 65 -18.65 10.63 34.42
N ASP A 66 -19.56 9.81 33.87
CA ASP A 66 -19.36 9.17 32.57
C ASP A 66 -19.99 10.08 31.51
N VAL A 67 -19.19 10.50 30.53
CA VAL A 67 -19.61 11.51 29.56
C VAL A 67 -20.67 11.06 28.56
N THR A 68 -21.03 9.77 28.61
CA THR A 68 -22.13 9.25 27.81
C THR A 68 -23.46 9.28 28.58
N GLN A 69 -23.40 9.67 29.85
CA GLN A 69 -24.58 9.73 30.71
C GLN A 69 -24.96 11.17 31.09
N ASP A 70 -25.98 11.70 30.42
CA ASP A 70 -26.44 13.08 30.67
C ASP A 70 -26.77 13.37 32.14
N GLU A 71 -27.32 12.38 32.85
CA GLU A 71 -27.68 12.57 34.25
C GLU A 71 -26.46 12.87 35.12
N GLU A 72 -25.40 12.08 34.92
CA GLU A 72 -24.16 12.23 35.67
C GLU A 72 -23.47 13.56 35.34
N LEU A 73 -23.59 13.99 34.08
CA LEU A 73 -23.03 15.27 33.70
C LEU A 73 -23.77 16.42 34.38
N ASP A 74 -25.09 16.30 34.54
CA ASP A 74 -25.85 17.29 35.29
C ASP A 74 -25.37 17.33 36.74
N ALA A 75 -25.17 16.14 37.33
CA ALA A 75 -24.71 16.00 38.72
C ALA A 75 -23.33 16.59 38.91
N LEU A 76 -22.44 16.35 37.94
CA LEU A 76 -21.08 16.85 38.02
C LEU A 76 -21.06 18.37 38.00
N PHE A 77 -21.86 18.96 37.12
CA PHE A 77 -21.93 20.42 37.04
C PHE A 77 -22.69 21.06 38.19
N ALA A 78 -23.61 20.32 38.79
CA ALA A 78 -24.24 20.77 40.03
C ALA A 78 -23.21 20.75 41.17
N GLY A 79 -22.38 19.70 41.19
CA GLY A 79 -21.34 19.59 42.20
C GLY A 79 -20.28 20.68 42.05
N VAL A 80 -19.88 20.92 40.80
CA VAL A 80 -18.92 21.97 40.50
C VAL A 80 -19.49 23.33 40.91
N LYS A 81 -20.76 23.58 40.59
CA LYS A 81 -21.42 24.83 41.00
C LYS A 81 -21.39 24.99 42.52
N GLU A 82 -21.76 23.92 43.23
CA GLU A 82 -21.79 23.95 44.68
C GLU A 82 -20.42 24.24 45.27
N ALA A 83 -19.40 23.57 44.74
CA ALA A 83 -18.04 23.67 45.25
C ALA A 83 -17.26 24.92 44.82
N PHE A 84 -17.60 25.50 43.66
CA PHE A 84 -16.84 26.63 43.12
C PHE A 84 -17.63 27.93 42.99
N GLY A 85 -18.95 27.84 42.88
CA GLY A 85 -19.78 29.04 42.67
C GLY A 85 -19.94 29.35 41.20
N GLY A 86 -18.82 29.35 40.48
CA GLY A 86 -18.81 29.48 39.02
C GLY A 86 -17.69 28.64 38.41
N LEU A 87 -17.34 28.94 37.17
CA LEU A 87 -16.24 28.25 36.51
C LEU A 87 -15.53 29.21 35.55
N ASP A 88 -14.21 29.08 35.47
CA ASP A 88 -13.41 29.88 34.54
C ASP A 88 -12.93 29.05 33.36
N TYR A 89 -12.39 27.88 33.63
CA TYR A 89 -11.76 27.09 32.57
C TYR A 89 -12.31 25.68 32.51
N LEU A 90 -12.48 25.17 31.28
CA LEU A 90 -12.83 23.78 31.09
C LEU A 90 -11.89 23.13 30.10
N VAL A 91 -11.15 22.14 30.56
CA VAL A 91 -10.24 21.43 29.68
C VAL A 91 -10.89 20.12 29.28
N HIS A 92 -11.11 19.97 27.97
CA HIS A 92 -11.70 18.76 27.43
C HIS A 92 -10.59 17.88 26.85
N ALA A 93 -10.21 16.83 27.57
CA ALA A 93 -9.15 15.93 27.09
C ALA A 93 -9.66 14.51 26.90
N ILE A 94 -10.95 14.39 26.65
CA ILE A 94 -11.59 13.09 26.45
C ILE A 94 -11.42 12.61 25.02
N ALA A 95 -10.89 11.41 24.87
CA ALA A 95 -10.72 10.78 23.57
C ALA A 95 -10.81 9.27 23.72
N PHE A 96 -11.69 8.65 22.92
CA PHE A 96 -11.90 7.20 22.98
C PHE A 96 -12.50 6.66 21.68
N ALA A 97 -11.98 5.51 21.27
CA ALA A 97 -12.56 4.75 20.18
C ALA A 97 -12.36 3.28 20.54
N PRO A 98 -13.39 2.45 20.33
CA PRO A 98 -13.29 1.03 20.67
C PRO A 98 -12.07 0.39 19.99
N ARG A 99 -11.53 -0.65 20.61
CA ARG A 99 -10.33 -1.31 20.10
C ARG A 99 -10.54 -1.93 18.72
N GLU A 100 -11.74 -2.45 18.46
CA GLU A 100 -12.07 -3.06 17.16
C GLU A 100 -12.09 -2.03 16.01
N ALA A 101 -12.47 -0.79 16.33
CA ALA A 101 -12.53 0.28 15.34
C ALA A 101 -11.13 0.73 14.94
N MET A 102 -10.22 0.72 15.91
CA MET A 102 -8.84 1.16 15.69
C MET A 102 -7.95 0.08 15.07
N GLU A 103 -8.44 -1.15 15.06
CA GLU A 103 -7.73 -2.23 14.38
C GLU A 103 -8.36 -2.45 13.02
N GLY A 104 -7.53 -2.41 11.98
CA GLY A 104 -7.99 -2.60 10.61
C GLY A 104 -8.28 -1.30 9.88
N ARG A 105 -9.13 -1.38 8.86
CA ARG A 105 -9.42 -0.24 8.01
C ARG A 105 -10.60 0.57 8.51
N TYR A 106 -10.56 1.87 8.24
CA TYR A 106 -11.65 2.78 8.59
C TYR A 106 -12.98 2.33 7.96
N ILE A 107 -12.90 1.88 6.72
CA ILE A 107 -14.06 1.43 5.99
C ILE A 107 -14.77 0.21 6.62
N ASP A 108 -14.08 -0.46 7.53
CA ASP A 108 -14.63 -1.63 8.21
C ASP A 108 -15.16 -1.34 9.61
N THR A 109 -15.21 -0.06 9.97
CA THR A 109 -15.70 0.34 11.28
C THR A 109 -17.15 -0.08 11.42
N ARG A 110 -17.48 -0.72 12.55
CA ARG A 110 -18.85 -1.14 12.82
C ARG A 110 -19.69 0.06 13.30
N ARG A 111 -20.98 0.02 13.00
CA ARG A 111 -21.92 1.09 13.32
C ARG A 111 -21.83 1.58 14.77
N GLN A 112 -21.93 0.66 15.73
CA GLN A 112 -21.94 0.99 17.16
CA GLN A 112 -21.95 1.02 17.14
C GLN A 112 -20.59 1.48 17.67
N ASP A 113 -19.51 0.96 17.09
CA ASP A 113 -18.16 1.42 17.41
C ASP A 113 -17.95 2.85 16.92
N TRP A 114 -18.32 3.10 15.66
CA TRP A 114 -18.20 4.40 15.04
C TRP A 114 -18.99 5.42 15.84
N LEU A 115 -20.23 5.10 16.20
CA LEU A 115 -21.06 6.06 16.92
C LEU A 115 -20.51 6.35 18.30
N LEU A 116 -20.02 5.29 18.95
CA LEU A 116 -19.50 5.43 20.29
C LEU A 116 -18.27 6.34 20.31
N ALA A 117 -17.39 6.13 19.32
CA ALA A 117 -16.18 6.93 19.21
C ALA A 117 -16.50 8.41 19.05
N LEU A 118 -17.50 8.70 18.23
CA LEU A 118 -17.91 10.07 18.01
C LEU A 118 -18.68 10.66 19.19
N GLU A 119 -19.36 9.79 19.93
CA GLU A 119 -20.09 10.21 21.11
C GLU A 119 -19.15 10.68 22.21
N VAL A 120 -18.18 9.83 22.54
CA VAL A 120 -17.22 10.11 23.60
C VAL A 120 -16.22 11.18 23.18
N SER A 121 -15.80 11.15 21.93
CA SER A 121 -14.72 12.03 21.49
C SER A 121 -15.16 13.38 20.93
N ALA A 122 -16.37 13.47 20.40
CA ALA A 122 -16.83 14.74 19.84
C ALA A 122 -18.05 15.33 20.54
N TYR A 123 -19.11 14.53 20.69
CA TYR A 123 -20.33 15.05 21.31
C TYR A 123 -20.13 15.48 22.76
N SER A 124 -19.21 14.83 23.45
CA SER A 124 -18.96 15.15 24.85
C SER A 124 -18.58 16.62 25.02
N LEU A 125 -17.94 17.19 24.00
CA LEU A 125 -17.57 18.60 24.06
C LEU A 125 -18.82 19.47 24.08
N VAL A 126 -19.79 19.12 23.23
CA VAL A 126 -21.05 19.84 23.18
C VAL A 126 -21.77 19.72 24.52
N ALA A 127 -21.83 18.49 25.04
CA ALA A 127 -22.54 18.18 26.27
C ALA A 127 -21.99 18.94 27.47
N VAL A 128 -20.67 19.00 27.59
CA VAL A 128 -20.07 19.69 28.74
C VAL A 128 -20.04 21.20 28.56
N ALA A 129 -20.08 21.65 27.30
CA ALA A 129 -20.12 23.08 27.02
C ALA A 129 -21.47 23.68 27.40
N ARG A 130 -22.54 22.95 27.09
CA ARG A 130 -23.90 23.40 27.41
C ARG A 130 -24.07 23.56 28.91
N ARG A 131 -23.55 22.59 29.65
CA ARG A 131 -23.66 22.60 31.09
C ARG A 131 -22.70 23.59 31.74
N ALA A 132 -21.58 23.88 31.09
CA ALA A 132 -20.63 24.84 31.63
C ALA A 132 -21.08 26.27 31.35
N GLU A 133 -21.83 26.46 30.27
CA GLU A 133 -22.23 27.81 29.86
C GLU A 133 -22.79 28.72 30.97
N PRO A 134 -23.77 28.23 31.76
CA PRO A 134 -24.29 29.09 32.82
C PRO A 134 -23.32 29.31 34.00
N LEU A 135 -22.30 28.48 34.11
CA LEU A 135 -21.29 28.61 35.17
C LEU A 135 -20.11 29.50 34.77
N LEU A 136 -19.89 29.63 33.47
CA LEU A 136 -18.71 30.29 32.95
C LEU A 136 -18.72 31.82 33.07
N ARG A 137 -17.67 32.36 33.67
CA ARG A 137 -17.58 33.79 33.91
C ARG A 137 -16.93 34.48 32.71
N GLU A 138 -17.05 35.81 32.66
CA GLU A 138 -16.45 36.59 31.59
C GLU A 138 -14.95 36.33 31.54
N GLY A 139 -14.39 36.23 30.34
CA GLY A 139 -12.99 35.89 30.17
C GLY A 139 -12.73 34.40 30.35
N GLY A 140 -13.80 33.63 30.57
CA GLY A 140 -13.70 32.18 30.71
C GLY A 140 -13.37 31.51 29.39
N GLY A 141 -12.99 30.24 29.44
CA GLY A 141 -12.58 29.52 28.24
C GLY A 141 -12.72 28.02 28.27
N ILE A 142 -12.86 27.44 27.09
CA ILE A 142 -12.88 25.99 26.90
C ILE A 142 -11.78 25.61 25.94
N VAL A 143 -11.02 24.57 26.27
CA VAL A 143 -9.96 24.11 25.39
C VAL A 143 -10.02 22.59 25.22
N THR A 144 -9.81 22.14 24.00
CA THR A 144 -9.83 20.71 23.73
C THR A 144 -8.57 20.27 22.98
N LEU A 145 -8.38 18.96 22.86
CA LEU A 145 -7.19 18.42 22.22
C LEU A 145 -7.57 17.70 20.94
N THR A 146 -6.80 17.95 19.89
CA THR A 146 -7.03 17.33 18.60
C THR A 146 -5.72 16.94 17.95
N TYR A 147 -5.81 16.30 16.79
CA TYR A 147 -4.63 15.82 16.08
C TYR A 147 -4.78 16.07 14.60
N TYR A 148 -3.65 16.15 13.91
CA TYR A 148 -3.59 16.53 12.50
C TYR A 148 -4.21 15.53 11.53
N ALA A 149 -4.48 14.32 12.00
CA ALA A 149 -5.21 13.31 11.23
C ALA A 149 -6.61 13.77 10.82
N SER A 150 -7.12 14.79 11.50
CA SER A 150 -8.41 15.37 11.15
C SER A 150 -8.39 15.99 9.75
N GLU A 151 -7.26 16.56 9.37
CA GLU A 151 -7.13 17.23 8.08
C GLU A 151 -6.45 16.36 7.02
N LYS A 152 -5.47 15.57 7.43
CA LYS A 152 -4.72 14.73 6.51
C LYS A 152 -4.82 13.26 6.90
N VAL A 153 -4.75 12.37 5.93
CA VAL A 153 -4.89 10.95 6.22
C VAL A 153 -3.65 10.42 6.94
N VAL A 154 -3.86 10.02 8.19
CA VAL A 154 -2.85 9.30 8.94
C VAL A 154 -3.42 7.91 9.15
N PRO A 155 -2.86 6.92 8.45
CA PRO A 155 -3.34 5.54 8.49
C PRO A 155 -3.28 4.96 9.91
N LYS A 156 -4.27 4.12 10.23
CA LYS A 156 -4.38 3.49 11.56
C LYS A 156 -4.96 4.43 12.61
N TYR A 157 -5.26 5.66 12.21
CA TYR A 157 -5.96 6.57 13.10
C TYR A 157 -7.47 6.39 12.97
N ASN A 158 -7.88 5.85 11.82
CA ASN A 158 -9.27 5.51 11.53
C ASN A 158 -10.28 6.53 12.06
N VAL A 159 -11.26 6.05 12.81
CA VAL A 159 -12.42 6.85 13.23
C VAL A 159 -12.06 8.00 14.16
N MET A 160 -10.89 7.93 14.79
CA MET A 160 -10.46 9.01 15.68
C MET A 160 -10.24 10.28 14.87
N ALA A 161 -9.74 10.12 13.66
CA ALA A 161 -9.50 11.24 12.75
C ALA A 161 -10.80 11.94 12.41
N ILE A 162 -11.84 11.13 12.19
CA ILE A 162 -13.16 11.63 11.90
C ILE A 162 -13.74 12.32 13.13
N ALA A 163 -13.55 11.71 14.29
CA ALA A 163 -14.01 12.29 15.54
C ALA A 163 -13.37 13.66 15.77
N LYS A 164 -12.07 13.75 15.49
CA LYS A 164 -11.34 14.99 15.66
C LYS A 164 -11.83 16.06 14.67
N ALA A 165 -12.20 15.63 13.47
CA ALA A 165 -12.73 16.56 12.47
C ALA A 165 -14.08 17.11 12.96
N ALA A 166 -14.88 16.22 13.54
CA ALA A 166 -16.15 16.59 14.15
C ALA A 166 -15.93 17.49 15.37
N LEU A 167 -14.84 17.24 16.08
CA LEU A 167 -14.50 18.01 17.27
C LEU A 167 -14.14 19.44 16.90
N GLU A 168 -13.30 19.60 15.89
CA GLU A 168 -12.78 20.91 15.50
C GLU A 168 -13.87 21.81 14.94
N ALA A 169 -14.80 21.22 14.20
CA ALA A 169 -15.95 21.94 13.66
C ALA A 169 -16.86 22.39 14.80
N SER A 170 -17.00 21.51 15.80
CA SER A 170 -17.74 21.86 17.01
C SER A 170 -17.10 23.06 17.70
N VAL A 171 -15.77 23.05 17.79
CA VAL A 171 -15.03 24.15 18.41
C VAL A 171 -15.41 25.49 17.78
N ARG A 172 -15.52 25.51 16.45
CA ARG A 172 -15.84 26.75 15.74
C ARG A 172 -17.26 27.23 16.05
N TYR A 173 -18.21 26.32 16.00
CA TYR A 173 -19.60 26.64 16.26
C TYR A 173 -19.82 27.02 17.72
N LEU A 174 -19.17 26.31 18.64
CA LEU A 174 -19.25 26.68 20.06
C LEU A 174 -18.64 28.05 20.32
N ALA A 175 -17.55 28.39 19.62
CA ALA A 175 -16.90 29.68 19.75
C ALA A 175 -17.84 30.81 19.35
N TYR A 176 -18.58 30.55 18.28
CA TYR A 176 -19.57 31.50 17.79
C TYR A 176 -20.71 31.70 18.78
N GLU A 177 -21.21 30.60 19.34
CA GLU A 177 -22.38 30.66 20.21
C GLU A 177 -22.05 31.11 21.64
N LEU A 178 -20.88 30.77 22.15
CA LEU A 178 -20.48 31.16 23.51
C LEU A 178 -19.70 32.47 23.57
N GLY A 179 -19.33 32.99 22.41
CA GLY A 179 -18.53 34.21 22.31
C GLY A 179 -19.16 35.48 22.89
N PRO A 180 -20.43 35.75 22.57
CA PRO A 180 -21.08 36.96 23.08
C PRO A 180 -21.04 37.09 24.61
N LYS A 181 -21.03 35.97 25.32
CA LYS A 181 -20.96 35.99 26.78
C LYS A 181 -19.52 36.02 27.30
N GLY A 182 -18.58 36.34 26.44
CA GLY A 182 -17.17 36.44 26.84
C GLY A 182 -16.42 35.13 27.03
N VAL A 183 -16.96 34.04 26.50
CA VAL A 183 -16.30 32.73 26.58
C VAL A 183 -15.61 32.39 25.27
N ARG A 184 -14.36 31.97 25.35
CA ARG A 184 -13.61 31.57 24.17
C ARG A 184 -13.52 30.04 24.11
N VAL A 185 -13.46 29.50 22.90
CA VAL A 185 -13.34 28.05 22.68
C VAL A 185 -12.26 27.80 21.64
N ASN A 186 -11.30 26.94 21.98
CA ASN A 186 -10.12 26.70 21.14
C ASN A 186 -9.68 25.25 21.18
N ALA A 187 -8.92 24.83 20.18
CA ALA A 187 -8.37 23.47 20.17
C ALA A 187 -6.85 23.50 20.05
N ILE A 188 -6.20 22.56 20.72
CA ILE A 188 -4.76 22.38 20.63
C ILE A 188 -4.50 21.14 19.80
N SER A 189 -3.82 21.31 18.67
CA SER A 189 -3.46 20.16 17.83
C SER A 189 -2.05 19.70 18.18
N ALA A 190 -1.96 18.69 19.04
CA ALA A 190 -0.66 18.22 19.54
C ALA A 190 -0.03 17.16 18.64
N GLY A 191 1.29 17.20 18.53
CA GLY A 191 2.03 16.13 17.89
C GLY A 191 2.13 15.01 18.89
N PRO A 192 2.65 13.84 18.49
CA PRO A 192 2.81 12.76 19.47
C PRO A 192 3.85 13.11 20.55
N VAL A 193 3.72 12.50 21.73
CA VAL A 193 4.66 12.71 22.81
C VAL A 193 5.41 11.42 23.17
N ARG A 194 6.73 11.42 22.96
CA ARG A 194 7.55 10.23 23.21
C ARG A 194 7.86 10.06 24.70
N ASP A 209 9.04 8.30 16.26
CA ASP A 209 10.46 8.35 15.94
C ASP A 209 10.74 8.98 14.57
N ARG A 210 9.85 8.73 13.60
CA ARG A 210 9.98 9.33 12.26
C ARG A 210 9.55 10.80 12.23
N VAL A 211 8.63 11.15 13.14
CA VAL A 211 8.17 12.52 13.32
C VAL A 211 9.37 13.42 13.59
N ALA A 212 10.27 12.93 14.43
CA ALA A 212 11.49 13.63 14.79
C ALA A 212 12.40 13.86 13.59
N GLN A 213 12.27 13.02 12.56
CA GLN A 213 13.12 13.14 11.37
C GLN A 213 12.56 14.15 10.39
N THR A 214 11.25 14.29 10.35
CA THR A 214 10.58 15.14 9.37
C THR A 214 10.35 16.57 9.87
N ALA A 215 10.06 16.69 11.16
CA ALA A 215 9.70 17.99 11.75
C ALA A 215 10.84 19.00 11.67
N PRO A 216 10.49 20.26 11.36
CA PRO A 216 11.42 21.38 11.31
C PRO A 216 12.35 21.41 12.53
N LEU A 217 11.82 21.15 13.72
CA LEU A 217 12.65 21.23 14.93
C LEU A 217 13.51 19.97 15.15
N ARG A 218 13.29 18.96 14.31
CA ARG A 218 14.04 17.70 14.37
C ARG A 218 13.92 16.99 15.71
N ARG A 219 12.76 17.11 16.35
CA ARG A 219 12.46 16.41 17.60
C ARG A 219 10.96 16.35 17.78
N ASN A 220 10.51 15.53 18.73
CA ASN A 220 9.11 15.51 19.11
C ASN A 220 8.84 16.57 20.15
N ILE A 221 7.58 16.93 20.32
CA ILE A 221 7.19 17.88 21.36
C ILE A 221 7.13 17.17 22.71
N THR A 222 7.09 17.97 23.78
CA THR A 222 6.94 17.43 25.12
C THR A 222 5.56 17.74 25.68
N GLN A 223 5.22 17.02 26.74
CA GLN A 223 3.98 17.21 27.45
C GLN A 223 3.86 18.65 27.95
N GLU A 224 4.98 19.20 28.41
CA GLU A 224 5.03 20.54 29.00
C GLU A 224 4.71 21.61 27.94
N GLU A 225 5.13 21.34 26.71
CA GLU A 225 4.87 22.26 25.61
C GLU A 225 3.38 22.35 25.28
N VAL A 226 2.67 21.24 25.43
CA VAL A 226 1.23 21.25 25.25
C VAL A 226 0.59 21.97 26.44
N GLY A 227 1.05 21.64 27.65
CA GLY A 227 0.64 22.34 28.85
C GLY A 227 0.74 23.86 28.74
N ASN A 228 1.90 24.35 28.33
CA ASN A 228 2.11 25.79 28.17
C ASN A 228 1.12 26.47 27.22
N LEU A 229 0.81 25.82 26.10
CA LEU A 229 -0.14 26.36 25.13
C LEU A 229 -1.53 26.38 25.73
N GLY A 230 -1.87 25.31 26.44
CA GLY A 230 -3.14 25.23 27.13
C GLY A 230 -3.30 26.35 28.12
N LEU A 231 -2.28 26.56 28.93
CA LEU A 231 -2.26 27.65 29.88
C LEU A 231 -2.43 29.01 29.19
N PHE A 232 -1.67 29.23 28.11
CA PHE A 232 -1.72 30.49 27.36
C PHE A 232 -3.12 30.77 26.85
N LEU A 233 -3.71 29.78 26.18
CA LEU A 233 -5.02 29.93 25.55
C LEU A 233 -6.12 30.26 26.55
N LEU A 234 -6.05 29.66 27.74
CA LEU A 234 -7.02 29.92 28.78
C LEU A 234 -6.77 31.25 29.50
N SER A 235 -5.50 31.67 29.58
CA SER A 235 -5.13 32.89 30.27
C SER A 235 -5.68 34.15 29.58
N PRO A 236 -5.66 35.30 30.27
CA PRO A 236 -6.03 36.57 29.66
C PRO A 236 -5.06 37.05 28.58
N LEU A 237 -3.91 36.40 28.45
CA LEU A 237 -2.95 36.77 27.41
C LEU A 237 -3.48 36.40 26.02
N ALA A 238 -4.40 35.45 25.98
CA ALA A 238 -5.01 35.06 24.71
C ALA A 238 -6.44 35.55 24.56
N SER A 239 -6.76 36.69 25.18
CA SER A 239 -8.14 37.18 25.19
C SER A 239 -8.73 37.50 23.82
N GLY A 240 -7.88 37.64 22.80
CA GLY A 240 -8.35 37.92 21.44
C GLY A 240 -8.45 36.69 20.54
N ILE A 241 -8.13 35.53 21.09
CA ILE A 241 -8.04 34.28 20.34
C ILE A 241 -9.19 33.33 20.66
N THR A 242 -10.02 33.04 19.66
CA THR A 242 -11.12 32.09 19.82
C THR A 242 -11.49 31.43 18.49
N GLY A 243 -12.02 30.21 18.57
CA GLY A 243 -12.37 29.43 17.38
C GLY A 243 -11.19 28.85 16.64
N GLU A 244 -10.01 28.90 17.27
CA GLU A 244 -8.75 28.47 16.66
C GLU A 244 -8.37 27.01 16.90
N VAL A 245 -7.64 26.46 15.94
CA VAL A 245 -6.89 25.22 16.14
C VAL A 245 -5.40 25.59 16.08
N VAL A 246 -4.72 25.58 17.22
CA VAL A 246 -3.30 25.90 17.30
C VAL A 246 -2.44 24.64 17.36
N TYR A 247 -1.42 24.56 16.50
CA TYR A 247 -0.55 23.39 16.42
C TYR A 247 0.69 23.50 17.29
N VAL A 248 0.85 22.54 18.20
CA VAL A 248 2.12 22.32 18.91
C VAL A 248 2.63 21.00 18.41
N ASP A 249 3.39 21.01 17.33
CA ASP A 249 3.85 19.76 16.75
C ASP A 249 5.26 19.88 16.21
N ALA A 250 6.03 20.83 16.72
CA ALA A 250 7.39 21.07 16.27
C ALA A 250 7.45 21.38 14.78
N GLY A 251 6.33 21.89 14.25
CA GLY A 251 6.24 22.28 12.85
C GLY A 251 5.89 21.15 11.91
N TYR A 252 5.75 19.94 12.45
CA TYR A 252 5.58 18.74 11.62
C TYR A 252 4.53 18.85 10.52
N HIS A 253 3.36 19.37 10.86
CA HIS A 253 2.23 19.35 9.93
C HIS A 253 2.39 20.26 8.72
N ILE A 254 3.34 21.19 8.77
CA ILE A 254 3.59 22.09 7.65
C ILE A 254 4.33 21.37 6.52
N MET A 255 4.91 20.21 6.82
CA MET A 255 5.74 19.49 5.85
C MET A 255 4.92 18.77 4.78
N GLY A 256 5.32 18.93 3.52
CA GLY A 256 4.65 18.25 2.41
C GLY A 256 5.20 16.86 2.21
N MET B 1 -15.02 17.83 -31.00
CA MET B 1 -16.04 17.38 -30.01
C MET B 1 -15.58 16.21 -29.16
N LEU B 2 -15.53 16.42 -27.85
CA LEU B 2 -15.21 15.36 -26.90
C LEU B 2 -16.51 14.80 -26.32
N THR B 3 -16.61 13.47 -26.31
CA THR B 3 -17.80 12.80 -25.81
C THR B 3 -17.55 12.06 -24.50
N VAL B 4 -18.53 12.12 -23.60
CA VAL B 4 -18.51 11.32 -22.37
C VAL B 4 -19.48 10.15 -22.55
N ASP B 5 -18.93 8.97 -22.89
CA ASP B 5 -19.74 7.79 -23.14
C ASP B 5 -19.72 6.83 -21.97
N LEU B 6 -20.81 6.80 -21.21
CA LEU B 6 -20.88 5.97 -20.01
C LEU B 6 -21.83 4.79 -20.19
N SER B 7 -22.06 4.39 -21.43
CA SER B 7 -22.91 3.24 -21.70
C SER B 7 -22.25 1.96 -21.20
N GLY B 8 -23.04 1.10 -20.59
CA GLY B 8 -22.52 -0.13 -19.98
C GLY B 8 -22.12 0.09 -18.53
N LYS B 9 -22.12 1.35 -18.10
CA LYS B 9 -21.75 1.66 -16.73
C LYS B 9 -22.97 1.58 -15.82
N LYS B 10 -22.76 1.09 -14.60
CA LYS B 10 -23.85 0.88 -13.64
C LYS B 10 -23.68 1.81 -12.44
N ALA B 11 -24.76 2.46 -12.05
CA ALA B 11 -24.70 3.45 -10.98
C ALA B 11 -25.74 3.20 -9.90
N LEU B 12 -25.33 3.37 -8.65
CA LEU B 12 -26.27 3.34 -7.53
C LEU B 12 -26.37 4.73 -6.93
N VAL B 13 -27.59 5.26 -6.87
CA VAL B 13 -27.82 6.60 -6.35
C VAL B 13 -28.67 6.53 -5.10
N MET B 14 -28.14 7.05 -3.99
CA MET B 14 -28.79 6.91 -2.69
C MET B 14 -29.15 8.24 -2.03
N GLY B 15 -30.32 8.30 -1.43
CA GLY B 15 -30.75 9.50 -0.69
C GLY B 15 -31.57 10.49 -1.50
N VAL B 16 -32.06 10.07 -2.65
CA VAL B 16 -32.86 10.96 -3.49
C VAL B 16 -34.34 10.79 -3.18
N THR B 17 -34.98 11.88 -2.80
CA THR B 17 -36.40 11.85 -2.45
C THR B 17 -37.25 12.75 -3.36
N ASN B 18 -36.61 13.72 -4.01
CA ASN B 18 -37.32 14.64 -4.90
C ASN B 18 -36.52 14.93 -6.17
N GLN B 19 -37.21 15.41 -7.20
CA GLN B 19 -36.56 15.74 -8.47
C GLN B 19 -35.74 17.01 -8.35
N ARG B 20 -36.05 17.79 -7.33
CA ARG B 20 -35.37 19.06 -7.10
C ARG B 20 -34.15 18.92 -6.19
N SER B 21 -33.66 17.70 -6.03
CA SER B 21 -32.49 17.47 -5.21
C SER B 21 -31.21 17.49 -6.04
N LEU B 22 -30.08 17.64 -5.35
CA LEU B 22 -28.78 17.62 -6.00
C LEU B 22 -28.39 16.20 -6.43
N GLY B 23 -28.82 15.22 -5.65
CA GLY B 23 -28.58 13.82 -5.98
C GLY B 23 -29.29 13.38 -7.25
N PHE B 24 -30.50 13.90 -7.46
CA PHE B 24 -31.26 13.60 -8.68
C PHE B 24 -30.54 14.17 -9.90
N ALA B 25 -30.04 15.40 -9.75
CA ALA B 25 -29.33 16.08 -10.82
C ALA B 25 -28.14 15.26 -11.31
N ILE B 26 -27.38 14.71 -10.36
CA ILE B 26 -26.26 13.87 -10.73
C ILE B 26 -26.75 12.63 -11.47
N ALA B 27 -27.77 11.97 -10.92
CA ALA B 27 -28.36 10.78 -11.55
C ALA B 27 -28.85 11.04 -12.97
N ALA B 28 -29.52 12.16 -13.17
CA ALA B 28 -29.98 12.59 -14.49
C ALA B 28 -28.83 12.71 -15.48
N LYS B 29 -27.77 13.40 -15.07
CA LYS B 29 -26.59 13.56 -15.90
C LYS B 29 -25.91 12.23 -16.24
N LEU B 30 -25.86 11.32 -15.27
CA LEU B 30 -25.31 9.99 -15.52
C LEU B 30 -26.16 9.25 -16.54
N LYS B 31 -27.47 9.44 -16.45
CA LYS B 31 -28.42 8.80 -17.36
C LYS B 31 -28.24 9.38 -18.76
N GLU B 32 -28.14 10.70 -18.82
CA GLU B 32 -27.90 11.40 -20.08
C GLU B 32 -26.60 10.90 -20.74
N ALA B 33 -25.59 10.62 -19.92
CA ALA B 33 -24.30 10.13 -20.42
C ALA B 33 -24.34 8.67 -20.87
N GLY B 34 -25.41 7.96 -20.50
CA GLY B 34 -25.65 6.58 -20.99
C GLY B 34 -25.61 5.49 -19.93
N ALA B 35 -25.40 5.86 -18.67
CA ALA B 35 -25.33 4.85 -17.62
C ALA B 35 -26.71 4.34 -17.21
N GLU B 36 -26.74 3.14 -16.64
CA GLU B 36 -27.95 2.63 -16.01
C GLU B 36 -27.90 2.96 -14.53
N VAL B 37 -29.00 3.47 -13.99
CA VAL B 37 -29.06 3.85 -12.59
C VAL B 37 -30.02 3.00 -11.76
N ALA B 38 -29.62 2.72 -10.53
CA ALA B 38 -30.51 2.13 -9.55
C ALA B 38 -30.69 3.12 -8.41
N LEU B 39 -31.95 3.44 -8.10
CA LEU B 39 -32.27 4.31 -6.98
C LEU B 39 -32.58 3.49 -5.74
N SER B 40 -32.08 3.97 -4.60
CA SER B 40 -32.49 3.40 -3.33
C SER B 40 -33.56 4.32 -2.75
N TYR B 41 -34.45 3.73 -1.95
CA TYR B 41 -35.40 4.53 -1.19
C TYR B 41 -35.50 3.98 0.23
N GLN B 42 -35.83 4.84 1.18
CA GLN B 42 -35.73 4.53 2.61
C GLN B 42 -36.70 3.45 3.07
N ALA B 43 -37.98 3.60 2.74
CA ALA B 43 -39.03 2.75 3.24
C ALA B 43 -40.10 2.51 2.18
N GLU B 44 -40.86 1.43 2.33
CA GLU B 44 -41.86 1.04 1.33
C GLU B 44 -43.05 2.01 1.21
N ARG B 45 -43.29 2.81 2.24
CA ARG B 45 -44.29 3.89 2.16
C ARG B 45 -43.91 4.97 1.16
N LEU B 46 -42.65 4.97 0.72
CA LEU B 46 -42.14 6.00 -0.18
C LEU B 46 -41.96 5.48 -1.61
N ARG B 47 -42.41 4.25 -1.84
CA ARG B 47 -42.34 3.60 -3.14
C ARG B 47 -42.97 4.40 -4.28
N PRO B 48 -44.19 4.95 -4.06
CA PRO B 48 -44.78 5.81 -5.10
C PRO B 48 -43.91 7.01 -5.47
N GLU B 49 -43.31 7.64 -4.47
CA GLU B 49 -42.40 8.76 -4.75
C GLU B 49 -41.18 8.28 -5.53
N ALA B 50 -40.68 7.10 -5.17
CA ALA B 50 -39.52 6.52 -5.81
C ALA B 50 -39.80 6.15 -7.26
N GLU B 51 -41.01 5.68 -7.51
CA GLU B 51 -41.40 5.29 -8.87
C GLU B 51 -41.48 6.50 -9.78
N LYS B 52 -42.00 7.60 -9.26
CA LYS B 52 -42.07 8.85 -10.00
C LYS B 52 -40.67 9.34 -10.37
N LEU B 53 -39.72 9.18 -9.45
CA LEU B 53 -38.32 9.54 -9.70
C LEU B 53 -37.70 8.66 -10.79
N ALA B 54 -37.96 7.35 -10.71
CA ALA B 54 -37.48 6.41 -11.71
C ALA B 54 -38.00 6.76 -13.11
N GLU B 55 -39.28 7.11 -13.20
CA GLU B 55 -39.89 7.50 -14.45
C GLU B 55 -39.28 8.80 -15.00
N ALA B 56 -39.02 9.74 -14.10
CA ALA B 56 -38.44 11.02 -14.47
C ALA B 56 -37.00 10.86 -14.99
N LEU B 57 -36.34 9.80 -14.55
CA LEU B 57 -35.00 9.49 -15.04
C LEU B 57 -35.05 8.71 -16.35
N GLY B 58 -36.26 8.42 -16.82
CA GLY B 58 -36.44 7.60 -18.00
C GLY B 58 -36.13 6.14 -17.69
N GLY B 59 -36.55 5.69 -16.53
CA GLY B 59 -36.36 4.29 -16.15
C GLY B 59 -35.22 4.13 -15.17
N ALA B 60 -35.49 3.41 -14.08
CA ALA B 60 -34.46 3.11 -13.08
C ALA B 60 -34.90 1.99 -12.17
N LEU B 61 -33.96 1.12 -11.82
CA LEU B 61 -34.16 0.08 -10.82
C LEU B 61 -34.41 0.67 -9.44
N LEU B 62 -35.26 0.02 -8.64
CA LEU B 62 -35.55 0.52 -7.30
C LEU B 62 -35.20 -0.53 -6.26
N PHE B 63 -34.66 -0.08 -5.14
CA PHE B 63 -34.32 -0.96 -4.03
C PHE B 63 -34.64 -0.28 -2.71
N ARG B 64 -35.24 -1.02 -1.78
CA ARG B 64 -35.57 -0.46 -0.48
C ARG B 64 -34.43 -0.74 0.51
N ALA B 65 -33.97 0.31 1.18
CA ALA B 65 -33.00 0.19 2.27
C ALA B 65 -32.98 1.45 3.13
N ASP B 66 -33.04 1.24 4.44
CA ASP B 66 -32.82 2.28 5.43
C ASP B 66 -31.36 2.19 5.81
N VAL B 67 -30.64 3.31 5.67
CA VAL B 67 -29.18 3.31 5.85
C VAL B 67 -28.73 3.15 7.30
N THR B 68 -29.67 3.16 8.24
CA THR B 68 -29.34 2.87 9.64
C THR B 68 -29.44 1.38 9.96
N GLN B 69 -29.88 0.59 8.99
CA GLN B 69 -30.11 -0.84 9.17
C GLN B 69 -29.13 -1.66 8.34
N ASP B 70 -28.15 -2.25 9.01
CA ASP B 70 -27.09 -3.00 8.34
C ASP B 70 -27.62 -4.17 7.50
N GLU B 71 -28.66 -4.83 8.00
CA GLU B 71 -29.26 -5.95 7.29
C GLU B 71 -29.84 -5.54 5.93
N GLU B 72 -30.54 -4.40 5.90
CA GLU B 72 -31.15 -3.91 4.67
C GLU B 72 -30.11 -3.47 3.64
N LEU B 73 -29.00 -2.91 4.11
CA LEU B 73 -27.91 -2.52 3.23
C LEU B 73 -27.22 -3.75 2.63
N ASP B 74 -27.14 -4.83 3.41
CA ASP B 74 -26.66 -6.10 2.86
C ASP B 74 -27.60 -6.58 1.76
N ALA B 75 -28.90 -6.49 2.02
CA ALA B 75 -29.90 -6.90 1.06
C ALA B 75 -29.85 -6.09 -0.22
N LEU B 76 -29.71 -4.77 -0.08
CA LEU B 76 -29.69 -3.87 -1.23
C LEU B 76 -28.50 -4.16 -2.14
N PHE B 77 -27.33 -4.37 -1.53
CA PHE B 77 -26.13 -4.64 -2.31
C PHE B 77 -26.11 -6.04 -2.92
N ALA B 78 -26.84 -6.97 -2.31
CA ALA B 78 -27.06 -8.29 -2.90
C ALA B 78 -27.97 -8.15 -4.11
N GLY B 79 -29.02 -7.33 -3.96
CA GLY B 79 -29.93 -7.05 -5.06
C GLY B 79 -29.25 -6.35 -6.22
N VAL B 80 -28.40 -5.37 -5.90
CA VAL B 80 -27.64 -4.64 -6.92
C VAL B 80 -26.68 -5.59 -7.64
N LYS B 81 -26.02 -6.46 -6.89
CA LYS B 81 -25.12 -7.45 -7.48
C LYS B 81 -25.86 -8.38 -8.44
N GLU B 82 -27.02 -8.88 -8.02
CA GLU B 82 -27.79 -9.80 -8.86
C GLU B 82 -28.25 -9.11 -10.14
N ALA B 83 -28.65 -7.85 -10.02
CA ALA B 83 -29.23 -7.13 -11.15
C ALA B 83 -28.18 -6.53 -12.11
N PHE B 84 -27.00 -6.20 -11.59
CA PHE B 84 -25.98 -5.49 -12.39
C PHE B 84 -24.70 -6.30 -12.62
N GLY B 85 -24.40 -7.24 -11.75
CA GLY B 85 -23.15 -7.99 -11.85
C GLY B 85 -22.02 -7.31 -11.09
N GLY B 86 -21.88 -6.01 -11.31
CA GLY B 86 -20.93 -5.18 -10.57
C GLY B 86 -21.46 -3.77 -10.42
N LEU B 87 -20.59 -2.84 -10.07
CA LEU B 87 -21.00 -1.45 -9.94
C LEU B 87 -19.88 -0.53 -10.42
N ASP B 88 -20.25 0.62 -10.96
CA ASP B 88 -19.24 1.59 -11.38
C ASP B 88 -19.30 2.82 -10.48
N TYR B 89 -20.49 3.35 -10.27
CA TYR B 89 -20.64 4.60 -9.54
C TYR B 89 -21.57 4.46 -8.36
N LEU B 90 -21.24 5.15 -7.29
CA LEU B 90 -22.16 5.30 -6.17
C LEU B 90 -22.33 6.77 -5.82
N VAL B 91 -23.56 7.25 -5.85
CA VAL B 91 -23.83 8.63 -5.48
C VAL B 91 -24.46 8.68 -4.11
N HIS B 92 -23.76 9.31 -3.18
CA HIS B 92 -24.21 9.42 -1.79
C HIS B 92 -24.80 10.81 -1.53
N ALA B 93 -26.13 10.89 -1.57
CA ALA B 93 -26.80 12.18 -1.39
C ALA B 93 -27.68 12.15 -0.16
N ILE B 94 -27.30 11.30 0.79
CA ILE B 94 -28.05 11.16 2.04
C ILE B 94 -27.63 12.23 3.04
N ALA B 95 -28.62 12.93 3.58
CA ALA B 95 -28.38 13.96 4.58
C ALA B 95 -29.63 14.11 5.43
N PHE B 96 -29.46 13.95 6.74
CA PHE B 96 -30.56 14.09 7.68
C PHE B 96 -30.07 14.49 9.06
N ALA B 97 -30.81 15.40 9.68
CA ALA B 97 -30.63 15.72 11.08
C ALA B 97 -32.04 15.98 11.61
N PRO B 98 -32.35 15.46 12.80
CA PRO B 98 -33.67 15.65 13.39
C PRO B 98 -34.04 17.12 13.51
N ARG B 99 -35.33 17.42 13.42
CA ARG B 99 -35.85 18.79 13.43
C ARG B 99 -35.47 19.57 14.70
N GLU B 100 -35.42 18.88 15.85
CA GLU B 100 -35.10 19.54 17.11
C GLU B 100 -33.64 19.99 17.17
N ALA B 101 -32.75 19.25 16.50
CA ALA B 101 -31.34 19.57 16.48
C ALA B 101 -31.08 20.80 15.61
N MET B 102 -31.87 20.93 14.54
CA MET B 102 -31.70 22.04 13.61
C MET B 102 -32.40 23.32 14.07
N GLU B 103 -33.24 23.22 15.10
CA GLU B 103 -33.84 24.39 15.73
C GLU B 103 -33.09 24.76 17.00
N GLY B 104 -32.73 26.03 17.12
CA GLY B 104 -31.95 26.50 18.26
C GLY B 104 -30.45 26.46 18.04
N ARG B 105 -29.69 26.31 19.13
CA ARG B 105 -28.24 26.36 19.08
C ARG B 105 -27.61 24.97 19.01
N TYR B 106 -26.45 24.89 18.36
CA TYR B 106 -25.71 23.65 18.25
C TYR B 106 -25.37 23.09 19.63
N ILE B 107 -25.08 23.98 20.56
CA ILE B 107 -24.68 23.58 21.90
C ILE B 107 -25.82 22.90 22.67
N ASP B 108 -27.04 23.07 22.16
CA ASP B 108 -28.23 22.48 22.78
C ASP B 108 -28.67 21.16 22.14
N THR B 109 -27.89 20.66 21.18
CA THR B 109 -28.23 19.41 20.50
C THR B 109 -28.27 18.27 21.52
N ARG B 110 -29.36 17.49 21.49
CA ARG B 110 -29.49 16.36 22.39
C ARG B 110 -28.61 15.20 21.89
N ARG B 111 -28.19 14.36 22.83
CA ARG B 111 -27.29 13.24 22.55
C ARG B 111 -27.74 12.39 21.37
N GLN B 112 -28.99 11.94 21.39
CA GLN B 112 -29.44 10.97 20.40
C GLN B 112 -29.76 11.62 19.05
N ASP B 113 -30.17 12.88 19.09
CA ASP B 113 -30.34 13.65 17.86
C ASP B 113 -29.00 13.84 17.15
N TRP B 114 -28.00 14.24 17.93
CA TRP B 114 -26.64 14.42 17.42
C TRP B 114 -26.12 13.14 16.78
N LEU B 115 -26.24 12.03 17.49
CA LEU B 115 -25.72 10.76 17.01
C LEU B 115 -26.44 10.30 15.74
N LEU B 116 -27.75 10.53 15.69
CA LEU B 116 -28.55 10.11 14.55
C LEU B 116 -28.16 10.91 13.30
N ALA B 117 -27.99 12.22 13.47
CA ALA B 117 -27.56 13.09 12.40
C ALA B 117 -26.25 12.60 11.82
N LEU B 118 -25.31 12.27 12.70
CA LEU B 118 -24.03 11.76 12.25
C LEU B 118 -24.11 10.36 11.65
N GLU B 119 -25.03 9.56 12.15
CA GLU B 119 -25.22 8.20 11.65
C GLU B 119 -25.73 8.19 10.21
N VAL B 120 -26.78 8.96 9.97
CA VAL B 120 -27.40 9.04 8.65
C VAL B 120 -26.54 9.84 7.66
N SER B 121 -25.94 10.93 8.13
CA SER B 121 -25.25 11.86 7.24
C SER B 121 -23.78 11.53 7.00
N ALA B 122 -23.10 10.95 7.98
CA ALA B 122 -21.68 10.64 7.80
C ALA B 122 -21.38 9.13 7.73
N TYR B 123 -21.82 8.38 8.75
CA TYR B 123 -21.51 6.95 8.81
C TYR B 123 -22.05 6.16 7.63
N SER B 124 -23.19 6.59 7.10
CA SER B 124 -23.81 5.91 5.97
C SER B 124 -22.86 5.82 4.79
N LEU B 125 -21.94 6.76 4.67
CA LEU B 125 -20.97 6.72 3.58
C LEU B 125 -20.01 5.55 3.77
N VAL B 126 -19.60 5.32 5.01
CA VAL B 126 -18.68 4.23 5.33
C VAL B 126 -19.41 2.92 5.10
N ALA B 127 -20.66 2.88 5.58
CA ALA B 127 -21.48 1.68 5.48
C ALA B 127 -21.68 1.24 4.03
N VAL B 128 -22.02 2.18 3.16
CA VAL B 128 -22.27 1.83 1.76
C VAL B 128 -20.98 1.61 0.99
N ALA B 129 -19.91 2.30 1.42
CA ALA B 129 -18.62 2.13 0.77
C ALA B 129 -18.04 0.73 0.99
N ARG B 130 -18.18 0.20 2.20
CA ARG B 130 -17.68 -1.13 2.51
C ARG B 130 -18.40 -2.17 1.65
N ARG B 131 -19.70 -2.02 1.51
CA ARG B 131 -20.50 -2.98 0.77
C ARG B 131 -20.35 -2.80 -0.74
N ALA B 132 -20.01 -1.59 -1.17
CA ALA B 132 -19.80 -1.32 -2.60
C ALA B 132 -18.43 -1.77 -3.06
N GLU B 133 -17.48 -1.82 -2.13
CA GLU B 133 -16.11 -2.17 -2.47
C GLU B 133 -15.94 -3.46 -3.32
N PRO B 134 -16.56 -4.58 -2.92
CA PRO B 134 -16.35 -5.80 -3.71
C PRO B 134 -17.05 -5.76 -5.08
N LEU B 135 -18.05 -4.88 -5.22
CA LEU B 135 -18.78 -4.74 -6.48
C LEU B 135 -18.15 -3.76 -7.46
N LEU B 136 -17.32 -2.86 -6.93
CA LEU B 136 -16.80 -1.75 -7.73
C LEU B 136 -15.67 -2.13 -8.67
N ARG B 137 -15.81 -1.74 -9.93
CA ARG B 137 -14.85 -2.07 -10.98
C ARG B 137 -13.77 -1.00 -11.07
N GLU B 138 -12.68 -1.32 -11.78
CA GLU B 138 -11.60 -0.35 -11.98
C GLU B 138 -12.14 0.87 -12.70
N GLY B 139 -11.72 2.05 -12.26
CA GLY B 139 -12.23 3.29 -12.81
C GLY B 139 -13.53 3.71 -12.14
N GLY B 140 -13.98 2.89 -11.20
CA GLY B 140 -15.19 3.17 -10.43
C GLY B 140 -15.03 4.33 -9.46
N GLY B 141 -16.15 4.81 -8.93
CA GLY B 141 -16.10 5.99 -8.10
C GLY B 141 -17.25 6.18 -7.14
N ILE B 142 -16.95 6.85 -6.03
CA ILE B 142 -17.97 7.26 -5.10
C ILE B 142 -17.95 8.78 -5.00
N VAL B 143 -19.13 9.40 -5.06
CA VAL B 143 -19.21 10.85 -4.88
C VAL B 143 -20.28 11.19 -3.84
N THR B 144 -19.98 12.17 -3.00
CA THR B 144 -20.94 12.62 -2.00
C THR B 144 -21.10 14.13 -2.01
N LEU B 145 -22.08 14.61 -1.25
CA LEU B 145 -22.41 16.03 -1.25
C LEU B 145 -22.14 16.66 0.10
N THR B 146 -21.55 17.85 0.08
CA THR B 146 -21.24 18.54 1.32
C THR B 146 -21.46 20.03 1.17
N TYR B 147 -21.19 20.78 2.23
CA TYR B 147 -21.24 22.23 2.11
CA TYR B 147 -21.38 22.23 2.24
C TYR B 147 -20.31 22.96 3.05
N TYR B 148 -20.07 24.20 2.68
CA TYR B 148 -19.13 25.12 3.25
C TYR B 148 -19.17 25.25 4.77
N ALA B 149 -20.33 25.01 5.37
CA ALA B 149 -20.50 25.10 6.82
C ALA B 149 -19.61 24.13 7.61
N SER B 150 -19.05 23.14 6.91
CA SER B 150 -18.13 22.20 7.53
C SER B 150 -16.84 22.90 7.97
N GLU B 151 -16.39 23.85 7.16
CA GLU B 151 -15.15 24.56 7.41
C GLU B 151 -15.35 25.91 8.11
N LYS B 152 -16.44 26.61 7.79
CA LYS B 152 -16.72 27.91 8.40
C LYS B 152 -18.09 27.90 9.08
N VAL B 153 -18.24 28.74 10.10
CA VAL B 153 -19.49 28.77 10.84
C VAL B 153 -20.61 29.44 10.05
N VAL B 154 -21.58 28.62 9.64
CA VAL B 154 -22.83 29.13 9.08
C VAL B 154 -23.91 28.84 10.10
N PRO B 155 -24.46 29.90 10.70
CA PRO B 155 -25.45 29.80 11.77
C PRO B 155 -26.71 29.06 11.34
N LYS B 156 -27.30 28.32 12.27
CA LYS B 156 -28.52 27.57 12.03
C LYS B 156 -28.28 26.34 11.15
N TYR B 157 -27.01 26.05 10.89
CA TYR B 157 -26.66 24.82 10.20
C TYR B 157 -26.42 23.72 11.22
N ASN B 158 -26.00 24.15 12.41
CA ASN B 158 -25.82 23.26 13.56
C ASN B 158 -25.09 21.95 13.26
N VAL B 159 -25.68 20.84 13.72
CA VAL B 159 -25.04 19.53 13.66
C VAL B 159 -24.78 19.05 12.22
N MET B 160 -25.50 19.60 11.25
CA MET B 160 -25.25 19.21 9.87
C MET B 160 -23.83 19.61 9.44
N ALA B 161 -23.35 20.73 9.96
CA ALA B 161 -22.00 21.21 9.64
C ALA B 161 -20.97 20.22 10.16
N ILE B 162 -21.22 19.73 11.37
CA ILE B 162 -20.35 18.78 12.03
C ILE B 162 -20.36 17.48 11.26
N ALA B 163 -21.56 17.04 10.87
CA ALA B 163 -21.72 15.83 10.09
C ALA B 163 -20.99 15.94 8.76
N LYS B 164 -21.05 17.13 8.14
CA LYS B 164 -20.36 17.35 6.87
C LYS B 164 -18.85 17.33 7.04
N ALA B 165 -18.39 17.80 8.20
CA ALA B 165 -16.96 17.77 8.51
C ALA B 165 -16.50 16.33 8.70
N ALA B 166 -17.33 15.55 9.38
CA ALA B 166 -17.08 14.11 9.55
C ALA B 166 -17.14 13.40 8.21
N LEU B 167 -18.01 13.88 7.33
CA LEU B 167 -18.19 13.28 6.01
C LEU B 167 -16.97 13.50 5.12
N GLU B 168 -16.42 14.72 5.14
CA GLU B 168 -15.30 15.07 4.27
C GLU B 168 -14.02 14.34 4.68
N ALA B 169 -13.84 14.17 5.98
CA ALA B 169 -12.70 13.43 6.51
C ALA B 169 -12.84 11.98 6.12
N SER B 170 -14.07 11.49 6.12
CA SER B 170 -14.36 10.13 5.70
C SER B 170 -13.97 9.92 4.23
N VAL B 171 -14.28 10.93 3.41
CA VAL B 171 -13.96 10.89 2.00
C VAL B 171 -12.47 10.74 1.80
N ARG B 172 -11.68 11.45 2.59
CA ARG B 172 -10.22 11.37 2.49
C ARG B 172 -9.70 9.96 2.81
N TYR B 173 -10.11 9.44 3.97
CA TYR B 173 -9.71 8.12 4.40
C TYR B 173 -10.22 7.01 3.46
N LEU B 174 -11.43 7.17 2.96
CA LEU B 174 -11.97 6.21 2.00
C LEU B 174 -11.23 6.24 0.66
N ALA B 175 -10.77 7.42 0.27
CA ALA B 175 -10.01 7.57 -0.97
C ALA B 175 -8.68 6.85 -0.86
N TYR B 176 -8.10 6.88 0.33
CA TYR B 176 -6.83 6.21 0.58
C TYR B 176 -7.01 4.69 0.60
N GLU B 177 -8.07 4.23 1.24
CA GLU B 177 -8.30 2.81 1.39
C GLU B 177 -8.83 2.13 0.12
N LEU B 178 -9.69 2.81 -0.64
CA LEU B 178 -10.25 2.24 -1.87
C LEU B 178 -9.44 2.56 -3.13
N GLY B 179 -8.43 3.41 -2.99
CA GLY B 179 -7.60 3.82 -4.12
C GLY B 179 -6.85 2.71 -4.85
N PRO B 180 -6.17 1.82 -4.11
CA PRO B 180 -5.36 0.77 -4.76
C PRO B 180 -6.16 -0.11 -5.71
N LYS B 181 -7.45 -0.30 -5.43
CA LYS B 181 -8.33 -1.05 -6.32
C LYS B 181 -8.95 -0.18 -7.42
N GLY B 182 -8.35 0.99 -7.66
CA GLY B 182 -8.78 1.88 -8.75
C GLY B 182 -10.09 2.60 -8.53
N VAL B 183 -10.51 2.72 -7.27
CA VAL B 183 -11.75 3.41 -6.95
C VAL B 183 -11.45 4.79 -6.36
N ARG B 184 -12.10 5.81 -6.92
CA ARG B 184 -11.91 7.17 -6.45
C ARG B 184 -13.06 7.60 -5.55
N VAL B 185 -12.78 8.45 -4.57
CA VAL B 185 -13.79 8.98 -3.68
C VAL B 185 -13.63 10.50 -3.59
N ASN B 186 -14.71 11.23 -3.82
CA ASN B 186 -14.67 12.69 -3.84
C ASN B 186 -15.95 13.28 -3.26
N ALA B 187 -15.89 14.55 -2.90
CA ALA B 187 -17.06 15.23 -2.37
C ALA B 187 -17.32 16.49 -3.16
N ILE B 188 -18.59 16.80 -3.39
CA ILE B 188 -18.99 18.04 -4.03
C ILE B 188 -19.53 19.05 -3.00
N SER B 189 -18.88 20.19 -2.90
CA SER B 189 -19.33 21.22 -1.97
C SER B 189 -20.19 22.22 -2.75
N ALA B 190 -21.50 22.00 -2.69
CA ALA B 190 -22.43 22.80 -3.48
C ALA B 190 -22.84 24.06 -2.74
N GLY B 191 -22.94 25.15 -3.48
CA GLY B 191 -23.56 26.35 -2.95
C GLY B 191 -25.03 26.12 -2.70
N PRO B 192 -25.68 27.08 -2.03
CA PRO B 192 -27.11 26.99 -1.72
C PRO B 192 -27.94 26.85 -2.98
N VAL B 193 -28.84 25.88 -2.99
CA VAL B 193 -29.80 25.68 -4.07
C VAL B 193 -31.17 25.39 -3.47
N ARG B 194 -32.21 26.01 -4.01
CA ARG B 194 -33.57 25.86 -3.47
C ARG B 194 -34.16 24.48 -3.74
N VAL B 196 -35.38 20.79 -1.39
CA VAL B 196 -36.12 19.88 -0.54
C VAL B 196 -35.32 19.51 0.72
N ALA B 197 -34.12 18.99 0.53
CA ALA B 197 -33.23 18.67 1.64
C ALA B 197 -32.66 19.96 2.23
N ALA B 198 -32.70 21.02 1.43
CA ALA B 198 -32.27 22.35 1.87
C ALA B 198 -33.30 23.00 2.78
N ARG B 199 -34.54 22.51 2.69
CA ARG B 199 -35.64 23.02 3.52
C ARG B 199 -35.53 22.56 4.98
N SER B 200 -34.72 21.52 5.22
CA SER B 200 -34.47 21.03 6.57
C SER B 200 -33.34 21.79 7.25
N ILE B 201 -32.83 22.81 6.55
CA ILE B 201 -31.79 23.69 7.08
C ILE B 201 -32.30 25.13 7.20
N PRO B 202 -32.57 25.57 8.44
CA PRO B 202 -33.14 26.90 8.68
C PRO B 202 -32.21 28.07 8.40
N GLY B 203 -30.92 27.80 8.17
CA GLY B 203 -29.95 28.85 7.88
C GLY B 203 -29.58 28.92 6.40
N PHE B 204 -30.35 28.23 5.58
CA PHE B 204 -30.09 28.13 4.15
C PHE B 204 -30.35 29.44 3.39
N THR B 205 -31.50 30.07 3.67
CA THR B 205 -31.97 31.19 2.85
C THR B 205 -31.26 32.53 3.05
N LYS B 206 -30.87 32.81 4.29
CA LYS B 206 -30.07 34.00 4.58
C LYS B 206 -28.74 33.89 3.83
N MET B 207 -28.31 32.64 3.62
CA MET B 207 -27.11 32.35 2.86
C MET B 207 -27.38 32.39 1.36
N TYR B 208 -28.55 31.90 0.95
CA TYR B 208 -28.99 31.93 -0.44
C TYR B 208 -29.04 33.36 -0.99
N ASP B 209 -29.64 34.27 -0.23
CA ASP B 209 -29.69 35.68 -0.61
C ASP B 209 -28.29 36.29 -0.55
N ARG B 210 -27.49 35.87 0.44
CA ARG B 210 -26.12 36.37 0.59
C ARG B 210 -25.24 35.99 -0.59
N VAL B 211 -25.31 34.73 -1.03
CA VAL B 211 -24.48 34.29 -2.13
C VAL B 211 -24.68 35.12 -3.40
N ALA B 212 -25.93 35.35 -3.79
CA ALA B 212 -26.17 36.11 -5.03
C ALA B 212 -25.56 37.50 -5.01
N GLN B 213 -25.48 38.10 -3.81
CA GLN B 213 -24.89 39.42 -3.69
C GLN B 213 -23.38 39.38 -3.46
N THR B 214 -22.92 38.35 -2.74
CA THR B 214 -21.51 38.27 -2.35
C THR B 214 -20.62 37.49 -3.32
N ALA B 215 -21.16 36.45 -3.94
CA ALA B 215 -20.40 35.57 -4.82
C ALA B 215 -19.85 36.30 -6.02
N PRO B 216 -18.62 35.95 -6.43
CA PRO B 216 -17.96 36.46 -7.62
C PRO B 216 -18.82 36.43 -8.89
N LEU B 217 -19.65 35.41 -9.06
CA LEU B 217 -20.51 35.32 -10.25
C LEU B 217 -21.79 36.11 -10.11
N ARG B 218 -22.06 36.61 -8.90
CA ARG B 218 -23.25 37.40 -8.58
C ARG B 218 -24.56 36.68 -8.85
N ARG B 219 -24.56 35.38 -8.62
CA ARG B 219 -25.75 34.54 -8.76
C ARG B 219 -25.55 33.25 -7.98
N ASN B 220 -26.65 32.56 -7.70
CA ASN B 220 -26.58 31.23 -7.14
C ASN B 220 -26.31 30.21 -8.24
N ILE B 221 -25.85 29.04 -7.83
CA ILE B 221 -25.63 27.97 -8.78
C ILE B 221 -26.95 27.26 -9.04
N THR B 222 -26.99 26.45 -10.09
CA THR B 222 -28.16 25.67 -10.41
C THR B 222 -27.94 24.21 -10.06
N GLN B 223 -29.02 23.42 -10.07
CA GLN B 223 -28.91 22.00 -9.83
C GLN B 223 -28.11 21.30 -10.94
N GLU B 224 -28.23 21.82 -12.16
CA GLU B 224 -27.54 21.26 -13.33
C GLU B 224 -26.03 21.41 -13.20
N GLU B 225 -25.61 22.52 -12.61
CA GLU B 225 -24.19 22.77 -12.38
C GLU B 225 -23.58 21.77 -11.39
N VAL B 226 -24.31 21.40 -10.36
CA VAL B 226 -23.88 20.33 -9.47
C VAL B 226 -23.88 19.01 -10.21
N GLY B 227 -24.96 18.76 -10.97
CA GLY B 227 -25.05 17.56 -11.80
C GLY B 227 -23.85 17.37 -12.70
N ASN B 228 -23.44 18.43 -13.38
CA ASN B 228 -22.29 18.38 -14.31
C ASN B 228 -20.99 18.00 -13.62
N LEU B 229 -20.79 18.52 -12.41
CA LEU B 229 -19.57 18.23 -11.65
C LEU B 229 -19.58 16.77 -11.18
N GLY B 230 -20.75 16.30 -10.74
CA GLY B 230 -20.91 14.90 -10.35
C GLY B 230 -20.57 13.97 -11.49
N LEU B 231 -21.10 14.28 -12.66
CA LEU B 231 -20.80 13.52 -13.87
C LEU B 231 -19.32 13.54 -14.18
N PHE B 232 -18.72 14.72 -14.10
CA PHE B 232 -17.31 14.86 -14.40
C PHE B 232 -16.44 14.00 -13.49
N LEU B 233 -16.71 14.10 -12.19
CA LEU B 233 -15.93 13.41 -11.17
C LEU B 233 -16.01 11.89 -11.29
N LEU B 234 -17.17 11.39 -11.70
CA LEU B 234 -17.36 9.96 -11.87
C LEU B 234 -16.83 9.48 -13.22
N SER B 235 -16.80 10.36 -14.22
CA SER B 235 -16.35 10.00 -15.56
C SER B 235 -14.83 9.76 -15.61
N PRO B 236 -14.36 9.07 -16.67
CA PRO B 236 -12.92 8.88 -16.86
C PRO B 236 -12.12 10.18 -17.07
N LEU B 237 -12.81 11.29 -17.32
CA LEU B 237 -12.15 12.57 -17.49
C LEU B 237 -11.48 13.04 -16.20
N ALA B 238 -11.94 12.51 -15.07
CA ALA B 238 -11.40 12.91 -13.78
C ALA B 238 -10.61 11.79 -13.14
N SER B 239 -10.01 10.93 -13.96
CA SER B 239 -9.34 9.73 -13.46
C SER B 239 -8.14 10.00 -12.55
N GLY B 240 -7.67 11.24 -12.53
CA GLY B 240 -6.55 11.59 -11.65
C GLY B 240 -6.98 12.26 -10.36
N ILE B 241 -8.29 12.41 -10.18
CA ILE B 241 -8.84 13.19 -9.06
C ILE B 241 -9.49 12.33 -7.99
N THR B 242 -8.95 12.38 -6.78
CA THR B 242 -9.52 11.61 -5.66
C THR B 242 -9.21 12.24 -4.30
N GLY B 243 -10.07 11.99 -3.32
CA GLY B 243 -9.93 12.57 -2.00
C GLY B 243 -10.25 14.06 -1.94
N GLU B 244 -10.83 14.58 -3.02
CA GLU B 244 -11.05 16.01 -3.15
C GLU B 244 -12.41 16.48 -2.65
N VAL B 245 -12.44 17.73 -2.20
CA VAL B 245 -13.68 18.47 -2.03
C VAL B 245 -13.69 19.58 -3.06
N VAL B 246 -14.53 19.44 -4.09
CA VAL B 246 -14.63 20.44 -5.15
C VAL B 246 -15.85 21.36 -4.95
N TYR B 247 -15.61 22.67 -4.96
CA TYR B 247 -16.67 23.67 -4.76
C TYR B 247 -17.38 24.12 -6.04
N VAL B 248 -18.70 23.89 -6.09
CA VAL B 248 -19.56 24.51 -7.10
C VAL B 248 -20.43 25.51 -6.35
N ASP B 249 -19.94 26.73 -6.18
CA ASP B 249 -20.66 27.68 -5.36
C ASP B 249 -20.60 29.09 -5.91
N ALA B 250 -20.30 29.19 -7.20
CA ALA B 250 -20.21 30.48 -7.89
C ALA B 250 -19.09 31.33 -7.31
N GLY B 251 -18.15 30.66 -6.65
CA GLY B 251 -17.01 31.33 -6.05
C GLY B 251 -17.24 31.83 -4.63
N TYR B 252 -18.46 31.68 -4.12
CA TYR B 252 -18.83 32.28 -2.83
C TYR B 252 -17.82 32.06 -1.69
N HIS B 253 -17.35 30.83 -1.52
CA HIS B 253 -16.57 30.49 -0.33
C HIS B 253 -15.16 31.08 -0.31
N ILE B 254 -14.71 31.63 -1.43
CA ILE B 254 -13.42 32.30 -1.45
C ILE B 254 -13.50 33.71 -0.87
N MET B 255 -14.71 34.23 -0.67
CA MET B 255 -14.88 35.59 -0.18
C MET B 255 -14.66 35.71 1.33
N GLY B 256 -14.01 36.79 1.74
CA GLY B 256 -13.80 37.07 3.16
C GLY B 256 -14.92 37.91 3.75
N MET C 1 1.53 31.32 40.44
CA MET C 1 1.90 32.17 39.25
C MET C 1 3.02 31.58 38.41
N LEU C 2 2.85 31.69 37.09
CA LEU C 2 3.92 31.38 36.14
C LEU C 2 4.50 32.69 35.61
N THR C 3 5.83 32.77 35.56
CA THR C 3 6.50 33.98 35.10
C THR C 3 7.18 33.78 33.74
N VAL C 4 7.12 34.80 32.89
CA VAL C 4 7.86 34.82 31.63
C VAL C 4 9.06 35.74 31.79
N ASP C 5 10.23 35.14 32.04
CA ASP C 5 11.44 35.92 32.28
C ASP C 5 12.34 35.94 31.06
N LEU C 6 12.36 37.06 30.34
CA LEU C 6 13.16 37.18 29.13
C LEU C 6 14.39 38.06 29.31
N SER C 7 14.81 38.28 30.55
CA SER C 7 16.02 39.07 30.81
C SER C 7 17.23 38.38 30.22
N GLY C 8 18.18 39.17 29.70
CA GLY C 8 19.34 38.63 29.02
C GLY C 8 19.07 38.31 27.57
N LYS C 9 17.80 38.34 27.16
CA LYS C 9 17.45 38.08 25.77
C LYS C 9 17.52 39.33 24.90
N LYS C 10 17.95 39.15 23.66
CA LYS C 10 18.15 40.27 22.73
C LYS C 10 17.19 40.17 21.56
N ALA C 11 16.55 41.29 21.24
CA ALA C 11 15.51 41.31 20.22
C ALA C 11 15.76 42.41 19.19
N LEU C 12 15.48 42.11 17.93
CA LEU C 12 15.52 43.12 16.87
C LEU C 12 14.11 43.28 16.30
N VAL C 13 13.58 44.50 16.35
CA VAL C 13 12.22 44.76 15.88
C VAL C 13 12.25 45.70 14.66
N MET C 14 11.72 45.21 13.54
CA MET C 14 11.83 45.93 12.28
C MET C 14 10.47 46.32 11.74
N GLY C 15 10.41 47.52 11.15
CA GLY C 15 9.21 47.99 10.48
C GLY C 15 8.29 48.83 11.35
N VAL C 16 8.76 49.22 12.52
CA VAL C 16 7.95 50.00 13.45
C VAL C 16 8.14 51.50 13.24
N THR C 17 7.06 52.19 12.91
CA THR C 17 7.10 53.61 12.61
C THR C 17 6.25 54.41 13.58
N ASN C 18 5.29 53.76 14.22
CA ASN C 18 4.39 54.43 15.16
C ASN C 18 4.12 53.59 16.39
N GLN C 19 3.75 54.24 17.50
CA GLN C 19 3.43 53.54 18.74
C GLN C 19 2.11 52.79 18.64
N ARG C 20 1.28 53.17 17.67
CA ARG C 20 -0.01 52.51 17.46
C ARG C 20 0.07 51.37 16.45
N SER C 21 1.27 50.88 16.19
CA SER C 21 1.46 49.73 15.30
C SER C 21 1.45 48.43 16.08
N LEU C 22 1.25 47.33 15.37
CA LEU C 22 1.24 46.01 15.99
C LEU C 22 2.66 45.59 16.33
N GLY C 23 3.62 46.07 15.54
CA GLY C 23 5.02 45.78 15.77
C GLY C 23 5.54 46.40 17.06
N PHE C 24 5.02 47.58 17.38
CA PHE C 24 5.40 48.29 18.61
C PHE C 24 4.88 47.55 19.82
N ALA C 25 3.64 47.07 19.71
CA ALA C 25 2.99 46.35 20.78
C ALA C 25 3.78 45.10 21.16
N ILE C 26 4.31 44.40 20.17
CA ILE C 26 5.13 43.22 20.43
C ILE C 26 6.42 43.61 21.14
N ALA C 27 7.10 44.63 20.61
CA ALA C 27 8.30 45.18 21.25
C ALA C 27 8.06 45.57 22.71
N ALA C 28 6.97 46.31 22.95
CA ALA C 28 6.58 46.70 24.30
C ALA C 28 6.48 45.51 25.25
N LYS C 29 5.78 44.47 24.83
CA LYS C 29 5.60 43.27 25.62
C LYS C 29 6.90 42.50 25.85
N LEU C 30 7.78 42.48 24.86
CA LEU C 30 9.10 41.87 25.01
C LEU C 30 9.93 42.64 26.04
N LYS C 31 9.79 43.97 25.99
CA LYS C 31 10.51 44.83 26.91
C LYS C 31 9.95 44.62 28.31
N GLU C 32 8.64 44.52 28.41
CA GLU C 32 7.97 44.24 29.67
C GLU C 32 8.43 42.91 30.27
N ALA C 33 8.68 41.94 29.42
CA ALA C 33 9.14 40.63 29.86
C ALA C 33 10.60 40.60 30.28
N GLY C 34 11.35 41.65 29.91
CA GLY C 34 12.72 41.83 30.36
C GLY C 34 13.80 41.85 29.29
N ALA C 35 13.40 41.71 28.03
CA ALA C 35 14.37 41.66 26.94
C ALA C 35 14.89 43.05 26.56
N GLU C 36 16.09 43.08 25.99
CA GLU C 36 16.60 44.31 25.40
C GLU C 36 16.20 44.35 23.92
N VAL C 37 15.70 45.49 23.47
CA VAL C 37 15.24 45.62 22.10
C VAL C 37 16.06 46.60 21.29
N ALA C 38 16.24 46.28 20.01
CA ALA C 38 16.83 47.19 19.05
C ALA C 38 15.79 47.44 17.97
N LEU C 39 15.52 48.71 17.71
CA LEU C 39 14.62 49.09 16.61
C LEU C 39 15.41 49.41 15.35
N SER C 40 14.87 49.02 14.20
CA SER C 40 15.39 49.49 12.94
C SER C 40 14.44 50.56 12.41
N TYR C 41 14.99 51.50 11.65
CA TYR C 41 14.18 52.52 10.99
C TYR C 41 14.69 52.67 9.56
N GLN C 42 13.81 53.08 8.65
CA GLN C 42 14.11 53.00 7.22
C GLN C 42 15.19 53.98 6.74
N ALA C 43 15.05 55.25 7.13
CA ALA C 43 15.94 56.30 6.65
C ALA C 43 16.20 57.34 7.74
N GLU C 44 17.31 58.07 7.61
CA GLU C 44 17.76 59.00 8.64
C GLU C 44 16.79 60.17 8.87
N ARG C 45 15.94 60.45 7.88
CA ARG C 45 14.91 61.48 8.03
C ARG C 45 13.83 61.07 9.04
N LEU C 46 13.83 59.80 9.40
CA LEU C 46 12.85 59.26 10.34
C LEU C 46 13.44 59.04 11.74
N ARG C 47 14.69 59.47 11.94
CA ARG C 47 15.39 59.30 13.21
C ARG C 47 14.64 59.91 14.41
N PRO C 48 14.13 61.16 14.27
CA PRO C 48 13.34 61.71 15.37
C PRO C 48 12.15 60.83 15.77
N GLU C 49 11.42 60.29 14.80
CA GLU C 49 10.29 59.41 15.09
C GLU C 49 10.79 58.14 15.78
N ALA C 50 11.91 57.61 15.31
CA ALA C 50 12.50 56.41 15.89
C ALA C 50 12.97 56.65 17.32
N GLU C 51 13.47 57.85 17.59
CA GLU C 51 13.94 58.21 18.93
C GLU C 51 12.79 58.31 19.93
N LYS C 52 11.65 58.85 19.48
CA LYS C 52 10.44 58.88 20.30
C LYS C 52 9.98 57.46 20.65
N LEU C 53 10.06 56.54 19.68
CA LEU C 53 9.66 55.15 19.89
C LEU C 53 10.59 54.46 20.91
N ALA C 54 11.88 54.73 20.80
CA ALA C 54 12.86 54.17 21.74
C ALA C 54 12.55 54.64 23.15
N GLU C 55 12.22 55.92 23.29
CA GLU C 55 11.89 56.50 24.59
C GLU C 55 10.62 55.88 25.15
N ALA C 56 9.62 55.69 24.30
CA ALA C 56 8.35 55.10 24.71
C ALA C 56 8.50 53.65 25.16
N LEU C 57 9.50 52.94 24.63
CA LEU C 57 9.81 51.58 25.06
C LEU C 57 10.65 51.58 26.32
N GLY C 58 11.03 52.77 26.78
CA GLY C 58 11.88 52.91 27.95
C GLY C 58 13.32 52.60 27.63
N GLY C 59 13.75 53.00 26.43
CA GLY C 59 15.12 52.75 26.00
C GLY C 59 15.22 51.65 24.96
N ALA C 60 15.87 51.95 23.84
CA ALA C 60 16.12 50.97 22.79
C ALA C 60 17.22 51.44 21.85
N LEU C 61 18.04 50.50 21.39
CA LEU C 61 19.02 50.76 20.35
C LEU C 61 18.35 51.08 19.01
N LEU C 62 18.98 51.95 18.23
CA LEU C 62 18.46 52.31 16.92
C LEU C 62 19.46 51.98 15.82
N PHE C 63 18.97 51.46 14.70
CA PHE C 63 19.80 51.21 13.53
C PHE C 63 19.06 51.62 12.28
N ARG C 64 19.78 52.22 11.33
CA ARG C 64 19.17 52.63 10.06
C ARG C 64 19.37 51.55 9.01
N ALA C 65 18.27 51.12 8.39
CA ALA C 65 18.34 50.18 7.28
C ALA C 65 17.07 50.21 6.44
N ASP C 66 17.27 50.37 5.13
CA ASP C 66 16.21 50.21 4.15
C ASP C 66 16.25 48.76 3.69
N VAL C 67 15.13 48.07 3.81
CA VAL C 67 15.09 46.61 3.58
C VAL C 67 15.17 46.20 2.11
N THR C 68 15.23 47.18 1.21
CA THR C 68 15.44 46.87 -0.20
C THR C 68 16.92 46.96 -0.55
N GLN C 69 17.73 47.39 0.41
CA GLN C 69 19.16 47.55 0.18
C GLN C 69 19.95 46.50 0.97
N ASP C 70 20.49 45.52 0.26
CA ASP C 70 21.27 44.44 0.86
C ASP C 70 22.48 44.95 1.67
N GLU C 71 23.17 45.94 1.15
CA GLU C 71 24.32 46.54 1.84
C GLU C 71 23.98 47.05 3.24
N GLU C 72 22.86 47.78 3.35
CA GLU C 72 22.41 48.34 4.61
C GLU C 72 21.96 47.26 5.61
N LEU C 73 21.39 46.18 5.07
CA LEU C 73 21.00 45.05 5.93
C LEU C 73 22.23 44.34 6.47
N ASP C 74 23.28 44.24 5.66
CA ASP C 74 24.55 43.71 6.14
C ASP C 74 25.10 44.59 7.24
N ALA C 75 24.98 45.90 7.05
CA ALA C 75 25.48 46.87 8.03
C ALA C 75 24.69 46.80 9.33
N LEU C 76 23.38 46.67 9.23
CA LEU C 76 22.52 46.60 10.40
C LEU C 76 22.84 45.37 11.24
N PHE C 77 22.98 44.22 10.58
CA PHE C 77 23.27 42.99 11.30
C PHE C 77 24.69 42.93 11.87
N ALA C 78 25.60 43.68 11.25
CA ALA C 78 26.95 43.85 11.79
C ALA C 78 26.89 44.69 13.06
N GLY C 79 26.06 45.73 13.04
CA GLY C 79 25.86 46.61 14.19
C GLY C 79 25.14 45.92 15.34
N VAL C 80 24.15 45.09 15.00
CA VAL C 80 23.45 44.29 16.00
C VAL C 80 24.42 43.28 16.63
N LYS C 81 25.24 42.63 15.80
CA LYS C 81 26.26 41.71 16.29
C LYS C 81 27.24 42.37 17.26
N GLU C 82 27.77 43.52 16.88
CA GLU C 82 28.70 44.25 17.74
C GLU C 82 28.07 44.69 19.06
N ALA C 83 26.81 45.12 19.01
CA ALA C 83 26.13 45.62 20.19
C ALA C 83 25.55 44.55 21.11
N PHE C 84 25.22 43.37 20.56
CA PHE C 84 24.52 42.34 21.33
C PHE C 84 25.30 41.04 21.47
N GLY C 85 26.23 40.81 20.56
CA GLY C 85 26.94 39.53 20.54
C GLY C 85 26.17 38.48 19.76
N GLY C 86 24.88 38.33 20.09
CA GLY C 86 24.00 37.41 19.39
C GLY C 86 22.60 37.97 19.32
N LEU C 87 21.65 37.14 18.89
CA LEU C 87 20.26 37.57 18.82
C LEU C 87 19.34 36.45 19.26
N ASP C 88 18.24 36.79 19.92
CA ASP C 88 17.25 35.81 20.29
C ASP C 88 15.99 35.95 19.44
N TYR C 89 15.49 37.18 19.33
CA TYR C 89 14.21 37.40 18.67
C TYR C 89 14.32 38.41 17.53
N LEU C 90 13.56 38.14 16.47
CA LEU C 90 13.42 39.08 15.39
C LEU C 90 11.94 39.26 15.10
N VAL C 91 11.47 40.50 15.18
CA VAL C 91 10.08 40.80 14.87
C VAL C 91 10.04 41.51 13.53
N HIS C 92 9.28 40.95 12.61
CA HIS C 92 9.19 41.47 11.25
C HIS C 92 7.81 42.07 11.07
N ALA C 93 7.73 43.39 11.16
CA ALA C 93 6.45 44.08 11.07
C ALA C 93 6.46 45.05 9.91
N ILE C 94 7.25 44.72 8.90
CA ILE C 94 7.37 45.52 7.68
C ILE C 94 6.26 45.14 6.71
N ALA C 95 5.48 46.13 6.29
CA ALA C 95 4.43 45.94 5.30
C ALA C 95 4.27 47.21 4.48
N PHE C 96 4.38 47.11 3.16
CA PHE C 96 4.25 48.26 2.28
C PHE C 96 3.74 47.86 0.88
N ALA C 97 2.87 48.70 0.33
CA ALA C 97 2.47 48.62 -1.06
C ALA C 97 2.29 50.04 -1.55
N PRO C 98 2.75 50.34 -2.79
CA PRO C 98 2.59 51.69 -3.35
C PRO C 98 1.13 52.11 -3.36
N ARG C 99 0.88 53.41 -3.20
CA ARG C 99 -0.48 53.94 -3.09
C ARG C 99 -1.31 53.63 -4.34
N GLU C 100 -0.68 53.69 -5.52
CA GLU C 100 -1.36 53.37 -6.78
C GLU C 100 -1.83 51.91 -6.89
N ALA C 101 -1.07 51.01 -6.27
CA ALA C 101 -1.42 49.59 -6.28
C ALA C 101 -2.64 49.33 -5.40
N MET C 102 -2.75 50.11 -4.32
CA MET C 102 -3.81 49.92 -3.34
C MET C 102 -5.11 50.63 -3.73
N GLU C 103 -5.02 51.53 -4.71
CA GLU C 103 -6.21 52.20 -5.24
C GLU C 103 -6.64 51.52 -6.53
N GLY C 104 -7.92 51.19 -6.64
CA GLY C 104 -8.42 50.47 -7.81
C GLY C 104 -8.39 48.95 -7.65
N ARG C 105 -8.32 48.26 -8.79
CA ARG C 105 -8.41 46.80 -8.81
C ARG C 105 -7.03 46.13 -8.78
N TYR C 106 -6.99 44.92 -8.24
CA TYR C 106 -5.76 44.14 -8.21
C TYR C 106 -5.26 43.86 -9.62
N ILE C 107 -6.19 43.56 -10.51
CA ILE C 107 -5.84 43.23 -11.88
C ILE C 107 -5.15 44.39 -12.59
N ASP C 108 -5.25 45.58 -12.01
CA ASP C 108 -4.68 46.77 -12.64
C ASP C 108 -3.34 47.17 -12.05
N THR C 109 -2.80 46.32 -11.17
CA THR C 109 -1.54 46.62 -10.52
C THR C 109 -0.44 46.71 -11.58
N ARG C 110 0.36 47.77 -11.50
CA ARG C 110 1.47 47.93 -12.43
C ARG C 110 2.63 47.01 -12.03
N ARG C 111 3.39 46.56 -13.03
CA ARG C 111 4.52 45.64 -12.83
C ARG C 111 5.45 46.00 -11.67
N GLN C 112 5.98 47.23 -11.66
CA GLN C 112 6.97 47.60 -10.65
C GLN C 112 6.38 47.89 -9.27
N ASP C 113 5.12 48.36 -9.22
CA ASP C 113 4.40 48.51 -7.96
C ASP C 113 4.21 47.14 -7.30
N TRP C 114 3.83 46.16 -8.12
CA TRP C 114 3.58 44.80 -7.66
C TRP C 114 4.86 44.18 -7.12
N LEU C 115 5.95 44.36 -7.83
CA LEU C 115 7.23 43.78 -7.41
C LEU C 115 7.73 44.44 -6.13
N LEU C 116 7.54 45.75 -6.03
CA LEU C 116 8.01 46.50 -4.87
C LEU C 116 7.23 46.09 -3.62
N ALA C 117 5.93 45.92 -3.79
CA ALA C 117 5.07 45.50 -2.69
C ALA C 117 5.55 44.15 -2.15
N LEU C 118 5.80 43.21 -3.05
CA LEU C 118 6.30 41.91 -2.67
C LEU C 118 7.72 41.94 -2.12
N GLU C 119 8.54 42.83 -2.66
CA GLU C 119 9.91 42.98 -2.21
C GLU C 119 9.98 43.41 -0.74
N VAL C 120 9.28 44.50 -0.43
CA VAL C 120 9.27 45.07 0.91
C VAL C 120 8.47 44.21 1.90
N SER C 121 7.37 43.64 1.42
CA SER C 121 6.44 42.94 2.31
C SER C 121 6.71 41.46 2.52
N ALA C 122 7.32 40.80 1.53
CA ALA C 122 7.57 39.36 1.62
C ALA C 122 9.06 39.01 1.61
N TYR C 123 9.78 39.44 0.58
CA TYR C 123 11.20 39.11 0.46
C TYR C 123 12.05 39.59 1.64
N SER C 124 11.66 40.71 2.25
CA SER C 124 12.41 41.27 3.36
C SER C 124 12.53 40.26 4.50
N LEU C 125 11.52 39.40 4.66
CA LEU C 125 11.59 38.36 5.69
C LEU C 125 12.72 37.37 5.40
N VAL C 126 12.87 37.00 4.13
CA VAL C 126 13.95 36.12 3.73
C VAL C 126 15.30 36.81 3.92
N ALA C 127 15.36 38.07 3.51
CA ALA C 127 16.58 38.84 3.58
C ALA C 127 17.07 39.03 5.02
N VAL C 128 16.17 39.34 5.93
CA VAL C 128 16.57 39.47 7.34
C VAL C 128 16.80 38.12 8.01
N ALA C 129 16.09 37.09 7.56
CA ALA C 129 16.22 35.77 8.16
C ALA C 129 17.61 35.17 7.89
N ARG C 130 18.10 35.33 6.67
CA ARG C 130 19.41 34.84 6.28
C ARG C 130 20.51 35.50 7.13
N ARG C 131 20.40 36.81 7.28
CA ARG C 131 21.38 37.56 8.05
C ARG C 131 21.26 37.34 9.54
N ALA C 132 20.06 36.99 10.01
CA ALA C 132 19.84 36.74 11.44
C ALA C 132 20.29 35.34 11.84
N GLU C 133 20.25 34.41 10.89
CA GLU C 133 20.60 33.02 11.16
C GLU C 133 21.90 32.78 11.96
N PRO C 134 23.03 33.41 11.53
CA PRO C 134 24.28 33.18 12.27
C PRO C 134 24.27 33.79 13.67
N LEU C 135 23.41 34.78 13.88
CA LEU C 135 23.33 35.48 15.16
C LEU C 135 22.38 34.80 16.13
N LEU C 136 21.45 34.03 15.61
CA LEU C 136 20.36 33.48 16.41
C LEU C 136 20.78 32.30 17.32
N ARG C 137 20.46 32.42 18.60
CA ARG C 137 20.80 31.40 19.58
C ARG C 137 19.71 30.33 19.65
N GLU C 138 20.03 29.21 20.27
CA GLU C 138 19.06 28.14 20.50
C GLU C 138 17.86 28.68 21.27
N GLY C 139 16.67 28.29 20.82
CA GLY C 139 15.44 28.76 21.46
C GLY C 139 15.02 30.09 20.87
N GLY C 140 15.79 30.57 19.89
CA GLY C 140 15.53 31.85 19.25
C GLY C 140 14.33 31.75 18.31
N GLY C 141 13.84 32.89 17.86
CA GLY C 141 12.64 32.88 17.04
C GLY C 141 12.42 34.10 16.18
N ILE C 142 11.67 33.91 15.10
CA ILE C 142 11.28 34.98 14.20
C ILE C 142 9.76 35.00 14.14
N VAL C 143 9.18 36.20 14.28
CA VAL C 143 7.74 36.34 14.17
C VAL C 143 7.42 37.46 13.17
N THR C 144 6.40 37.24 12.35
CA THR C 144 5.96 38.25 11.42
C THR C 144 4.45 38.43 11.50
N LEU C 145 3.94 39.46 10.82
CA LEU C 145 2.52 39.79 10.89
C LEU C 145 1.86 39.59 9.54
N THR C 146 0.62 39.10 9.57
CA THR C 146 -0.12 38.84 8.35
C THR C 146 -1.59 39.07 8.62
N TYR C 147 -2.42 38.95 7.59
CA TYR C 147 -3.87 39.14 7.70
CA TYR C 147 -3.86 39.03 7.79
C TYR C 147 -4.64 38.13 6.84
N TYR C 148 -5.87 37.88 7.24
CA TYR C 148 -6.82 36.97 6.62
C TYR C 148 -7.00 37.07 5.10
N ALA C 149 -6.73 38.24 4.54
CA ALA C 149 -6.86 38.48 3.09
C ALA C 149 -5.94 37.60 2.24
N SER C 150 -4.96 36.98 2.88
CA SER C 150 -4.06 36.04 2.20
C SER C 150 -4.81 34.79 1.74
N GLU C 151 -5.80 34.36 2.53
CA GLU C 151 -6.54 33.15 2.26
C GLU C 151 -7.88 33.44 1.59
N LYS C 152 -8.54 34.52 2.00
CA LYS C 152 -9.86 34.86 1.47
C LYS C 152 -9.85 36.25 0.84
N VAL C 153 -10.70 36.46 -0.15
CA VAL C 153 -10.72 37.73 -0.85
C VAL C 153 -11.31 38.85 -0.01
N VAL C 154 -10.46 39.79 0.36
CA VAL C 154 -10.90 41.01 1.04
C VAL C 154 -10.64 42.16 0.07
N PRO C 155 -11.72 42.72 -0.49
CA PRO C 155 -11.61 43.73 -1.53
C PRO C 155 -10.92 44.98 -1.03
N LYS C 156 -10.11 45.59 -1.90
CA LYS C 156 -9.36 46.80 -1.60
C LYS C 156 -8.08 46.50 -0.81
N TYR C 157 -7.80 45.22 -0.64
CA TYR C 157 -6.52 44.79 -0.06
C TYR C 157 -5.49 44.53 -1.14
N ASN C 158 -5.99 44.22 -2.33
CA ASN C 158 -5.18 44.07 -3.52
C ASN C 158 -3.87 43.32 -3.29
N VAL C 159 -2.76 43.88 -3.75
CA VAL C 159 -1.47 43.20 -3.74
C VAL C 159 -0.93 42.82 -2.35
N MET C 160 -1.36 43.54 -1.31
CA MET C 160 -0.94 43.20 0.04
C MET C 160 -1.37 41.77 0.40
N ALA C 161 -2.55 41.36 -0.08
CA ALA C 161 -3.09 40.03 0.18
C ALA C 161 -2.17 38.99 -0.42
N ILE C 162 -1.70 39.29 -1.62
CA ILE C 162 -0.80 38.43 -2.36
C ILE C 162 0.53 38.36 -1.63
N ALA C 163 1.04 39.52 -1.22
CA ALA C 163 2.28 39.60 -0.47
C ALA C 163 2.20 38.81 0.82
N LYS C 164 1.05 38.86 1.49
CA LYS C 164 0.85 38.13 2.72
C LYS C 164 0.83 36.63 2.50
N ALA C 165 0.27 36.23 1.35
CA ALA C 165 0.24 34.81 0.97
C ALA C 165 1.65 34.31 0.74
N ALA C 166 2.46 35.14 0.07
CA ALA C 166 3.87 34.84 -0.16
C ALA C 166 4.61 34.82 1.16
N LEU C 167 4.20 35.70 2.06
CA LEU C 167 4.85 35.80 3.37
C LEU C 167 4.63 34.54 4.21
N GLU C 168 3.40 34.04 4.22
CA GLU C 168 3.04 32.89 5.03
C GLU C 168 3.70 31.61 4.53
N ALA C 169 3.83 31.49 3.21
CA ALA C 169 4.55 30.38 2.63
C ALA C 169 6.04 30.48 2.96
N SER C 170 6.56 31.71 3.00
CA SER C 170 7.95 31.95 3.40
C SER C 170 8.18 31.51 4.84
N VAL C 171 7.24 31.85 5.72
CA VAL C 171 7.29 31.41 7.10
C VAL C 171 7.42 29.90 7.21
N ARG C 172 6.67 29.16 6.40
CA ARG C 172 6.74 27.69 6.45
C ARG C 172 8.10 27.14 6.06
N TYR C 173 8.62 27.60 4.93
CA TYR C 173 9.91 27.16 4.43
C TYR C 173 11.05 27.58 5.34
N LEU C 174 10.97 28.80 5.88
CA LEU C 174 11.98 29.27 6.82
C LEU C 174 11.96 28.48 8.12
N ALA C 175 10.77 28.05 8.53
CA ALA C 175 10.63 27.25 9.75
C ALA C 175 11.29 25.89 9.56
N TYR C 176 11.18 25.35 8.35
CA TYR C 176 11.82 24.09 8.01
C TYR C 176 13.34 24.25 7.95
N GLU C 177 13.82 25.32 7.34
CA GLU C 177 15.26 25.48 7.12
C GLU C 177 16.00 25.95 8.37
N LEU C 178 15.34 26.74 9.22
CA LEU C 178 15.99 27.27 10.42
C LEU C 178 15.71 26.44 11.65
N GLY C 179 14.84 25.44 11.52
CA GLY C 179 14.43 24.61 12.64
C GLY C 179 15.52 23.76 13.30
N PRO C 180 16.34 23.06 12.49
CA PRO C 180 17.41 22.22 13.05
C PRO C 180 18.36 22.93 14.01
N LYS C 181 18.59 24.22 13.79
CA LYS C 181 19.45 25.00 14.69
C LYS C 181 18.68 25.64 15.84
N GLY C 182 17.46 25.17 16.10
CA GLY C 182 16.69 25.59 17.26
C GLY C 182 15.97 26.91 17.11
N VAL C 183 15.74 27.33 15.87
CA VAL C 183 15.05 28.59 15.60
C VAL C 183 13.64 28.36 15.06
N ARG C 184 12.66 29.01 15.70
CA ARG C 184 11.27 28.87 15.29
C ARG C 184 10.82 30.08 14.48
N VAL C 185 9.91 29.85 13.52
CA VAL C 185 9.39 30.92 12.68
C VAL C 185 7.88 30.79 12.63
N ASN C 186 7.17 31.88 12.93
CA ASN C 186 5.72 31.87 13.02
C ASN C 186 5.13 33.17 12.52
N ALA C 187 3.85 33.15 12.19
CA ALA C 187 3.16 34.34 11.74
C ALA C 187 1.96 34.61 12.62
N ILE C 188 1.71 35.88 12.92
CA ILE C 188 0.51 36.28 13.64
C ILE C 188 -0.48 36.88 12.66
N SER C 189 -1.65 36.27 12.54
CA SER C 189 -2.69 36.83 11.68
C SER C 189 -3.63 37.70 12.50
N ALA C 190 -3.39 39.00 12.48
CA ALA C 190 -4.12 39.90 13.35
C ALA C 190 -5.37 40.42 12.65
N GLY C 191 -6.45 40.56 13.42
CA GLY C 191 -7.64 41.26 12.93
C GLY C 191 -7.33 42.74 12.86
N PRO C 192 -8.26 43.53 12.29
CA PRO C 192 -8.01 44.97 12.13
C PRO C 192 -7.90 45.71 13.46
N VAL C 193 -7.00 46.69 13.50
CA VAL C 193 -6.72 47.44 14.73
C VAL C 193 -6.74 48.95 14.47
N TYR C 208 -13.66 47.59 10.00
CA TYR C 208 -13.61 47.62 11.46
C TYR C 208 -15.00 47.61 12.06
N ASP C 209 -15.96 48.14 11.30
CA ASP C 209 -17.34 48.19 11.76
C ASP C 209 -18.01 46.82 11.63
N ARG C 210 -17.78 46.16 10.49
CA ARG C 210 -18.41 44.88 10.21
C ARG C 210 -17.77 43.73 10.98
N VAL C 211 -16.52 43.88 11.38
CA VAL C 211 -15.83 42.86 12.14
C VAL C 211 -16.48 42.68 13.51
N ALA C 212 -16.66 43.79 14.21
CA ALA C 212 -17.27 43.78 15.53
C ALA C 212 -18.67 43.19 15.56
N GLN C 213 -19.40 43.29 14.45
CA GLN C 213 -20.73 42.70 14.35
C GLN C 213 -20.69 41.19 14.04
N THR C 214 -19.67 40.76 13.33
CA THR C 214 -19.62 39.39 12.80
C THR C 214 -18.82 38.44 13.70
N ALA C 215 -17.76 38.98 14.31
CA ALA C 215 -16.85 38.19 15.14
C ALA C 215 -17.55 37.58 16.36
N PRO C 216 -17.22 36.31 16.65
CA PRO C 216 -17.72 35.59 17.83
C PRO C 216 -17.66 36.39 19.12
N LEU C 217 -16.62 37.19 19.30
CA LEU C 217 -16.45 37.96 20.53
C LEU C 217 -17.24 39.27 20.51
N ARG C 218 -17.73 39.62 19.32
CA ARG C 218 -18.56 40.83 19.12
C ARG C 218 -17.80 42.12 19.41
N ARG C 219 -16.50 42.10 19.13
CA ARG C 219 -15.65 43.28 19.27
C ARG C 219 -14.41 43.10 18.42
N ASN C 220 -13.68 44.18 18.21
CA ASN C 220 -12.38 44.13 17.58
C ASN C 220 -11.31 43.78 18.59
N ILE C 221 -10.19 43.28 18.11
CA ILE C 221 -9.05 42.99 18.99
C ILE C 221 -8.28 44.27 19.28
N THR C 222 -7.45 44.23 20.31
CA THR C 222 -6.61 45.36 20.67
C THR C 222 -5.15 45.12 20.27
N GLN C 223 -4.36 46.18 20.27
CA GLN C 223 -2.94 46.09 20.01
C GLN C 223 -2.26 45.17 21.04
N GLU C 224 -2.69 45.29 22.29
CA GLU C 224 -2.11 44.52 23.39
C GLU C 224 -2.31 43.01 23.19
N GLU C 225 -3.47 42.64 22.64
CA GLU C 225 -3.77 41.24 22.34
C GLU C 225 -2.83 40.63 21.30
N VAL C 226 -2.49 41.41 20.28
CA VAL C 226 -1.46 41.00 19.33
C VAL C 226 -0.11 40.94 20.02
N GLY C 227 0.18 41.94 20.85
CA GLY C 227 1.43 41.99 21.61
C GLY C 227 1.64 40.74 22.45
N ASN C 228 0.59 40.32 23.15
CA ASN C 228 0.64 39.14 24.01
C ASN C 228 0.93 37.85 23.26
N LEU C 229 0.36 37.71 22.07
CA LEU C 229 0.62 36.54 21.24
C LEU C 229 2.04 36.55 20.73
N GLY C 230 2.51 37.71 20.30
CA GLY C 230 3.88 37.87 19.84
C GLY C 230 4.84 37.46 20.93
N LEU C 231 4.60 37.96 22.14
CA LEU C 231 5.39 37.62 23.30
C LEU C 231 5.39 36.11 23.51
N PHE C 232 4.20 35.52 23.53
CA PHE C 232 4.05 34.10 23.78
C PHE C 232 4.86 33.28 22.77
N LEU C 233 4.70 33.59 21.49
CA LEU C 233 5.31 32.81 20.42
C LEU C 233 6.83 32.84 20.49
N LEU C 234 7.37 33.96 20.92
CA LEU C 234 8.82 34.11 21.02
C LEU C 234 9.35 33.50 22.31
N SER C 235 8.50 33.44 23.34
CA SER C 235 8.91 32.94 24.65
C SER C 235 9.11 31.43 24.66
N PRO C 236 9.83 30.89 25.67
CA PRO C 236 10.01 29.45 25.77
C PRO C 236 8.71 28.69 25.99
N LEU C 237 7.63 29.39 26.32
CA LEU C 237 6.33 28.77 26.52
C LEU C 237 5.79 28.17 25.22
N ALA C 238 6.28 28.69 24.09
CA ALA C 238 5.85 28.20 22.79
C ALA C 238 6.92 27.36 22.09
N SER C 239 7.78 26.72 22.86
CA SER C 239 8.96 26.03 22.29
C SER C 239 8.63 24.87 21.35
N GLY C 240 7.37 24.43 21.35
CA GLY C 240 6.93 23.38 20.44
C GLY C 240 6.25 23.89 19.17
N ILE C 241 6.07 25.20 19.08
CA ILE C 241 5.28 25.80 18.01
C ILE C 241 6.13 26.48 16.95
N THR C 242 6.04 26.00 15.70
CA THR C 242 6.79 26.62 14.59
C THR C 242 6.11 26.37 13.25
N GLY C 243 6.33 27.28 12.30
CA GLY C 243 5.70 27.21 10.98
C GLY C 243 4.22 27.56 10.97
N GLU C 244 3.73 28.08 12.10
CA GLU C 244 2.32 28.34 12.29
C GLU C 244 1.87 29.74 11.89
N VAL C 245 0.61 29.82 11.46
CA VAL C 245 -0.07 31.12 11.35
C VAL C 245 -1.17 31.13 12.41
N VAL C 246 -0.98 31.94 13.45
CA VAL C 246 -1.94 31.99 14.56
C VAL C 246 -2.82 33.23 14.47
N TYR C 247 -4.13 33.04 14.58
CA TYR C 247 -5.11 34.14 14.44
C TYR C 247 -5.43 34.81 15.77
N VAL C 248 -5.29 36.14 15.80
CA VAL C 248 -5.81 36.96 16.88
C VAL C 248 -6.79 37.90 16.21
N ASP C 249 -8.03 37.46 16.06
CA ASP C 249 -8.99 38.25 15.32
C ASP C 249 -10.37 38.19 15.95
N ALA C 250 -10.42 37.79 17.23
CA ALA C 250 -11.67 37.66 17.99
C ALA C 250 -12.57 36.60 17.38
N GLY C 251 -11.96 35.65 16.65
CA GLY C 251 -12.67 34.57 16.00
C GLY C 251 -13.23 34.89 14.62
N TYR C 252 -13.06 36.13 14.17
CA TYR C 252 -13.70 36.60 12.94
C TYR C 252 -13.57 35.68 11.72
N HIS C 253 -12.37 35.14 11.50
CA HIS C 253 -12.09 34.41 10.27
C HIS C 253 -12.75 33.04 10.18
N ILE C 254 -13.23 32.52 11.30
CA ILE C 254 -13.95 31.25 11.30
C ILE C 254 -15.39 31.39 10.77
N MET C 255 -15.86 32.63 10.62
CA MET C 255 -17.24 32.88 10.18
C MET C 255 -17.42 32.73 8.67
N GLY C 256 -18.51 32.08 8.28
CA GLY C 256 -18.83 31.87 6.86
C GLY C 256 -19.77 32.92 6.30
N MET C 257 -20.30 33.77 7.17
CA MET C 257 -21.20 34.81 6.73
C MET C 257 -20.79 36.12 7.37
N GLU C 258 -21.25 37.22 6.80
CA GLU C 258 -21.26 38.48 7.50
C GLU C 258 -22.55 38.49 8.33
N LEU C 259 -22.43 38.80 9.62
CA LEU C 259 -23.60 38.94 10.48
C LEU C 259 -23.99 40.41 10.58
N MET D 1 -25.09 9.65 -24.41
CA MET D 1 -23.73 10.23 -24.20
C MET D 1 -23.74 11.77 -24.20
N LEU D 2 -23.01 12.34 -23.25
CA LEU D 2 -22.87 13.80 -23.18
C LEU D 2 -21.69 14.22 -24.04
N THR D 3 -21.85 15.36 -24.70
CA THR D 3 -20.81 15.88 -25.57
C THR D 3 -20.33 17.23 -25.05
N VAL D 4 -19.02 17.45 -25.08
CA VAL D 4 -18.45 18.76 -24.80
C VAL D 4 -18.14 19.43 -26.14
N ASP D 5 -18.97 20.38 -26.53
CA ASP D 5 -18.81 21.06 -27.82
C ASP D 5 -18.32 22.50 -27.69
N LEU D 6 -17.06 22.72 -28.10
CA LEU D 6 -16.43 24.04 -28.01
C LEU D 6 -16.17 24.65 -29.39
N SER D 7 -16.95 24.23 -30.38
CA SER D 7 -16.90 24.81 -31.71
C SER D 7 -17.14 26.31 -31.63
N GLY D 8 -16.28 27.08 -32.29
CA GLY D 8 -16.44 28.52 -32.34
C GLY D 8 -15.87 29.26 -31.15
N LYS D 9 -15.31 28.50 -30.20
CA LYS D 9 -14.65 29.10 -29.04
C LYS D 9 -13.19 29.39 -29.38
N LYS D 10 -12.64 30.43 -28.75
CA LYS D 10 -11.28 30.87 -29.01
C LYS D 10 -10.40 30.72 -27.78
N ALA D 11 -9.23 30.11 -27.96
CA ALA D 11 -8.37 29.75 -26.84
C ALA D 11 -6.92 30.18 -27.04
N LEU D 12 -6.35 30.81 -26.02
CA LEU D 12 -4.94 31.16 -26.03
C LEU D 12 -4.21 30.43 -24.91
N VAL D 13 -3.30 29.54 -25.29
CA VAL D 13 -2.51 28.80 -24.33
C VAL D 13 -1.10 29.36 -24.29
N MET D 14 -0.73 29.94 -23.17
CA MET D 14 0.60 30.51 -23.02
C MET D 14 1.46 29.57 -22.18
N GLY D 15 2.65 29.27 -22.67
CA GLY D 15 3.57 28.39 -21.95
C GLY D 15 3.68 27.02 -22.58
N VAL D 16 4.30 26.97 -23.75
CA VAL D 16 4.44 25.71 -24.48
C VAL D 16 5.91 25.53 -24.94
N THR D 17 6.48 24.36 -24.63
CA THR D 17 7.84 24.08 -25.10
C THR D 17 7.98 22.71 -25.74
N ASN D 18 7.38 21.70 -25.12
CA ASN D 18 7.39 20.34 -25.69
C ASN D 18 6.00 19.73 -25.70
N GLN D 19 5.86 18.57 -26.32
CA GLN D 19 4.59 17.84 -26.35
C GLN D 19 4.24 17.26 -24.98
N ARG D 20 5.20 17.30 -24.06
CA ARG D 20 4.99 16.81 -22.71
C ARG D 20 4.61 17.94 -21.74
N SER D 21 4.46 19.15 -22.26
CA SER D 21 4.00 20.29 -21.45
C SER D 21 2.55 20.15 -21.04
N LEU D 22 2.25 20.48 -19.79
CA LEU D 22 0.89 20.48 -19.31
C LEU D 22 0.01 21.45 -20.10
N GLY D 23 0.61 22.56 -20.53
CA GLY D 23 -0.08 23.53 -21.38
C GLY D 23 -0.53 22.91 -22.69
N PHE D 24 0.33 22.14 -23.33
CA PHE D 24 -0.04 21.44 -24.56
C PHE D 24 -1.21 20.46 -24.34
N ALA D 25 -1.16 19.74 -23.21
CA ALA D 25 -2.19 18.75 -22.87
C ALA D 25 -3.59 19.37 -22.84
N ILE D 26 -3.71 20.53 -22.19
CA ILE D 26 -4.95 21.29 -22.17
C ILE D 26 -5.32 21.74 -23.59
N ALA D 27 -4.33 22.22 -24.33
CA ALA D 27 -4.55 22.62 -25.72
C ALA D 27 -5.05 21.45 -26.60
N ALA D 28 -4.43 20.29 -26.46
CA ALA D 28 -4.84 19.12 -27.22
C ALA D 28 -6.32 18.81 -27.00
N LYS D 29 -6.75 18.83 -25.75
CA LYS D 29 -8.15 18.56 -25.38
C LYS D 29 -9.09 19.66 -25.85
N LEU D 30 -8.63 20.89 -25.80
CA LEU D 30 -9.41 22.02 -26.28
C LEU D 30 -9.64 21.93 -27.79
N LYS D 31 -8.61 21.54 -28.53
CA LYS D 31 -8.73 21.38 -29.99
C LYS D 31 -9.61 20.19 -30.30
N GLU D 32 -9.48 19.14 -29.49
CA GLU D 32 -10.26 17.93 -29.65
C GLU D 32 -11.73 18.22 -29.45
N ALA D 33 -12.03 19.17 -28.57
CA ALA D 33 -13.42 19.52 -28.26
C ALA D 33 -14.02 20.50 -29.26
N GLY D 34 -13.19 20.97 -30.20
CA GLY D 34 -13.66 21.84 -31.29
C GLY D 34 -13.26 23.31 -31.23
N ALA D 35 -12.44 23.67 -30.25
CA ALA D 35 -11.99 25.06 -30.12
C ALA D 35 -10.93 25.44 -31.15
N GLU D 36 -10.85 26.73 -31.46
CA GLU D 36 -9.71 27.27 -32.16
C GLU D 36 -8.65 27.64 -31.13
N VAL D 37 -7.48 27.02 -31.19
CA VAL D 37 -6.44 27.33 -30.24
C VAL D 37 -5.23 28.04 -30.83
N ALA D 38 -4.76 29.05 -30.12
CA ALA D 38 -3.52 29.72 -30.43
C ALA D 38 -2.53 29.41 -29.32
N LEU D 39 -1.26 29.30 -29.69
CA LEU D 39 -0.20 29.04 -28.72
C LEU D 39 0.76 30.22 -28.69
N SER D 40 1.38 30.47 -27.54
CA SER D 40 2.43 31.46 -27.46
C SER D 40 3.71 30.88 -26.86
N TYR D 41 4.82 31.07 -27.56
CA TYR D 41 6.13 30.56 -27.15
C TYR D 41 6.98 31.71 -26.59
N GLN D 42 7.96 31.36 -25.76
CA GLN D 42 8.77 32.38 -25.08
C GLN D 42 9.74 33.12 -26.01
N ALA D 43 10.60 32.37 -26.69
CA ALA D 43 11.64 32.95 -27.53
C ALA D 43 11.87 32.18 -28.83
N GLU D 44 12.70 32.76 -29.70
CA GLU D 44 12.92 32.26 -31.05
C GLU D 44 13.54 30.86 -31.10
N ARG D 45 14.20 30.43 -30.02
CA ARG D 45 14.76 29.10 -29.94
C ARG D 45 13.71 28.00 -30.13
N LEU D 46 12.49 28.26 -29.66
CA LEU D 46 11.45 27.22 -29.57
C LEU D 46 10.41 27.25 -30.69
N ARG D 47 10.51 28.24 -31.58
CA ARG D 47 9.64 28.34 -32.74
C ARG D 47 9.52 27.01 -33.51
N PRO D 48 10.66 26.38 -33.84
CA PRO D 48 10.60 25.07 -34.52
C PRO D 48 9.77 24.04 -33.78
N GLU D 49 9.99 23.88 -32.47
CA GLU D 49 9.20 22.95 -31.69
C GLU D 49 7.74 23.39 -31.61
N ALA D 50 7.54 24.70 -31.46
CA ALA D 50 6.19 25.29 -31.44
C ALA D 50 5.40 24.95 -32.70
N GLU D 51 6.07 24.99 -33.85
CA GLU D 51 5.45 24.67 -35.13
C GLU D 51 5.09 23.18 -35.21
N LYS D 52 5.91 22.33 -34.58
CA LYS D 52 5.65 20.89 -34.52
C LYS D 52 4.41 20.60 -33.68
N LEU D 53 4.23 21.36 -32.61
CA LEU D 53 3.05 21.23 -31.76
C LEU D 53 1.79 21.70 -32.46
N ALA D 54 1.91 22.80 -33.21
CA ALA D 54 0.82 23.31 -34.03
C ALA D 54 0.38 22.23 -35.01
N GLU D 55 1.35 21.52 -35.57
CA GLU D 55 1.06 20.43 -36.50
C GLU D 55 0.32 19.29 -35.82
N ALA D 56 0.74 18.95 -34.60
CA ALA D 56 0.10 17.87 -33.84
C ALA D 56 -1.33 18.23 -33.48
N LEU D 57 -1.60 19.52 -33.29
CA LEU D 57 -2.95 20.01 -33.06
C LEU D 57 -3.74 20.14 -34.36
N GLY D 58 -3.17 19.65 -35.45
CA GLY D 58 -3.79 19.77 -36.78
C GLY D 58 -3.83 21.21 -37.25
N GLY D 59 -2.81 21.98 -36.88
CA GLY D 59 -2.74 23.40 -37.23
C GLY D 59 -3.07 24.28 -36.03
N ALA D 60 -2.23 25.28 -35.77
CA ALA D 60 -2.48 26.24 -34.70
C ALA D 60 -1.73 27.55 -34.94
N LEU D 61 -2.33 28.65 -34.50
CA LEU D 61 -1.75 29.97 -34.64
C LEU D 61 -0.66 30.17 -33.59
N LEU D 62 0.44 30.79 -33.99
CA LEU D 62 1.58 30.97 -33.09
C LEU D 62 1.93 32.43 -32.82
N PHE D 63 2.30 32.71 -31.58
CA PHE D 63 2.88 33.99 -31.21
C PHE D 63 4.12 33.80 -30.34
N ARG D 64 5.03 34.76 -30.39
CA ARG D 64 6.13 34.82 -29.45
C ARG D 64 5.84 35.91 -28.43
N ALA D 65 5.94 35.56 -27.16
CA ALA D 65 5.73 36.52 -26.10
C ALA D 65 6.54 36.13 -24.88
N ASP D 66 7.35 37.07 -24.40
CA ASP D 66 8.04 36.93 -23.13
C ASP D 66 7.26 37.73 -22.10
N VAL D 67 6.88 37.07 -21.01
CA VAL D 67 5.96 37.66 -20.06
C VAL D 67 6.60 38.75 -19.20
N THR D 68 7.92 38.85 -19.24
CA THR D 68 8.61 39.92 -18.53
C THR D 68 8.56 41.23 -19.32
N GLN D 69 8.21 41.15 -20.60
CA GLN D 69 8.22 42.32 -21.51
C GLN D 69 6.82 42.84 -21.81
N ASP D 70 6.42 43.91 -21.14
CA ASP D 70 5.06 44.46 -21.32
C ASP D 70 4.75 44.76 -22.79
N GLU D 71 5.74 45.29 -23.51
CA GLU D 71 5.59 45.55 -24.95
C GLU D 71 5.16 44.30 -25.72
N GLU D 72 5.87 43.19 -25.50
CA GLU D 72 5.54 41.92 -26.17
C GLU D 72 4.13 41.42 -25.82
N LEU D 73 3.73 41.55 -24.55
CA LEU D 73 2.38 41.17 -24.15
C LEU D 73 1.32 42.03 -24.85
N ASP D 74 1.61 43.32 -24.96
CA ASP D 74 0.74 44.23 -25.69
C ASP D 74 0.53 43.76 -27.12
N ALA D 75 1.62 43.29 -27.72
CA ALA D 75 1.62 42.82 -29.10
C ALA D 75 0.83 41.52 -29.23
N LEU D 76 0.93 40.66 -28.21
CA LEU D 76 0.27 39.38 -28.22
C LEU D 76 -1.24 39.51 -28.26
N PHE D 77 -1.80 40.31 -27.35
CA PHE D 77 -3.24 40.46 -27.27
C PHE D 77 -3.79 41.42 -28.32
N ALA D 78 -2.88 42.08 -29.05
CA ALA D 78 -3.29 42.81 -30.26
C ALA D 78 -3.39 41.83 -31.41
N GLY D 79 -2.44 40.90 -31.48
CA GLY D 79 -2.47 39.84 -32.47
C GLY D 79 -3.65 38.91 -32.28
N VAL D 80 -3.99 38.64 -31.02
CA VAL D 80 -5.14 37.80 -30.68
C VAL D 80 -6.44 38.50 -31.09
N LYS D 81 -6.53 39.79 -30.78
CA LYS D 81 -7.70 40.60 -31.14
C LYS D 81 -7.91 40.63 -32.65
N GLU D 82 -6.84 40.80 -33.40
CA GLU D 82 -6.91 40.82 -34.85
C GLU D 82 -7.29 39.44 -35.41
N ALA D 83 -6.70 38.40 -34.82
CA ALA D 83 -6.85 37.02 -35.32
C ALA D 83 -8.12 36.32 -34.85
N PHE D 84 -8.63 36.67 -33.67
CA PHE D 84 -9.79 36.00 -33.11
C PHE D 84 -11.03 36.89 -32.94
N GLY D 85 -10.83 38.21 -32.87
CA GLY D 85 -11.93 39.13 -32.62
C GLY D 85 -12.26 39.24 -31.14
N GLY D 86 -12.53 38.10 -30.52
CA GLY D 86 -12.73 38.00 -29.08
C GLY D 86 -11.93 36.84 -28.51
N LEU D 87 -12.09 36.58 -27.22
CA LEU D 87 -11.41 35.45 -26.59
C LEU D 87 -12.34 34.75 -25.62
N ASP D 88 -12.27 33.42 -25.57
CA ASP D 88 -13.04 32.66 -24.60
C ASP D 88 -12.17 32.11 -23.50
N TYR D 89 -11.12 31.40 -23.87
CA TYR D 89 -10.29 30.72 -22.88
C TYR D 89 -8.84 31.20 -22.91
N LEU D 90 -8.26 31.37 -21.73
CA LEU D 90 -6.85 31.68 -21.60
C LEU D 90 -6.21 30.66 -20.68
N VAL D 91 -5.27 29.88 -21.22
CA VAL D 91 -4.52 28.95 -20.39
C VAL D 91 -3.19 29.57 -20.01
N HIS D 92 -2.99 29.71 -18.69
CA HIS D 92 -1.74 30.22 -18.16
C HIS D 92 -0.87 29.07 -17.65
N ALA D 93 0.08 28.65 -18.47
CA ALA D 93 0.94 27.51 -18.12
C ALA D 93 2.40 27.95 -18.11
N ILE D 94 2.68 29.05 -17.41
CA ILE D 94 4.02 29.62 -17.36
C ILE D 94 4.57 29.63 -15.94
N ALA D 95 5.79 29.14 -15.78
CA ALA D 95 6.49 29.17 -14.51
C ALA D 95 7.98 29.19 -14.75
N PHE D 96 8.72 29.87 -13.87
CA PHE D 96 10.16 29.92 -13.96
C PHE D 96 10.77 30.42 -12.66
N ALA D 97 11.85 29.77 -12.25
CA ALA D 97 12.72 30.31 -11.22
C ALA D 97 14.14 30.03 -11.66
N PRO D 98 15.04 31.02 -11.48
CA PRO D 98 16.43 30.84 -11.86
C PRO D 98 17.00 29.58 -11.23
N ARG D 99 17.82 28.85 -11.97
CA ARG D 99 18.40 27.61 -11.48
C ARG D 99 19.15 27.83 -10.16
N GLU D 100 19.83 28.97 -10.03
CA GLU D 100 20.57 29.33 -8.81
C GLU D 100 19.70 29.38 -7.56
N ALA D 101 18.40 29.58 -7.75
CA ALA D 101 17.46 29.69 -6.63
C ALA D 101 16.79 28.36 -6.34
N MET D 102 16.73 27.50 -7.34
CA MET D 102 16.08 26.20 -7.18
C MET D 102 16.99 25.15 -6.53
N GLU D 103 18.26 25.50 -6.35
CA GLU D 103 19.15 24.65 -5.59
C GLU D 103 19.41 25.29 -4.22
N GLY D 104 19.85 24.47 -3.26
CA GLY D 104 20.15 24.97 -1.93
C GLY D 104 18.91 25.31 -1.13
N ARG D 105 19.03 26.32 -0.27
CA ARG D 105 17.94 26.68 0.64
C ARG D 105 17.21 27.94 0.25
N TYR D 106 15.92 27.95 0.54
CA TYR D 106 15.06 29.09 0.23
C TYR D 106 15.59 30.35 0.92
N ILE D 107 16.10 30.19 2.12
CA ILE D 107 16.60 31.32 2.89
C ILE D 107 17.81 31.99 2.23
N ASP D 108 18.49 31.26 1.35
CA ASP D 108 19.67 31.79 0.66
C ASP D 108 19.31 32.45 -0.68
N THR D 109 18.03 32.47 -1.01
CA THR D 109 17.57 33.00 -2.30
C THR D 109 18.02 34.45 -2.50
N ARG D 110 18.60 34.72 -3.66
CA ARG D 110 19.11 36.05 -3.97
C ARG D 110 17.98 36.99 -4.42
N ARG D 111 18.10 38.25 -4.03
CA ARG D 111 17.08 39.28 -4.28
C ARG D 111 16.56 39.24 -5.72
N GLN D 112 17.46 39.35 -6.69
CA GLN D 112 17.06 39.45 -8.09
C GLN D 112 16.43 38.16 -8.63
N ASP D 113 16.83 37.02 -8.06
CA ASP D 113 16.27 35.73 -8.45
C ASP D 113 14.87 35.55 -7.88
N TRP D 114 14.71 35.86 -6.60
CA TRP D 114 13.42 35.78 -5.92
C TRP D 114 12.35 36.59 -6.67
N LEU D 115 12.69 37.82 -7.05
CA LEU D 115 11.75 38.70 -7.74
C LEU D 115 11.48 38.20 -9.15
N LEU D 116 12.53 37.73 -9.83
CA LEU D 116 12.34 37.21 -11.18
C LEU D 116 11.35 36.06 -11.14
N ALA D 117 11.49 35.21 -10.12
CA ALA D 117 10.66 34.03 -9.99
C ALA D 117 9.22 34.43 -9.71
N LEU D 118 9.04 35.47 -8.90
CA LEU D 118 7.69 35.94 -8.61
C LEU D 118 7.08 36.72 -9.76
N GLU D 119 7.94 37.37 -10.55
CA GLU D 119 7.51 38.12 -11.70
C GLU D 119 6.93 37.22 -12.78
N VAL D 120 7.68 36.18 -13.13
CA VAL D 120 7.32 35.30 -14.23
C VAL D 120 6.19 34.37 -13.83
N SER D 121 6.28 33.83 -12.62
CA SER D 121 5.39 32.75 -12.18
C SER D 121 4.09 33.26 -11.55
N ALA D 122 4.06 34.52 -11.13
CA ALA D 122 2.88 35.02 -10.42
C ALA D 122 2.32 36.29 -11.03
N TYR D 123 3.15 37.32 -11.16
CA TYR D 123 2.68 38.57 -11.75
C TYR D 123 2.17 38.40 -13.18
N SER D 124 2.76 37.48 -13.92
CA SER D 124 2.39 37.27 -15.32
C SER D 124 0.92 36.93 -15.48
N LEU D 125 0.32 36.32 -14.46
CA LEU D 125 -1.12 36.05 -14.50
C LEU D 125 -1.90 37.36 -14.47
N VAL D 126 -1.50 38.30 -13.62
CA VAL D 126 -2.17 39.58 -13.53
C VAL D 126 -2.02 40.34 -14.84
N ALA D 127 -0.80 40.29 -15.36
CA ALA D 127 -0.45 40.96 -16.61
C ALA D 127 -1.33 40.50 -17.75
N VAL D 128 -1.49 39.18 -17.89
CA VAL D 128 -2.23 38.64 -19.03
C VAL D 128 -3.75 38.72 -18.85
N ALA D 129 -4.20 38.70 -17.59
CA ALA D 129 -5.61 38.81 -17.28
C ALA D 129 -6.14 40.21 -17.58
N ARG D 130 -5.29 41.22 -17.37
CA ARG D 130 -5.67 42.61 -17.62
C ARG D 130 -5.83 42.86 -19.12
N ARG D 131 -4.96 42.23 -19.90
CA ARG D 131 -4.95 42.41 -21.33
C ARG D 131 -6.02 41.58 -22.01
N ALA D 132 -6.46 40.51 -21.34
CA ALA D 132 -7.47 39.62 -21.89
C ALA D 132 -8.86 40.09 -21.50
N GLU D 133 -8.95 40.82 -20.40
CA GLU D 133 -10.24 41.24 -19.87
C GLU D 133 -11.20 41.84 -20.92
N PRO D 134 -10.75 42.83 -21.72
CA PRO D 134 -11.66 43.44 -22.68
C PRO D 134 -11.98 42.53 -23.88
N LEU D 135 -11.22 41.44 -24.02
CA LEU D 135 -11.41 40.47 -25.11
C LEU D 135 -12.30 39.31 -24.73
N LEU D 136 -12.37 39.02 -23.43
CA LEU D 136 -13.05 37.83 -22.93
C LEU D 136 -14.57 37.95 -22.97
N ARG D 137 -15.24 36.94 -23.52
CA ARG D 137 -16.69 36.94 -23.62
C ARG D 137 -17.36 36.32 -22.39
N GLU D 138 -18.67 36.44 -22.30
CA GLU D 138 -19.44 35.77 -21.26
C GLU D 138 -19.21 34.27 -21.29
N GLY D 139 -19.08 33.66 -20.10
CA GLY D 139 -18.73 32.25 -20.00
C GLY D 139 -17.26 31.99 -20.22
N GLY D 140 -16.50 33.06 -20.47
CA GLY D 140 -15.06 32.96 -20.68
C GLY D 140 -14.34 32.50 -19.43
N GLY D 141 -13.06 32.16 -19.58
CA GLY D 141 -12.31 31.63 -18.46
C GLY D 141 -10.80 31.68 -18.56
N ILE D 142 -10.17 31.89 -17.40
CA ILE D 142 -8.72 31.77 -17.28
C ILE D 142 -8.38 30.62 -16.33
N VAL D 143 -7.44 29.77 -16.74
CA VAL D 143 -6.98 28.71 -15.88
C VAL D 143 -5.46 28.73 -15.79
N THR D 144 -4.93 28.60 -14.57
CA THR D 144 -3.48 28.56 -14.38
C THR D 144 -3.08 27.23 -13.74
N LEU D 145 -1.79 27.02 -13.59
CA LEU D 145 -1.28 25.76 -13.04
C LEU D 145 -0.39 25.99 -11.84
N THR D 146 -0.63 25.21 -10.79
CA THR D 146 0.09 25.36 -9.54
C THR D 146 0.44 24.00 -8.95
N TYR D 147 0.98 24.00 -7.74
CA TYR D 147 1.44 22.77 -7.08
C TYR D 147 1.32 22.89 -5.57
N TYR D 148 1.13 21.73 -4.91
CA TYR D 148 0.93 21.59 -3.47
C TYR D 148 1.89 22.38 -2.58
N ALA D 149 3.12 22.56 -3.05
CA ALA D 149 4.17 23.20 -2.24
C ALA D 149 3.80 24.61 -1.75
N SER D 150 2.77 25.19 -2.35
CA SER D 150 2.26 26.49 -1.93
C SER D 150 1.68 26.45 -0.51
N GLU D 151 1.17 25.28 -0.12
CA GLU D 151 0.51 25.14 1.16
C GLU D 151 1.36 24.39 2.17
N LYS D 152 2.13 23.42 1.69
CA LYS D 152 2.99 22.62 2.57
C LYS D 152 4.43 22.60 2.04
N VAL D 153 5.39 22.40 2.94
CA VAL D 153 6.81 22.44 2.57
C VAL D 153 7.26 21.21 1.79
N VAL D 154 7.57 21.43 0.52
CA VAL D 154 8.21 20.42 -0.29
C VAL D 154 9.63 20.92 -0.55
N PRO D 155 10.62 20.26 0.06
CA PRO D 155 12.02 20.69 -0.01
C PRO D 155 12.50 20.79 -1.45
N LYS D 156 13.33 21.79 -1.71
CA LYS D 156 13.93 22.02 -3.03
C LYS D 156 12.98 22.69 -4.05
N TYR D 157 11.70 22.84 -3.69
CA TYR D 157 10.79 23.61 -4.54
C TYR D 157 10.99 25.11 -4.28
N ASN D 158 11.60 25.40 -3.14
CA ASN D 158 12.02 26.75 -2.76
C ASN D 158 11.07 27.89 -3.16
N VAL D 159 11.63 28.90 -3.82
CA VAL D 159 10.89 30.11 -4.19
C VAL D 159 9.67 29.85 -5.06
N MET D 160 9.69 28.75 -5.81
CA MET D 160 8.55 28.41 -6.66
C MET D 160 7.30 28.14 -5.83
N ALA D 161 7.48 27.52 -4.66
CA ALA D 161 6.40 27.30 -3.71
C ALA D 161 5.76 28.62 -3.31
N ILE D 162 6.60 29.59 -3.02
CA ILE D 162 6.17 30.93 -2.66
C ILE D 162 5.48 31.59 -3.85
N ALA D 163 6.03 31.39 -5.05
CA ALA D 163 5.46 31.96 -6.24
C ALA D 163 4.05 31.43 -6.46
N LYS D 164 3.89 30.11 -6.29
CA LYS D 164 2.61 29.44 -6.41
C LYS D 164 1.64 29.94 -5.36
N ALA D 165 2.14 30.22 -4.15
CA ALA D 165 1.30 30.78 -3.10
C ALA D 165 0.75 32.12 -3.58
N ALA D 166 1.60 32.91 -4.23
CA ALA D 166 1.22 34.22 -4.74
C ALA D 166 0.31 34.07 -5.94
N LEU D 167 0.54 33.00 -6.71
CA LEU D 167 -0.29 32.70 -7.87
C LEU D 167 -1.71 32.39 -7.47
N GLU D 168 -1.87 31.52 -6.47
CA GLU D 168 -3.19 31.06 -6.05
C GLU D 168 -4.00 32.19 -5.41
N ALA D 169 -3.34 33.03 -4.63
CA ALA D 169 -4.00 34.18 -4.03
C ALA D 169 -4.47 35.13 -5.13
N SER D 170 -3.64 35.26 -6.17
CA SER D 170 -4.00 36.01 -7.37
C SER D 170 -5.26 35.46 -8.02
N VAL D 171 -5.33 34.13 -8.15
CA VAL D 171 -6.51 33.50 -8.75
C VAL D 171 -7.81 33.94 -8.09
N ARG D 172 -7.81 34.01 -6.76
CA ARG D 172 -9.01 34.33 -6.00
C ARG D 172 -9.44 35.79 -6.22
N TYR D 173 -8.47 36.69 -6.19
CA TYR D 173 -8.73 38.09 -6.39
C TYR D 173 -9.16 38.38 -7.83
N LEU D 174 -8.52 37.72 -8.79
CA LEU D 174 -8.90 37.88 -10.19
C LEU D 174 -10.29 37.30 -10.43
N ALA D 175 -10.64 36.26 -9.68
CA ALA D 175 -11.94 35.61 -9.82
C ALA D 175 -13.01 36.57 -9.35
N TYR D 176 -12.70 37.26 -8.27
CA TYR D 176 -13.60 38.25 -7.70
C TYR D 176 -13.78 39.44 -8.65
N GLU D 177 -12.71 39.84 -9.32
CA GLU D 177 -12.76 41.05 -10.14
C GLU D 177 -13.29 40.83 -11.57
N LEU D 178 -13.15 39.61 -12.08
CA LEU D 178 -13.61 39.30 -13.43
C LEU D 178 -14.95 38.58 -13.45
N GLY D 179 -15.37 38.09 -12.28
CA GLY D 179 -16.66 37.43 -12.13
C GLY D 179 -17.88 38.17 -12.66
N PRO D 180 -18.08 39.43 -12.25
CA PRO D 180 -19.21 40.24 -12.73
C PRO D 180 -19.38 40.20 -14.25
N LYS D 181 -18.28 40.27 -14.99
CA LYS D 181 -18.33 40.24 -16.46
C LYS D 181 -18.38 38.82 -17.04
N GLY D 182 -18.76 37.84 -16.22
CA GLY D 182 -18.98 36.46 -16.68
C GLY D 182 -17.72 35.65 -16.95
N VAL D 183 -16.62 36.02 -16.31
CA VAL D 183 -15.34 35.33 -16.50
C VAL D 183 -14.94 34.54 -15.25
N ARG D 184 -14.58 33.27 -15.46
CA ARG D 184 -14.16 32.41 -14.37
C ARG D 184 -12.63 32.30 -14.32
N VAL D 185 -12.09 32.24 -13.11
CA VAL D 185 -10.65 32.08 -12.93
C VAL D 185 -10.41 30.96 -11.92
N ASN D 186 -9.65 29.95 -12.33
CA ASN D 186 -9.35 28.80 -11.49
C ASN D 186 -7.91 28.35 -11.64
N ALA D 187 -7.46 27.48 -10.74
CA ALA D 187 -6.13 26.89 -10.86
C ALA D 187 -6.19 25.37 -10.83
N ILE D 188 -5.32 24.74 -11.60
CA ILE D 188 -5.15 23.29 -11.57
C ILE D 188 -3.91 22.99 -10.75
N SER D 189 -4.07 22.30 -9.64
CA SER D 189 -2.90 21.87 -8.88
C SER D 189 -2.49 20.47 -9.30
N ALA D 190 -1.58 20.38 -10.27
CA ALA D 190 -1.15 19.09 -10.79
C ALA D 190 -0.15 18.43 -9.87
N GLY D 191 -0.14 17.10 -9.87
CA GLY D 191 0.95 16.35 -9.26
C GLY D 191 2.11 16.32 -10.24
N PRO D 192 3.25 15.76 -9.82
CA PRO D 192 4.40 15.66 -10.71
C PRO D 192 4.15 14.81 -11.96
N VAL D 193 4.55 15.34 -13.11
CA VAL D 193 4.46 14.62 -14.37
C VAL D 193 5.83 14.59 -15.06
N GLY D 203 16.21 16.25 -7.78
CA GLY D 203 15.17 16.97 -7.04
C GLY D 203 13.76 16.52 -7.41
N PHE D 204 13.56 16.18 -8.68
CA PHE D 204 12.23 15.83 -9.19
C PHE D 204 11.83 14.37 -8.98
N THR D 205 12.71 13.45 -9.37
CA THR D 205 12.40 12.01 -9.33
C THR D 205 12.17 11.46 -7.92
N LYS D 206 12.79 12.08 -6.91
CA LYS D 206 12.58 11.71 -5.52
C LYS D 206 11.16 12.07 -5.07
N MET D 207 10.61 13.12 -5.66
CA MET D 207 9.22 13.52 -5.43
C MET D 207 8.28 12.67 -6.27
N TYR D 208 8.70 12.33 -7.48
CA TYR D 208 7.90 11.56 -8.41
C TYR D 208 7.71 10.11 -7.97
N ASP D 209 8.77 9.51 -7.45
CA ASP D 209 8.69 8.11 -7.00
C ASP D 209 8.02 8.00 -5.63
N ARG D 210 7.79 9.13 -4.98
CA ARG D 210 7.19 9.13 -3.65
C ARG D 210 5.68 9.36 -3.71
N VAL D 211 5.24 10.09 -4.73
CA VAL D 211 3.82 10.29 -4.97
C VAL D 211 3.19 8.95 -5.29
N ALA D 212 3.83 8.22 -6.21
CA ALA D 212 3.40 6.88 -6.61
C ALA D 212 3.18 5.95 -5.40
N GLN D 213 4.08 6.01 -4.44
CA GLN D 213 3.97 5.15 -3.26
C GLN D 213 2.95 5.69 -2.27
N THR D 214 2.88 7.00 -2.12
CA THR D 214 2.09 7.61 -1.04
C THR D 214 0.65 7.89 -1.46
N ALA D 215 0.46 8.28 -2.72
CA ALA D 215 -0.86 8.70 -3.20
C ALA D 215 -1.86 7.55 -3.20
N PRO D 216 -3.11 7.85 -2.81
CA PRO D 216 -4.21 6.90 -2.78
C PRO D 216 -4.35 6.05 -4.03
N LEU D 217 -4.09 6.59 -5.21
CA LEU D 217 -4.27 5.81 -6.44
C LEU D 217 -3.10 4.86 -6.69
N ARG D 218 -2.04 5.03 -5.89
CA ARG D 218 -0.82 4.23 -5.98
C ARG D 218 -0.11 4.36 -7.33
N ARG D 219 -0.21 5.55 -7.92
CA ARG D 219 0.48 5.88 -9.17
C ARG D 219 0.58 7.39 -9.33
N ASN D 220 1.30 7.83 -10.35
CA ASN D 220 1.37 9.24 -10.70
C ASN D 220 0.26 9.60 -11.66
N ILE D 221 -0.10 10.87 -11.73
CA ILE D 221 -1.10 11.32 -12.70
C ILE D 221 -0.47 11.41 -14.07
N THR D 222 -1.29 11.51 -15.09
CA THR D 222 -0.78 11.65 -16.44
C THR D 222 -1.01 13.04 -17.00
N GLN D 223 -0.31 13.33 -18.09
CA GLN D 223 -0.42 14.57 -18.81
C GLN D 223 -1.85 14.77 -19.31
N GLU D 224 -2.51 13.67 -19.68
CA GLU D 224 -3.87 13.71 -20.22
C GLU D 224 -4.88 14.02 -19.14
N GLU D 225 -4.61 13.56 -17.92
CA GLU D 225 -5.49 13.79 -16.79
C GLU D 225 -5.55 15.27 -16.40
N VAL D 226 -4.43 15.96 -16.58
CA VAL D 226 -4.35 17.40 -16.36
C VAL D 226 -5.11 18.11 -17.47
N GLY D 227 -4.88 17.66 -18.71
CA GLY D 227 -5.61 18.16 -19.86
C GLY D 227 -7.12 18.07 -19.69
N ASN D 228 -7.59 16.90 -19.29
CA ASN D 228 -9.02 16.69 -19.04
C ASN D 228 -9.60 17.67 -18.01
N LEU D 229 -8.86 17.94 -16.94
CA LEU D 229 -9.35 18.87 -15.93
C LEU D 229 -9.43 20.28 -16.49
N GLY D 230 -8.39 20.67 -17.25
CA GLY D 230 -8.33 21.99 -17.86
C GLY D 230 -9.47 22.21 -18.83
N LEU D 231 -9.77 21.20 -19.63
CA LEU D 231 -10.90 21.23 -20.53
C LEU D 231 -12.20 21.46 -19.78
N PHE D 232 -12.43 20.69 -18.72
CA PHE D 232 -13.68 20.75 -17.94
C PHE D 232 -13.88 22.13 -17.35
N LEU D 233 -12.85 22.64 -16.69
CA LEU D 233 -12.93 23.92 -16.00
C LEU D 233 -13.32 25.06 -16.94
N LEU D 234 -12.82 25.01 -18.18
CA LEU D 234 -13.08 26.05 -19.16
C LEU D 234 -14.44 25.83 -19.83
N SER D 235 -14.82 24.56 -19.98
CA SER D 235 -16.08 24.19 -20.61
C SER D 235 -17.28 24.73 -19.83
N PRO D 236 -18.46 24.78 -20.48
CA PRO D 236 -19.65 25.26 -19.75
C PRO D 236 -20.12 24.25 -18.70
N LEU D 237 -19.47 23.08 -18.65
CA LEU D 237 -19.80 22.07 -17.65
C LEU D 237 -19.35 22.50 -16.24
N ALA D 238 -18.43 23.47 -16.18
CA ALA D 238 -17.99 23.99 -14.91
C ALA D 238 -18.43 25.44 -14.70
N SER D 239 -19.61 25.78 -15.21
CA SER D 239 -20.10 27.16 -15.22
C SER D 239 -20.30 27.80 -13.85
N GLY D 240 -20.45 26.97 -12.81
CA GLY D 240 -20.63 27.49 -11.47
C GLY D 240 -19.35 27.49 -10.63
N ILE D 241 -18.24 27.14 -11.27
CA ILE D 241 -16.97 26.96 -10.56
C ILE D 241 -15.98 28.07 -10.89
N THR D 242 -15.64 28.87 -9.89
CA THR D 242 -14.62 29.90 -10.06
C THR D 242 -13.89 30.15 -8.74
N GLY D 243 -12.65 30.63 -8.82
CA GLY D 243 -11.84 30.91 -7.64
C GLY D 243 -11.26 29.69 -6.98
N GLU D 244 -11.44 28.53 -7.60
CA GLU D 244 -11.02 27.25 -7.04
CA GLU D 244 -11.02 27.25 -7.05
C GLU D 244 -9.61 26.83 -7.42
N VAL D 245 -8.96 26.11 -6.51
CA VAL D 245 -7.73 25.39 -6.79
C VAL D 245 -8.15 23.92 -6.76
N VAL D 246 -8.23 23.28 -7.93
CA VAL D 246 -8.57 21.86 -8.01
C VAL D 246 -7.32 21.01 -8.19
N TYR D 247 -7.22 19.94 -7.39
CA TYR D 247 -6.05 19.05 -7.42
C TYR D 247 -6.29 17.85 -8.31
N VAL D 248 -5.41 17.68 -9.29
CA VAL D 248 -5.25 16.43 -10.02
C VAL D 248 -3.91 15.88 -9.59
N ASP D 249 -3.89 15.12 -8.49
CA ASP D 249 -2.62 14.61 -7.99
C ASP D 249 -2.72 13.21 -7.45
N ALA D 250 -3.72 12.46 -7.91
CA ALA D 250 -3.98 11.09 -7.46
C ALA D 250 -4.23 11.02 -5.95
N GLY D 251 -4.59 12.16 -5.37
CA GLY D 251 -4.93 12.24 -3.96
C GLY D 251 -3.73 12.46 -3.06
N TYR D 252 -2.57 12.74 -3.65
CA TYR D 252 -1.35 12.87 -2.86
C TYR D 252 -1.52 13.87 -1.72
N HIS D 253 -1.92 15.09 -2.06
CA HIS D 253 -1.98 16.19 -1.09
C HIS D 253 -2.86 15.94 0.14
N ILE D 254 -3.82 15.02 0.06
CA ILE D 254 -4.66 14.69 1.22
C ILE D 254 -3.96 13.81 2.24
N MET D 255 -2.80 13.27 1.88
CA MET D 255 -2.08 12.33 2.75
C MET D 255 -1.28 13.01 3.85
N GLY D 256 -1.35 12.44 5.04
CA GLY D 256 -0.52 12.87 6.16
C GLY D 256 0.57 11.85 6.42
N MET E 1 24.01 -8.73 23.93
CA MET E 1 23.46 -10.05 24.32
C MET E 1 21.94 -10.00 24.32
N LEU E 2 21.32 -10.76 23.43
CA LEU E 2 19.86 -10.82 23.38
C LEU E 2 19.35 -12.03 24.14
N THR E 3 18.34 -11.82 24.97
CA THR E 3 17.80 -12.87 25.81
C THR E 3 16.40 -13.29 25.34
N VAL E 4 16.13 -14.59 25.41
CA VAL E 4 14.77 -15.09 25.19
C VAL E 4 14.16 -15.48 26.53
N ASP E 5 13.31 -14.60 27.07
CA ASP E 5 12.71 -14.83 28.38
C ASP E 5 11.27 -15.30 28.24
N LEU E 6 11.04 -16.58 28.53
CA LEU E 6 9.72 -17.18 28.41
C LEU E 6 9.10 -17.55 29.76
N SER E 7 9.59 -16.93 30.83
CA SER E 7 9.00 -17.16 32.14
C SER E 7 7.55 -16.68 32.19
N GLY E 8 6.70 -17.47 32.83
CA GLY E 8 5.29 -17.13 32.92
C GLY E 8 4.50 -17.65 31.72
N LYS E 9 5.21 -18.21 30.74
CA LYS E 9 4.56 -18.78 29.57
C LYS E 9 4.22 -20.23 29.83
N LYS E 10 3.11 -20.69 29.24
CA LYS E 10 2.61 -22.04 29.47
C LYS E 10 2.59 -22.82 28.17
N ALA E 11 3.13 -24.03 28.21
CA ALA E 11 3.24 -24.82 27.00
C ALA E 11 2.65 -26.22 27.17
N LEU E 12 1.99 -26.71 26.12
CA LEU E 12 1.53 -28.09 26.07
C LEU E 12 2.27 -28.81 24.95
N VAL E 13 2.96 -29.90 25.30
CA VAL E 13 3.74 -30.65 24.32
C VAL E 13 3.13 -32.04 24.17
N MET E 14 2.80 -32.39 22.93
CA MET E 14 2.07 -33.62 22.68
C MET E 14 2.84 -34.53 21.74
N GLY E 15 2.78 -35.83 22.02
CA GLY E 15 3.38 -36.83 21.14
C GLY E 15 4.78 -37.24 21.52
N VAL E 16 5.20 -36.87 22.73
CA VAL E 16 6.53 -37.24 23.21
C VAL E 16 6.53 -38.57 23.98
N THR E 17 7.28 -39.53 23.47
CA THR E 17 7.35 -40.85 24.09
C THR E 17 8.76 -41.18 24.55
N ASN E 18 9.75 -40.47 24.02
CA ASN E 18 11.14 -40.73 24.36
C ASN E 18 11.94 -39.44 24.42
N GLN E 19 13.04 -39.44 25.17
CA GLN E 19 13.89 -38.27 25.32
C GLN E 19 14.67 -37.98 24.03
N ARG E 20 14.77 -38.99 23.18
CA ARG E 20 15.51 -38.87 21.92
C ARG E 20 14.59 -38.42 20.78
N SER E 21 13.42 -37.91 21.13
CA SER E 21 12.48 -37.42 20.14
C SER E 21 12.65 -35.93 19.88
N LEU E 22 12.12 -35.47 18.75
CA LEU E 22 12.23 -34.07 18.37
C LEU E 22 11.28 -33.20 19.18
N GLY E 23 10.16 -33.78 19.60
CA GLY E 23 9.20 -33.09 20.45
C GLY E 23 9.75 -32.82 21.85
N PHE E 24 10.58 -33.73 22.35
CA PHE E 24 11.21 -33.55 23.65
C PHE E 24 12.23 -32.42 23.56
N ALA E 25 12.94 -32.37 22.45
CA ALA E 25 14.00 -31.38 22.24
C ALA E 25 13.44 -29.97 22.31
N ILE E 26 12.27 -29.78 21.71
CA ILE E 26 11.57 -28.50 21.76
C ILE E 26 11.15 -28.19 23.20
N ALA E 27 10.56 -29.16 23.86
CA ALA E 27 10.14 -29.00 25.26
C ALA E 27 11.33 -28.63 26.16
N ALA E 28 12.45 -29.32 25.99
CA ALA E 28 13.65 -29.02 26.75
C ALA E 28 14.07 -27.56 26.60
N LYS E 29 14.12 -27.08 25.35
CA LYS E 29 14.48 -25.70 25.05
C LYS E 29 13.47 -24.69 25.60
N LEU E 30 12.19 -25.04 25.55
CA LEU E 30 11.15 -24.19 26.13
C LEU E 30 11.33 -24.06 27.64
N LYS E 31 11.67 -25.17 28.28
CA LYS E 31 11.90 -25.17 29.72
C LYS E 31 13.16 -24.38 30.07
N GLU E 32 14.18 -24.54 29.23
CA GLU E 32 15.42 -23.81 29.41
C GLU E 32 15.18 -22.30 29.31
N ALA E 33 14.26 -21.91 28.44
CA ALA E 33 13.92 -20.50 28.24
C ALA E 33 13.04 -19.91 29.35
N GLY E 34 12.52 -20.78 30.22
CA GLY E 34 11.76 -20.32 31.38
C GLY E 34 10.28 -20.67 31.41
N ALA E 35 9.80 -21.39 30.39
CA ALA E 35 8.38 -21.73 30.32
C ALA E 35 8.03 -22.93 31.21
N GLU E 36 6.76 -23.02 31.60
CA GLU E 36 6.23 -24.21 32.24
C GLU E 36 5.68 -25.13 31.16
N VAL E 37 5.98 -26.43 31.25
CA VAL E 37 5.53 -27.39 30.25
C VAL E 37 4.60 -28.44 30.81
N ALA E 38 3.60 -28.80 30.01
CA ALA E 38 2.72 -29.92 30.31
C ALA E 38 2.90 -30.93 29.18
N LEU E 39 3.17 -32.18 29.55
CA LEU E 39 3.26 -33.25 28.58
C LEU E 39 1.97 -34.05 28.54
N SER E 40 1.60 -34.51 27.36
CA SER E 40 0.51 -35.45 27.22
C SER E 40 1.10 -36.82 26.94
N TYR E 41 0.38 -37.85 27.35
CA TYR E 41 0.77 -39.22 27.05
C TYR E 41 -0.47 -40.02 26.66
N GLN E 42 -0.27 -41.03 25.81
CA GLN E 42 -1.39 -41.68 25.12
C GLN E 42 -2.30 -42.54 25.99
N ALA E 43 -1.69 -43.36 26.85
CA ALA E 43 -2.45 -44.27 27.71
C ALA E 43 -1.75 -44.49 29.06
N GLU E 44 -2.52 -44.91 30.08
CA GLU E 44 -2.00 -45.01 31.45
C GLU E 44 -0.85 -46.02 31.56
N ARG E 45 -0.79 -46.97 30.65
CA ARG E 45 0.28 -47.96 30.63
C ARG E 45 1.62 -47.30 30.31
N LEU E 46 1.57 -46.04 29.87
CA LEU E 46 2.79 -45.31 29.52
C LEU E 46 3.16 -44.23 30.54
N ARG E 47 2.41 -44.16 31.64
CA ARG E 47 2.71 -43.20 32.71
C ARG E 47 4.17 -43.26 33.15
N PRO E 48 4.70 -44.46 33.43
CA PRO E 48 6.10 -44.55 33.88
C PRO E 48 7.07 -43.86 32.92
N GLU E 49 6.86 -44.05 31.63
CA GLU E 49 7.72 -43.40 30.64
C GLU E 49 7.49 -41.89 30.62
N ALA E 50 6.23 -41.48 30.80
CA ALA E 50 5.90 -40.06 30.85
C ALA E 50 6.49 -39.38 32.09
N GLU E 51 6.49 -40.08 33.22
CA GLU E 51 7.08 -39.54 34.45
C GLU E 51 8.59 -39.34 34.30
N LYS E 52 9.24 -40.27 33.62
CA LYS E 52 10.69 -40.17 33.33
C LYS E 52 11.01 -38.94 32.48
N LEU E 53 10.14 -38.65 31.51
CA LEU E 53 10.30 -37.47 30.67
C LEU E 53 10.06 -36.18 31.45
N ALA E 54 9.09 -36.21 32.36
CA ALA E 54 8.79 -35.04 33.18
C ALA E 54 10.00 -34.72 34.04
N GLU E 55 10.61 -35.76 34.59
CA GLU E 55 11.76 -35.60 35.47
C GLU E 55 12.96 -35.09 34.67
N ALA E 56 13.12 -35.60 33.46
CA ALA E 56 14.20 -35.17 32.56
C ALA E 56 14.07 -33.69 32.20
N LEU E 57 12.85 -33.19 32.13
CA LEU E 57 12.59 -31.79 31.86
C LEU E 57 12.77 -30.93 33.11
N GLY E 58 13.06 -31.56 34.24
CA GLY E 58 13.20 -30.86 35.50
C GLY E 58 11.85 -30.52 36.09
N GLY E 59 10.87 -31.40 35.83
CA GLY E 59 9.50 -31.18 36.31
C GLY E 59 8.56 -30.76 35.19
N ALA E 60 7.41 -31.44 35.11
CA ALA E 60 6.40 -31.15 34.11
C ALA E 60 5.08 -31.82 34.48
N LEU E 61 3.99 -31.15 34.13
CA LEU E 61 2.64 -31.66 34.36
C LEU E 61 2.35 -32.78 33.38
N LEU E 62 1.61 -33.79 33.84
CA LEU E 62 1.23 -34.90 32.96
C LEU E 62 -0.28 -35.01 32.78
N PHE E 63 -0.70 -35.29 31.56
CA PHE E 63 -2.11 -35.54 31.25
C PHE E 63 -2.20 -36.75 30.33
N ARG E 64 -3.17 -37.63 30.58
CA ARG E 64 -3.45 -38.74 29.68
C ARG E 64 -4.50 -38.33 28.65
N ALA E 65 -4.19 -38.56 27.37
CA ALA E 65 -5.12 -38.30 26.28
C ALA E 65 -4.71 -39.04 25.01
N ASP E 66 -5.63 -39.84 24.47
CA ASP E 66 -5.44 -40.49 23.19
C ASP E 66 -6.07 -39.60 22.15
N VAL E 67 -5.27 -39.21 21.15
CA VAL E 67 -5.67 -38.19 20.19
C VAL E 67 -6.74 -38.64 19.19
N THR E 68 -7.12 -39.91 19.23
CA THR E 68 -8.22 -40.41 18.42
C THR E 68 -9.54 -40.32 19.18
N GLN E 69 -9.47 -39.94 20.45
CA GLN E 69 -10.65 -39.86 21.33
C GLN E 69 -10.99 -38.41 21.70
N ASP E 70 -12.03 -37.87 21.07
CA ASP E 70 -12.46 -36.48 21.30
C ASP E 70 -12.75 -36.18 22.77
N GLU E 71 -13.32 -37.15 23.48
CA GLU E 71 -13.64 -37.02 24.90
C GLU E 71 -12.40 -36.74 25.73
N GLU E 72 -11.35 -37.51 25.48
CA GLU E 72 -10.11 -37.41 26.22
C GLU E 72 -9.39 -36.09 25.91
N LEU E 73 -9.53 -35.63 24.67
CA LEU E 73 -8.99 -34.33 24.29
C LEU E 73 -9.74 -33.18 24.96
N ASP E 74 -11.05 -33.33 25.13
CA ASP E 74 -11.81 -32.33 25.90
C ASP E 74 -11.31 -32.32 27.34
N ALA E 75 -11.13 -33.51 27.90
CA ALA E 75 -10.66 -33.66 29.28
C ALA E 75 -9.27 -33.09 29.47
N LEU E 76 -8.39 -33.33 28.50
CA LEU E 76 -7.02 -32.84 28.57
C LEU E 76 -6.99 -31.31 28.56
N PHE E 77 -7.79 -30.70 27.70
CA PHE E 77 -7.81 -29.25 27.62
C PHE E 77 -8.56 -28.58 28.77
N ALA E 78 -9.49 -29.30 29.38
CA ALA E 78 -10.11 -28.84 30.62
C ALA E 78 -9.08 -28.85 31.74
N GLY E 79 -8.28 -29.92 31.80
CA GLY E 79 -7.24 -30.06 32.81
C GLY E 79 -6.15 -29.02 32.66
N VAL E 80 -5.79 -28.72 31.41
CA VAL E 80 -4.80 -27.70 31.11
C VAL E 80 -5.33 -26.32 31.51
N LYS E 81 -6.59 -26.07 31.21
CA LYS E 81 -7.23 -24.82 31.60
C LYS E 81 -7.21 -24.65 33.12
N GLU E 82 -7.60 -25.71 33.82
CA GLU E 82 -7.65 -25.68 35.28
C GLU E 82 -6.26 -25.43 35.88
N ALA E 83 -5.25 -26.09 35.33
CA ALA E 83 -3.88 -26.01 35.86
C ALA E 83 -3.08 -24.79 35.42
N PHE E 84 -3.43 -24.20 34.27
CA PHE E 84 -2.64 -23.08 33.72
C PHE E 84 -3.41 -21.77 33.60
N GLY E 85 -4.74 -21.86 33.47
CA GLY E 85 -5.56 -20.67 33.25
C GLY E 85 -5.69 -20.36 31.77
N GLY E 86 -4.55 -20.35 31.08
CA GLY E 86 -4.52 -20.20 29.62
C GLY E 86 -3.41 -21.03 29.00
N LEU E 87 -3.08 -20.76 27.75
CA LEU E 87 -1.99 -21.47 27.09
C LEU E 87 -1.26 -20.52 26.17
N ASP E 88 0.06 -20.72 26.03
CA ASP E 88 0.86 -19.91 25.12
C ASP E 88 1.35 -20.71 23.93
N TYR E 89 1.89 -21.91 24.20
CA TYR E 89 2.46 -22.71 23.14
C TYR E 89 1.86 -24.09 23.11
N LEU E 90 1.71 -24.64 21.91
CA LEU E 90 1.35 -26.04 21.74
C LEU E 90 2.29 -26.67 20.74
N VAL E 91 3.02 -27.70 21.18
CA VAL E 91 3.91 -28.44 20.30
C VAL E 91 3.24 -29.74 19.88
N HIS E 92 3.08 -29.92 18.57
CA HIS E 92 2.43 -31.11 18.02
C HIS E 92 3.51 -32.01 17.44
N ALA E 93 3.88 -33.06 18.17
CA ALA E 93 4.93 -33.97 17.72
C ALA E 93 4.39 -35.38 17.58
N ILE E 94 3.10 -35.48 17.28
CA ILE E 94 2.41 -36.76 17.11
C ILE E 94 2.58 -37.27 15.69
N ALA E 95 3.09 -38.48 15.54
CA ALA E 95 3.22 -39.11 14.24
C ALA E 95 3.10 -40.62 14.37
N PHE E 96 2.19 -41.21 13.61
CA PHE E 96 1.98 -42.66 13.66
C PHE E 96 1.39 -43.17 12.36
N ALA E 97 1.86 -44.34 11.96
CA ALA E 97 1.25 -45.10 10.88
C ALA E 97 1.43 -46.58 11.25
N PRO E 98 0.38 -47.39 11.06
CA PRO E 98 0.49 -48.82 11.39
C PRO E 98 1.68 -49.48 10.69
N ARG E 99 2.24 -50.50 11.33
CA ARG E 99 3.42 -51.19 10.80
C ARG E 99 3.18 -51.82 9.42
N GLU E 100 1.96 -52.30 9.16
CA GLU E 100 1.60 -52.92 7.89
C GLU E 100 1.61 -51.91 6.72
N ALA E 101 1.23 -50.67 7.02
CA ALA E 101 1.23 -49.59 6.04
C ALA E 101 2.64 -49.18 5.65
N MET E 102 3.55 -49.23 6.61
CA MET E 102 4.93 -48.80 6.39
C MET E 102 5.80 -49.91 5.77
N GLU E 103 5.29 -51.13 5.75
CA GLU E 103 5.98 -52.23 5.10
C GLU E 103 5.37 -52.45 3.72
N GLY E 104 6.22 -52.44 2.69
CA GLY E 104 5.76 -52.61 1.33
C GLY E 104 5.51 -51.31 0.58
N ARG E 105 4.62 -51.35 -0.40
CA ARG E 105 4.33 -50.20 -1.24
C ARG E 105 3.15 -49.39 -0.73
N TYR E 106 3.20 -48.09 -1.00
CA TYR E 106 2.11 -47.16 -0.68
C TYR E 106 0.81 -47.61 -1.33
N ILE E 107 0.89 -48.04 -2.58
CA ILE E 107 -0.28 -48.48 -3.31
C ILE E 107 -0.99 -49.67 -2.66
N ASP E 108 -0.29 -50.37 -1.78
CA ASP E 108 -0.86 -51.50 -1.10
C ASP E 108 -1.46 -51.18 0.27
N THR E 109 -1.46 -49.90 0.64
CA THR E 109 -1.95 -49.49 1.96
C THR E 109 -3.41 -49.86 2.13
N ARG E 110 -3.74 -50.51 3.24
CA ARG E 110 -5.12 -50.92 3.52
C ARG E 110 -5.96 -49.71 3.96
N ARG E 111 -7.24 -49.74 3.65
CA ARG E 111 -8.17 -48.65 3.98
C ARG E 111 -8.05 -48.17 5.43
N GLN E 112 -8.23 -49.08 6.39
CA GLN E 112 -8.19 -48.73 7.81
C GLN E 112 -6.83 -48.22 8.29
N ASP E 113 -5.74 -48.79 7.76
CA ASP E 113 -4.40 -48.33 8.10
C ASP E 113 -4.16 -46.91 7.59
N TRP E 114 -4.56 -46.67 6.35
CA TRP E 114 -4.40 -45.37 5.71
C TRP E 114 -5.12 -44.29 6.50
N LEU E 115 -6.38 -44.55 6.85
CA LEU E 115 -7.20 -43.59 7.57
C LEU E 115 -6.66 -43.33 8.96
N LEU E 116 -6.20 -44.38 9.62
CA LEU E 116 -5.67 -44.25 10.97
C LEU E 116 -4.40 -43.39 10.97
N ALA E 117 -3.56 -43.60 9.96
CA ALA E 117 -2.30 -42.85 9.84
C ALA E 117 -2.60 -41.37 9.69
N LEU E 118 -3.58 -41.04 8.86
CA LEU E 118 -3.98 -39.66 8.66
C LEU E 118 -4.71 -39.08 9.85
N GLU E 119 -5.44 -39.92 10.57
CA GLU E 119 -6.18 -39.50 11.75
C GLU E 119 -5.22 -39.05 12.86
N VAL E 120 -4.26 -39.92 13.19
CA VAL E 120 -3.30 -39.67 14.26
C VAL E 120 -2.30 -38.58 13.84
N SER E 121 -1.88 -38.61 12.59
CA SER E 121 -0.77 -37.77 12.15
C SER E 121 -1.16 -36.41 11.60
N ALA E 122 -2.37 -36.30 11.07
CA ALA E 122 -2.80 -35.04 10.46
C ALA E 122 -4.00 -34.43 11.18
N TYR E 123 -5.09 -35.19 11.31
CA TYR E 123 -6.30 -34.65 11.93
C TYR E 123 -6.10 -34.22 13.38
N SER E 124 -5.18 -34.88 14.07
CA SER E 124 -4.90 -34.57 15.46
C SER E 124 -4.49 -33.10 15.65
N LEU E 125 -3.87 -32.52 14.63
CA LEU E 125 -3.47 -31.12 14.69
C LEU E 125 -4.72 -30.24 14.67
N VAL E 126 -5.69 -30.60 13.84
CA VAL E 126 -6.95 -29.86 13.80
C VAL E 126 -7.69 -29.98 15.13
N ALA E 127 -7.76 -31.21 15.65
CA ALA E 127 -8.49 -31.46 16.89
C ALA E 127 -7.91 -30.72 18.10
N VAL E 128 -6.58 -30.69 18.21
CA VAL E 128 -5.96 -29.99 19.34
C VAL E 128 -5.94 -28.48 19.14
N ALA E 129 -5.89 -28.04 17.88
CA ALA E 129 -5.93 -26.61 17.57
C ALA E 129 -7.29 -26.00 17.91
N ARG E 130 -8.38 -26.73 17.63
CA ARG E 130 -9.73 -26.27 17.94
C ARG E 130 -9.88 -26.06 19.45
N ARG E 131 -9.39 -27.03 20.21
CA ARG E 131 -9.52 -27.00 21.66
C ARG E 131 -8.55 -26.04 22.32
N ALA E 132 -7.43 -25.77 21.66
CA ALA E 132 -6.45 -24.82 22.20
C ALA E 132 -6.87 -23.38 21.94
N GLU E 133 -7.59 -23.17 20.84
CA GLU E 133 -7.96 -21.82 20.43
C GLU E 133 -8.52 -20.91 21.55
N PRO E 134 -9.49 -21.39 22.35
CA PRO E 134 -10.02 -20.52 23.41
C PRO E 134 -9.04 -20.30 24.57
N LEU E 135 -8.03 -21.16 24.68
CA LEU E 135 -7.06 -21.04 25.76
C LEU E 135 -5.88 -20.16 25.36
N LEU E 136 -5.64 -20.07 24.05
CA LEU E 136 -4.43 -19.44 23.53
C LEU E 136 -4.42 -17.91 23.65
N ARG E 137 -3.37 -17.39 24.29
CA ARG E 137 -3.22 -15.95 24.49
C ARG E 137 -2.55 -15.28 23.29
N GLU E 138 -2.62 -13.95 23.26
CA GLU E 138 -1.98 -13.17 22.19
C GLU E 138 -0.48 -13.44 22.15
N GLY E 139 0.06 -13.58 20.94
CA GLY E 139 1.45 -13.96 20.75
C GLY E 139 1.67 -15.46 20.92
N GLY E 140 0.57 -16.19 21.13
CA GLY E 140 0.61 -17.64 21.25
C GLY E 140 0.93 -18.33 19.93
N GLY E 141 1.28 -19.60 20.00
CA GLY E 141 1.75 -20.31 18.81
C GLY E 141 1.57 -21.80 18.83
N ILE E 142 1.38 -22.36 17.63
CA ILE E 142 1.33 -23.79 17.46
C ILE E 142 2.46 -24.22 16.53
N VAL E 143 3.22 -25.23 16.93
CA VAL E 143 4.26 -25.75 16.05
C VAL E 143 4.11 -27.25 15.88
N THR E 144 4.36 -27.73 14.66
CA THR E 144 4.28 -29.17 14.40
C THR E 144 5.53 -29.64 13.64
N LEU E 145 5.67 -30.95 13.51
CA LEU E 145 6.85 -31.53 12.88
C LEU E 145 6.48 -32.27 11.61
N THR E 146 7.27 -32.04 10.57
CA THR E 146 7.04 -32.67 9.29
C THR E 146 8.36 -33.10 8.66
N TYR E 147 8.29 -33.68 7.48
CA TYR E 147 9.45 -34.23 6.81
C TYR E 147 9.32 -34.00 5.31
N TYR E 148 10.47 -33.89 4.66
CA TYR E 148 10.62 -33.58 3.23
C TYR E 148 9.84 -34.51 2.27
N ALA E 149 9.57 -35.72 2.72
CA ALA E 149 8.84 -36.71 1.93
C ALA E 149 7.44 -36.24 1.52
N SER E 150 6.96 -35.20 2.19
CA SER E 150 5.68 -34.57 1.84
C SER E 150 5.67 -33.97 0.43
N GLU E 151 6.81 -33.41 0.02
CA GLU E 151 6.92 -32.78 -1.29
C GLU E 151 7.66 -33.65 -2.32
N LYS E 152 8.61 -34.45 -1.86
CA LYS E 152 9.37 -35.31 -2.79
C LYS E 152 9.26 -36.77 -2.38
N VAL E 153 9.21 -37.66 -3.36
CA VAL E 153 9.07 -39.08 -3.08
C VAL E 153 10.30 -39.63 -2.37
N VAL E 154 10.08 -40.06 -1.13
CA VAL E 154 11.08 -40.80 -0.37
C VAL E 154 10.51 -42.19 -0.16
N PRO E 155 11.07 -43.19 -0.85
CA PRO E 155 10.55 -44.55 -0.82
C PRO E 155 10.64 -45.14 0.59
N LYS E 156 9.63 -45.93 0.95
CA LYS E 156 9.54 -46.56 2.28
C LYS E 156 8.91 -45.62 3.31
N TYR E 157 8.64 -44.38 2.91
CA TYR E 157 7.94 -43.47 3.79
C TYR E 157 6.44 -43.63 3.68
N ASN E 158 6.01 -44.15 2.53
CA ASN E 158 4.62 -44.49 2.27
C ASN E 158 3.62 -43.46 2.77
N VAL E 159 2.63 -43.91 3.53
CA VAL E 159 1.49 -43.07 3.91
C VAL E 159 1.87 -41.88 4.80
N MET E 160 2.99 -41.97 5.50
CA MET E 160 3.44 -40.88 6.37
C MET E 160 3.71 -39.63 5.55
N ALA E 161 4.23 -39.82 4.34
CA ALA E 161 4.49 -38.70 3.43
C ALA E 161 3.20 -37.99 3.07
N ILE E 162 2.17 -38.77 2.80
CA ILE E 162 0.84 -38.27 2.52
C ILE E 162 0.27 -37.57 3.75
N ALA E 163 0.49 -38.17 4.92
CA ALA E 163 0.01 -37.60 6.18
C ALA E 163 0.67 -36.24 6.42
N LYS E 164 1.96 -36.15 6.14
CA LYS E 164 2.69 -34.90 6.29
C LYS E 164 2.23 -33.83 5.31
N ALA E 165 1.82 -34.24 4.12
CA ALA E 165 1.31 -33.31 3.12
C ALA E 165 0.00 -32.71 3.61
N ALA E 166 -0.83 -33.57 4.17
CA ALA E 166 -2.10 -33.16 4.78
C ALA E 166 -1.85 -32.29 6.01
N LEU E 167 -0.79 -32.60 6.73
CA LEU E 167 -0.42 -31.84 7.91
C LEU E 167 0.00 -30.42 7.55
N GLU E 168 0.83 -30.29 6.52
CA GLU E 168 1.37 -29.00 6.13
C GLU E 168 0.28 -28.08 5.57
N ALA E 169 -0.66 -28.65 4.85
CA ALA E 169 -1.78 -27.90 4.29
C ALA E 169 -2.72 -27.42 5.42
N SER E 170 -2.87 -28.27 6.43
CA SER E 170 -3.59 -27.90 7.65
C SER E 170 -2.90 -26.72 8.33
N VAL E 171 -1.58 -26.78 8.40
CA VAL E 171 -0.82 -25.69 9.01
C VAL E 171 -1.14 -24.35 8.35
N ARG E 172 -1.26 -24.35 7.02
CA ARG E 172 -1.55 -23.12 6.30
C ARG E 172 -2.95 -22.59 6.61
N TYR E 173 -3.94 -23.49 6.59
CA TYR E 173 -5.32 -23.12 6.84
C TYR E 173 -5.56 -22.73 8.31
N LEU E 174 -4.89 -23.42 9.23
CA LEU E 174 -4.98 -23.05 10.64
C LEU E 174 -4.33 -21.71 10.90
N ALA E 175 -3.24 -21.41 10.17
CA ALA E 175 -2.55 -20.13 10.31
C ALA E 175 -3.47 -19.00 9.90
N TYR E 176 -4.29 -19.27 8.89
CA TYR E 176 -5.23 -18.26 8.39
C TYR E 176 -6.40 -18.06 9.36
N GLU E 177 -6.92 -19.15 9.91
CA GLU E 177 -8.07 -19.07 10.80
C GLU E 177 -7.73 -18.63 12.22
N LEU E 178 -6.53 -18.96 12.69
CA LEU E 178 -6.11 -18.60 14.05
C LEU E 178 -5.31 -17.30 14.12
N GLY E 179 -4.90 -16.79 12.97
CA GLY E 179 -4.13 -15.55 12.88
C GLY E 179 -4.74 -14.29 13.48
N PRO E 180 -6.01 -13.98 13.16
CA PRO E 180 -6.64 -12.75 13.68
C PRO E 180 -6.63 -12.62 15.22
N LYS E 181 -6.64 -13.75 15.92
CA LYS E 181 -6.56 -13.73 17.38
C LYS E 181 -5.12 -13.74 17.90
N GLY E 182 -4.16 -13.44 17.03
CA GLY E 182 -2.75 -13.34 17.42
C GLY E 182 -2.02 -14.66 17.61
N VAL E 183 -2.53 -15.72 17.01
CA VAL E 183 -1.92 -17.04 17.13
C VAL E 183 -1.25 -17.45 15.83
N ARG E 184 0.00 -17.87 15.94
CA ARG E 184 0.78 -18.29 14.79
C ARG E 184 0.83 -19.81 14.71
N VAL E 185 0.84 -20.34 13.49
CA VAL E 185 0.94 -21.78 13.25
C VAL E 185 2.04 -22.04 12.22
N ASN E 186 2.99 -22.90 12.57
CA ASN E 186 4.13 -23.19 11.72
C ASN E 186 4.53 -24.65 11.80
N ALA E 187 5.29 -25.11 10.81
CA ALA E 187 5.80 -26.47 10.83
C ALA E 187 7.32 -26.48 10.73
N ILE E 188 7.94 -27.43 11.42
CA ILE E 188 9.38 -27.66 11.31
C ILE E 188 9.63 -28.90 10.47
N SER E 189 10.31 -28.74 9.34
CA SER E 189 10.69 -29.88 8.51
C SER E 189 12.10 -30.34 8.88
N ALA E 190 12.17 -31.36 9.74
CA ALA E 190 13.44 -31.83 10.24
C ALA E 190 14.04 -32.91 9.36
N GLY E 191 15.36 -32.92 9.26
CA GLY E 191 16.08 -34.03 8.65
C GLY E 191 16.16 -35.15 9.67
N PRO E 192 16.79 -36.29 9.30
CA PRO E 192 16.93 -37.40 10.24
C PRO E 192 17.98 -37.13 11.33
N VAL E 193 17.75 -37.68 12.52
CA VAL E 193 18.65 -37.48 13.66
C VAL E 193 19.22 -38.81 14.18
N ARG E 194 20.56 -38.91 14.23
CA ARG E 194 21.23 -40.11 14.71
C ARG E 194 20.90 -40.42 16.17
N LYS E 206 23.58 -46.04 9.08
CA LYS E 206 23.23 -46.71 7.84
C LYS E 206 22.76 -45.69 6.80
N MET E 207 21.53 -45.22 6.96
CA MET E 207 20.99 -44.16 6.12
C MET E 207 21.58 -42.81 6.52
N TYR E 208 21.94 -42.67 7.80
CA TYR E 208 22.52 -41.42 8.30
C TYR E 208 23.82 -41.05 7.58
N ASP E 209 24.52 -42.05 7.07
CA ASP E 209 25.75 -41.81 6.32
C ASP E 209 25.44 -41.20 4.96
N ARG E 210 24.25 -41.51 4.41
CA ARG E 210 23.83 -41.02 3.11
C ARG E 210 23.47 -39.53 3.12
N VAL E 211 22.57 -39.15 4.03
CA VAL E 211 22.17 -37.76 4.18
C VAL E 211 23.39 -36.87 4.40
N ALA E 212 24.32 -37.37 5.19
CA ALA E 212 25.58 -36.68 5.50
C ALA E 212 26.47 -36.48 4.29
N GLN E 213 26.35 -37.34 3.28
CA GLN E 213 27.18 -37.24 2.08
C GLN E 213 26.66 -36.18 1.12
N THR E 214 25.34 -36.01 1.08
CA THR E 214 24.70 -35.15 0.11
C THR E 214 24.48 -33.73 0.62
N ALA E 215 24.15 -33.62 1.90
CA ALA E 215 23.82 -32.32 2.50
C ALA E 215 24.97 -31.34 2.39
N PRO E 216 24.64 -30.07 2.08
CA PRO E 216 25.60 -28.98 2.03
C PRO E 216 26.54 -28.97 3.24
N LEU E 217 26.02 -29.21 4.43
CA LEU E 217 26.82 -29.14 5.64
C LEU E 217 27.65 -30.40 5.89
N ARG E 218 27.44 -31.42 5.06
CA ARG E 218 28.17 -32.69 5.11
C ARG E 218 28.03 -33.41 6.46
N ARG E 219 26.87 -33.23 7.09
CA ARG E 219 26.53 -33.91 8.34
C ARG E 219 25.03 -33.94 8.54
N ASN E 220 24.58 -34.76 9.48
CA ASN E 220 23.17 -34.77 9.86
C ASN E 220 22.91 -33.68 10.88
N ILE E 221 21.64 -33.32 11.04
CA ILE E 221 21.28 -32.35 12.07
C ILE E 221 21.21 -33.04 13.43
N THR E 222 21.15 -32.23 14.48
CA THR E 222 21.01 -32.77 15.82
C THR E 222 19.64 -32.45 16.38
N GLN E 223 19.26 -33.17 17.42
CA GLN E 223 18.03 -32.96 18.16
C GLN E 223 17.93 -31.52 18.64
N GLU E 224 19.06 -30.99 19.11
CA GLU E 224 19.13 -29.65 19.67
C GLU E 224 18.82 -28.58 18.62
N GLU E 225 19.26 -28.83 17.38
CA GLU E 225 19.02 -27.89 16.29
C GLU E 225 17.53 -27.75 15.94
N VAL E 226 16.80 -28.85 16.05
CA VAL E 226 15.36 -28.82 15.89
C VAL E 226 14.73 -28.09 17.08
N GLY E 227 15.21 -28.44 18.28
CA GLY E 227 14.82 -27.74 19.51
C GLY E 227 14.93 -26.23 19.41
N ASN E 228 16.09 -25.75 18.97
CA ASN E 228 16.35 -24.33 18.83
C ASN E 228 15.38 -23.63 17.87
N LEU E 229 15.04 -24.31 16.78
CA LEU E 229 14.11 -23.72 15.80
C LEU E 229 12.71 -23.68 16.39
N GLY E 230 12.34 -24.73 17.11
CA GLY E 230 11.04 -24.79 17.78
C GLY E 230 10.91 -23.64 18.75
N LEU E 231 11.92 -23.47 19.58
CA LEU E 231 11.98 -22.36 20.52
C LEU E 231 11.84 -21.01 19.81
N PHE E 232 12.61 -20.81 18.75
CA PHE E 232 12.58 -19.55 18.00
C PHE E 232 11.19 -19.23 17.46
N LEU E 233 10.56 -20.22 16.82
CA LEU E 233 9.28 -20.04 16.17
C LEU E 233 8.17 -19.67 17.15
N LEU E 234 8.24 -20.25 18.34
CA LEU E 234 7.25 -19.99 19.38
C LEU E 234 7.54 -18.66 20.07
N SER E 235 8.81 -18.27 20.11
CA SER E 235 9.24 -17.07 20.83
C SER E 235 8.76 -15.79 20.14
N PRO E 236 8.79 -14.65 20.87
CA PRO E 236 8.41 -13.40 20.23
C PRO E 236 9.40 -12.94 19.15
N LEU E 237 10.54 -13.61 19.05
CA LEU E 237 11.51 -13.27 18.03
C LEU E 237 11.01 -13.63 16.63
N ALA E 238 9.97 -14.45 16.57
CA ALA E 238 9.41 -14.89 15.30
C ALA E 238 7.98 -14.39 15.09
N SER E 239 7.65 -13.24 15.69
CA SER E 239 6.27 -12.73 15.70
C SER E 239 5.68 -12.41 14.33
N GLY E 240 6.53 -12.26 13.32
CA GLY E 240 6.05 -12.01 11.97
C GLY E 240 5.93 -13.27 11.12
N ILE E 241 6.30 -14.42 11.70
CA ILE E 241 6.36 -15.68 10.95
C ILE E 241 5.18 -16.62 11.27
N THR E 242 4.37 -16.90 10.26
CA THR E 242 3.26 -17.84 10.41
C THR E 242 2.93 -18.52 9.08
N GLY E 243 2.31 -19.70 9.16
CA GLY E 243 1.97 -20.49 7.99
C GLY E 243 3.16 -21.08 7.26
N GLU E 244 4.32 -21.05 7.90
CA GLU E 244 5.57 -21.50 7.27
C GLU E 244 5.92 -22.96 7.53
N VAL E 245 6.62 -23.56 6.58
CA VAL E 245 7.36 -24.79 6.81
C VAL E 245 8.85 -24.44 6.72
N VAL E 246 9.53 -24.50 7.86
CA VAL E 246 10.96 -24.17 7.92
C VAL E 246 11.80 -25.44 8.01
N TYR E 247 12.78 -25.57 7.12
CA TYR E 247 13.63 -26.76 7.10
C TYR E 247 14.84 -26.62 8.01
N VAL E 248 15.02 -27.60 8.88
CA VAL E 248 16.28 -27.84 9.58
C VAL E 248 16.78 -29.19 9.09
N ASP E 249 17.60 -29.20 8.05
CA ASP E 249 18.03 -30.47 7.48
C ASP E 249 19.44 -30.41 6.93
N ALA E 250 20.22 -29.44 7.42
CA ALA E 250 21.58 -29.22 6.96
C ALA E 250 21.64 -28.87 5.47
N GLY E 251 20.51 -28.40 4.95
CA GLY E 251 20.42 -27.97 3.56
C GLY E 251 20.08 -29.10 2.61
N TYR E 252 19.90 -30.30 3.15
CA TYR E 252 19.73 -31.50 2.33
C TYR E 252 18.68 -31.40 1.22
N HIS E 253 17.52 -30.85 1.54
CA HIS E 253 16.39 -30.85 0.62
C HIS E 253 16.55 -29.93 -0.60
N ILE E 254 17.55 -29.04 -0.55
CA ILE E 254 17.84 -28.14 -1.68
C ILE E 254 18.61 -28.87 -2.79
N MET E 255 19.10 -30.07 -2.49
CA MET E 255 19.93 -30.80 -3.45
C MET E 255 19.12 -31.53 -4.51
N GLY E 256 19.54 -31.42 -5.78
CA GLY E 256 18.87 -32.10 -6.88
C GLY E 256 19.43 -33.47 -7.18
N MET E 257 20.49 -33.85 -6.46
CA MET E 257 21.08 -35.18 -6.58
C MET E 257 21.63 -35.67 -5.24
N MET F 1 -1.19 -33.60 -40.84
CA MET F 1 -1.23 -33.10 -39.42
C MET F 1 -0.91 -34.23 -38.45
N LEU F 2 -0.90 -33.90 -37.16
CA LEU F 2 -0.68 -34.90 -36.14
C LEU F 2 -2.03 -35.38 -35.61
N THR F 3 -2.20 -36.71 -35.59
CA THR F 3 -3.45 -37.32 -35.12
C THR F 3 -3.23 -38.05 -33.80
N VAL F 4 -4.22 -37.96 -32.91
CA VAL F 4 -4.23 -38.74 -31.67
C VAL F 4 -5.22 -39.89 -31.84
N ASP F 5 -4.70 -41.07 -32.14
CA ASP F 5 -5.53 -42.25 -32.39
C ASP F 5 -5.57 -43.19 -31.19
N LEU F 6 -6.68 -43.17 -30.45
CA LEU F 6 -6.81 -44.00 -29.26
C LEU F 6 -7.78 -45.16 -29.44
N SER F 7 -8.03 -45.54 -30.69
CA SER F 7 -8.90 -46.68 -30.96
C SER F 7 -8.25 -47.94 -30.44
N GLY F 8 -9.05 -48.81 -29.83
CA GLY F 8 -8.57 -50.04 -29.23
C GLY F 8 -8.17 -49.84 -27.79
N LYS F 9 -8.19 -48.60 -27.34
CA LYS F 9 -7.82 -48.28 -25.96
C LYS F 9 -9.05 -48.31 -25.06
N LYS F 10 -8.87 -48.81 -23.84
CA LYS F 10 -9.97 -48.96 -22.89
C LYS F 10 -9.78 -48.04 -21.69
N ALA F 11 -10.85 -47.34 -21.32
CA ALA F 11 -10.77 -46.32 -20.27
C ALA F 11 -11.86 -46.51 -19.22
N LEU F 12 -11.48 -46.32 -17.95
CA LEU F 12 -12.45 -46.34 -16.84
C LEU F 12 -12.51 -44.93 -16.23
N VAL F 13 -13.71 -44.37 -16.20
CA VAL F 13 -13.89 -43.02 -15.70
C VAL F 13 -14.77 -43.06 -14.45
N MET F 14 -14.24 -42.57 -13.34
CA MET F 14 -14.91 -42.69 -12.05
C MET F 14 -15.20 -41.33 -11.42
N GLY F 15 -16.39 -41.21 -10.82
CA GLY F 15 -16.77 -39.99 -10.13
C GLY F 15 -17.60 -39.02 -10.94
N VAL F 16 -18.02 -39.43 -12.14
CA VAL F 16 -18.83 -38.57 -13.00
C VAL F 16 -20.31 -38.69 -12.66
N THR F 17 -20.94 -37.55 -12.33
CA THR F 17 -22.35 -37.54 -11.98
C THR F 17 -23.17 -36.61 -12.88
N ASN F 18 -22.48 -35.72 -13.58
CA ASN F 18 -23.15 -34.76 -14.47
C ASN F 18 -22.32 -34.50 -15.72
N GLN F 19 -22.98 -34.03 -16.77
CA GLN F 19 -22.32 -33.72 -18.04
C GLN F 19 -21.49 -32.46 -17.93
N ARG F 20 -21.80 -31.62 -16.95
CA ARG F 20 -21.07 -30.37 -16.72
C ARG F 20 -19.91 -30.55 -15.73
N SER F 21 -19.43 -31.78 -15.58
CA SER F 21 -18.28 -32.04 -14.72
C SER F 21 -17.01 -32.07 -15.54
N LEU F 22 -15.88 -31.93 -14.87
CA LEU F 22 -14.58 -32.00 -15.51
C LEU F 22 -14.25 -33.43 -15.90
N GLY F 23 -14.73 -34.38 -15.09
CA GLY F 23 -14.54 -35.80 -15.38
C GLY F 23 -15.19 -36.21 -16.68
N PHE F 24 -16.39 -35.70 -16.92
CA PHE F 24 -17.13 -35.99 -18.16
C PHE F 24 -16.39 -35.45 -19.39
N ALA F 25 -15.86 -34.24 -19.25
CA ALA F 25 -15.14 -33.59 -20.34
C ALA F 25 -13.95 -34.44 -20.79
N ILE F 26 -13.24 -35.02 -19.84
CA ILE F 26 -12.10 -35.87 -20.15
C ILE F 26 -12.59 -37.12 -20.88
N ALA F 27 -13.62 -37.76 -20.33
CA ALA F 27 -14.24 -38.91 -20.98
C ALA F 27 -14.68 -38.62 -22.42
N ALA F 28 -15.33 -37.46 -22.61
CA ALA F 28 -15.78 -37.03 -23.92
C ALA F 28 -14.62 -36.99 -24.91
N LYS F 29 -13.54 -36.31 -24.51
CA LYS F 29 -12.35 -36.19 -25.33
C LYS F 29 -11.69 -37.53 -25.63
N LEU F 30 -11.70 -38.43 -24.65
CA LEU F 30 -11.16 -39.77 -24.87
C LEU F 30 -12.01 -40.52 -25.89
N LYS F 31 -13.32 -40.35 -25.80
CA LYS F 31 -14.23 -40.99 -26.74
C LYS F 31 -13.96 -40.44 -28.13
N GLU F 32 -13.89 -39.12 -28.22
CA GLU F 32 -13.60 -38.42 -29.47
C GLU F 32 -12.30 -38.93 -30.11
N ALA F 33 -11.32 -39.26 -29.28
CA ALA F 33 -10.04 -39.76 -29.75
C ALA F 33 -10.08 -41.24 -30.18
N GLY F 34 -11.16 -41.94 -29.84
CA GLY F 34 -11.38 -43.30 -30.33
C GLY F 34 -11.46 -44.38 -29.26
N ALA F 35 -11.32 -43.98 -28.00
CA ALA F 35 -11.28 -44.96 -26.91
C ALA F 35 -12.68 -45.43 -26.50
N GLU F 36 -12.75 -46.63 -25.96
CA GLU F 36 -14.00 -47.13 -25.36
C GLU F 36 -13.98 -46.75 -23.87
N VAL F 37 -15.10 -46.23 -23.37
CA VAL F 37 -15.16 -45.78 -21.99
C VAL F 37 -16.11 -46.60 -21.14
N ALA F 38 -15.73 -46.84 -19.89
CA ALA F 38 -16.61 -47.44 -18.90
C ALA F 38 -16.80 -46.44 -17.77
N LEU F 39 -18.06 -46.11 -17.47
CA LEU F 39 -18.38 -45.22 -16.36
C LEU F 39 -18.71 -46.02 -15.10
N SER F 40 -18.26 -45.53 -13.97
CA SER F 40 -18.68 -46.07 -12.70
C SER F 40 -19.71 -45.12 -12.12
N TYR F 41 -20.64 -45.66 -11.33
CA TYR F 41 -21.59 -44.83 -10.61
C TYR F 41 -21.72 -45.36 -9.19
N GLN F 42 -22.07 -44.48 -8.26
CA GLN F 42 -21.96 -44.82 -6.84
C GLN F 42 -22.97 -45.86 -6.38
N ALA F 43 -24.25 -45.64 -6.70
CA ALA F 43 -25.33 -46.48 -6.23
C ALA F 43 -26.41 -46.70 -7.31
N GLU F 44 -27.22 -47.73 -7.12
CA GLU F 44 -28.21 -48.13 -8.12
C GLU F 44 -29.33 -47.11 -8.27
N ARG F 45 -29.53 -46.28 -7.26
CA ARG F 45 -30.51 -45.20 -7.36
C ARG F 45 -30.08 -44.12 -8.35
N LEU F 46 -28.82 -44.18 -8.77
CA LEU F 46 -28.27 -43.19 -9.69
C LEU F 46 -28.11 -43.72 -11.12
N ARG F 47 -28.57 -44.95 -11.34
CA ARG F 47 -28.51 -45.60 -12.65
C ARG F 47 -29.11 -44.77 -13.79
N PRO F 48 -30.32 -44.21 -13.60
CA PRO F 48 -30.89 -43.35 -14.63
C PRO F 48 -29.97 -42.20 -15.03
N GLU F 49 -29.35 -41.55 -14.06
CA GLU F 49 -28.41 -40.46 -14.34
C GLU F 49 -27.17 -40.96 -15.07
N ALA F 50 -26.70 -42.14 -14.68
CA ALA F 50 -25.55 -42.78 -15.33
C ALA F 50 -25.85 -43.20 -16.76
N GLU F 51 -27.09 -43.61 -17.02
CA GLU F 51 -27.48 -44.00 -18.36
C GLU F 51 -27.53 -42.79 -19.31
N LYS F 52 -28.01 -41.66 -18.80
CA LYS F 52 -28.03 -40.41 -19.57
C LYS F 52 -26.61 -39.96 -19.92
N LEU F 53 -25.66 -40.17 -19.01
CA LEU F 53 -24.26 -39.86 -19.26
C LEU F 53 -23.64 -40.78 -20.30
N ALA F 54 -23.98 -42.07 -20.24
CA ALA F 54 -23.49 -43.05 -21.21
C ALA F 54 -24.00 -42.69 -22.61
N GLU F 55 -25.27 -42.31 -22.69
CA GLU F 55 -25.88 -41.90 -23.96
C GLU F 55 -25.20 -40.65 -24.50
N ALA F 56 -24.93 -39.69 -23.62
CA ALA F 56 -24.27 -38.43 -24.00
C ALA F 56 -22.84 -38.64 -24.51
N LEU F 57 -22.19 -39.72 -24.07
CA LEU F 57 -20.86 -40.08 -24.55
C LEU F 57 -20.93 -40.89 -25.84
N GLY F 58 -22.14 -41.19 -26.28
CA GLY F 58 -22.35 -41.96 -27.49
C GLY F 58 -22.14 -43.43 -27.20
N GLY F 59 -22.49 -43.85 -26.00
CA GLY F 59 -22.34 -45.25 -25.61
C GLY F 59 -21.19 -45.44 -24.63
N ALA F 60 -21.48 -46.12 -23.52
CA ALA F 60 -20.48 -46.42 -22.51
C ALA F 60 -20.98 -47.52 -21.58
N LEU F 61 -20.07 -48.41 -21.20
CA LEU F 61 -20.36 -49.42 -20.20
C LEU F 61 -20.61 -48.78 -18.84
N LEU F 62 -21.48 -49.40 -18.05
CA LEU F 62 -21.77 -48.90 -16.71
C LEU F 62 -21.44 -49.95 -15.64
N PHE F 63 -20.91 -49.48 -14.51
CA PHE F 63 -20.64 -50.37 -13.37
C PHE F 63 -20.96 -49.64 -12.09
N ARG F 64 -21.62 -50.33 -11.16
CA ARG F 64 -21.91 -49.77 -9.85
C ARG F 64 -20.77 -50.06 -8.88
N ALA F 65 -20.30 -49.02 -8.19
CA ALA F 65 -19.34 -49.18 -7.10
C ALA F 65 -19.24 -47.94 -6.24
N ASP F 66 -19.40 -48.13 -4.93
CA ASP F 66 -19.15 -47.08 -3.95
C ASP F 66 -17.70 -47.18 -3.52
N VAL F 67 -16.94 -46.10 -3.70
CA VAL F 67 -15.48 -46.14 -3.51
C VAL F 67 -15.02 -46.32 -2.07
N THR F 68 -15.95 -46.32 -1.12
CA THR F 68 -15.63 -46.57 0.29
C THR F 68 -15.81 -48.05 0.61
N GLN F 69 -16.30 -48.81 -0.36
CA GLN F 69 -16.55 -50.25 -0.17
C GLN F 69 -15.59 -51.09 -0.99
N ASP F 70 -14.59 -51.66 -0.32
CA ASP F 70 -13.55 -52.47 -0.97
C ASP F 70 -14.13 -53.63 -1.79
N GLU F 71 -15.15 -54.29 -1.24
CA GLU F 71 -15.81 -55.40 -1.93
C GLU F 71 -16.36 -54.99 -3.30
N GLU F 72 -17.02 -53.84 -3.36
CA GLU F 72 -17.60 -53.33 -4.60
C GLU F 72 -16.55 -52.93 -5.63
N LEU F 73 -15.43 -52.40 -5.16
CA LEU F 73 -14.32 -52.06 -6.05
C LEU F 73 -13.68 -53.31 -6.63
N ASP F 74 -13.64 -54.39 -5.86
CA ASP F 74 -13.16 -55.67 -6.37
C ASP F 74 -14.08 -56.17 -7.47
N ALA F 75 -15.38 -56.00 -7.26
CA ALA F 75 -16.38 -56.43 -8.22
C ALA F 75 -16.32 -55.61 -9.50
N LEU F 76 -16.14 -54.29 -9.36
CA LEU F 76 -16.07 -53.39 -10.50
C LEU F 76 -14.86 -53.70 -11.37
N PHE F 77 -13.72 -53.94 -10.73
CA PHE F 77 -12.53 -54.27 -11.51
C PHE F 77 -12.55 -55.66 -12.14
N ALA F 78 -13.30 -56.57 -11.52
CA ALA F 78 -13.56 -57.88 -12.10
C ALA F 78 -14.47 -57.73 -13.33
N GLY F 79 -15.47 -56.87 -13.20
CA GLY F 79 -16.39 -56.59 -14.31
C GLY F 79 -15.71 -55.86 -15.46
N VAL F 80 -14.81 -54.95 -15.14
CA VAL F 80 -14.00 -54.25 -16.14
C VAL F 80 -13.06 -55.22 -16.85
N LYS F 81 -12.42 -56.11 -16.08
CA LYS F 81 -11.54 -57.14 -16.66
C LYS F 81 -12.31 -58.03 -17.63
N GLU F 82 -13.47 -58.54 -17.19
CA GLU F 82 -14.26 -59.44 -18.03
C GLU F 82 -14.69 -58.75 -19.33
N ALA F 83 -15.06 -57.48 -19.22
CA ALA F 83 -15.60 -56.75 -20.37
C ALA F 83 -14.53 -56.21 -21.32
N PHE F 84 -13.34 -55.92 -20.79
CA PHE F 84 -12.29 -55.26 -21.58
C PHE F 84 -11.04 -56.11 -21.78
N GLY F 85 -10.77 -57.02 -20.85
CA GLY F 85 -9.54 -57.83 -20.93
C GLY F 85 -8.37 -57.17 -20.21
N GLY F 86 -8.20 -55.87 -20.45
CA GLY F 86 -7.23 -55.06 -19.71
C GLY F 86 -7.75 -53.63 -19.58
N LEU F 87 -6.86 -52.72 -19.23
CA LEU F 87 -7.25 -51.32 -19.13
C LEU F 87 -6.10 -50.44 -19.60
N ASP F 88 -6.42 -49.31 -20.20
CA ASP F 88 -5.40 -48.35 -20.59
C ASP F 88 -5.44 -47.12 -19.71
N TYR F 89 -6.62 -46.56 -19.51
CA TYR F 89 -6.75 -45.30 -18.80
C TYR F 89 -7.72 -45.37 -17.64
N LEU F 90 -7.37 -44.67 -16.57
CA LEU F 90 -8.26 -44.50 -15.45
C LEU F 90 -8.37 -43.02 -15.13
N VAL F 91 -9.58 -42.49 -15.18
CA VAL F 91 -9.80 -41.10 -14.80
C VAL F 91 -10.45 -41.05 -13.43
N HIS F 92 -9.75 -40.40 -12.50
CA HIS F 92 -10.22 -40.27 -11.13
C HIS F 92 -10.81 -38.88 -10.91
N ALA F 93 -12.13 -38.77 -10.98
CA ALA F 93 -12.78 -37.46 -10.82
C ALA F 93 -13.69 -37.45 -9.60
N ILE F 94 -13.35 -38.28 -8.62
CA ILE F 94 -14.09 -38.40 -7.37
C ILE F 94 -13.63 -37.34 -6.38
N ALA F 95 -14.59 -36.59 -5.85
CA ALA F 95 -14.32 -35.55 -4.87
C ALA F 95 -15.58 -35.32 -4.03
N PHE F 96 -15.44 -35.47 -2.72
CA PHE F 96 -16.56 -35.31 -1.81
C PHE F 96 -16.09 -34.92 -0.41
N ALA F 97 -16.84 -34.03 0.22
CA ALA F 97 -16.67 -33.69 1.62
C ALA F 97 -18.07 -33.36 2.13
N PRO F 98 -18.42 -33.85 3.33
CA PRO F 98 -19.75 -33.62 3.91
C PRO F 98 -20.07 -32.12 3.98
N ARG F 99 -21.36 -31.79 3.86
CA ARG F 99 -21.80 -30.39 3.85
C ARG F 99 -21.41 -29.63 5.11
N GLU F 100 -21.45 -30.30 6.26
CA GLU F 100 -21.09 -29.67 7.54
C GLU F 100 -19.62 -29.27 7.62
N ALA F 101 -18.76 -30.05 6.97
CA ALA F 101 -17.34 -29.74 6.94
C ALA F 101 -17.06 -28.52 6.07
N MET F 102 -17.81 -28.38 4.98
CA MET F 102 -17.60 -27.29 4.04
C MET F 102 -18.26 -25.99 4.50
N GLU F 103 -19.13 -26.07 5.49
CA GLU F 103 -19.72 -24.87 6.09
C GLU F 103 -18.99 -24.52 7.39
N GLY F 104 -18.58 -23.27 7.50
CA GLY F 104 -17.79 -22.84 8.66
C GLY F 104 -16.30 -22.95 8.45
N ARG F 105 -15.56 -23.05 9.55
CA ARG F 105 -14.09 -23.05 9.51
C ARG F 105 -13.51 -24.45 9.44
N TYR F 106 -12.34 -24.56 8.82
CA TYR F 106 -11.62 -25.81 8.74
C TYR F 106 -11.32 -26.35 10.13
N ILE F 107 -10.99 -25.46 11.05
CA ILE F 107 -10.63 -25.85 12.40
C ILE F 107 -11.80 -26.48 13.16
N ASP F 108 -13.01 -26.27 12.66
CA ASP F 108 -14.20 -26.85 13.27
C ASP F 108 -14.66 -28.14 12.61
N THR F 109 -13.85 -28.71 11.72
CA THR F 109 -14.22 -29.95 11.05
C THR F 109 -14.32 -31.05 12.08
N ARG F 110 -15.42 -31.81 12.02
CA ARG F 110 -15.60 -32.94 12.92
C ARG F 110 -14.78 -34.13 12.43
N ARG F 111 -14.32 -34.95 13.37
CA ARG F 111 -13.48 -36.12 13.10
C ARG F 111 -13.97 -37.00 11.94
N GLN F 112 -15.23 -37.43 12.00
CA GLN F 112 -15.79 -38.35 11.01
C GLN F 112 -16.01 -37.70 9.64
N ASP F 113 -16.33 -36.41 9.63
CA ASP F 113 -16.48 -35.66 8.38
C ASP F 113 -15.13 -35.53 7.69
N TRP F 114 -14.13 -35.16 8.48
CA TRP F 114 -12.76 -35.01 8.01
C TRP F 114 -12.24 -36.32 7.40
N LEU F 115 -12.44 -37.43 8.09
CA LEU F 115 -11.92 -38.71 7.61
C LEU F 115 -12.65 -39.17 6.35
N LEU F 116 -13.95 -38.91 6.29
CA LEU F 116 -14.76 -39.29 5.13
C LEU F 116 -14.33 -38.52 3.89
N ALA F 117 -14.11 -37.22 4.07
CA ALA F 117 -13.65 -36.37 2.98
C ALA F 117 -12.33 -36.89 2.40
N LEU F 118 -11.39 -37.20 3.29
CA LEU F 118 -10.14 -37.79 2.86
C LEU F 118 -10.29 -39.19 2.27
N GLU F 119 -11.21 -39.98 2.81
CA GLU F 119 -11.44 -41.33 2.30
C GLU F 119 -11.94 -41.32 0.86
N VAL F 120 -12.97 -40.52 0.60
CA VAL F 120 -13.59 -40.47 -0.72
C VAL F 120 -12.71 -39.71 -1.71
N SER F 121 -12.09 -38.62 -1.25
CA SER F 121 -11.35 -37.75 -2.16
C SER F 121 -9.89 -38.11 -2.39
N ALA F 122 -9.25 -38.75 -1.43
CA ALA F 122 -7.82 -39.06 -1.55
C ALA F 122 -7.52 -40.55 -1.58
N TYR F 123 -7.96 -41.28 -0.55
CA TYR F 123 -7.70 -42.72 -0.48
C TYR F 123 -8.28 -43.50 -1.67
N SER F 124 -9.39 -43.02 -2.20
CA SER F 124 -10.02 -43.70 -3.33
C SER F 124 -9.08 -43.83 -4.51
N LEU F 125 -8.14 -42.90 -4.65
CA LEU F 125 -7.14 -42.98 -5.71
C LEU F 125 -6.23 -44.17 -5.49
N VAL F 126 -5.80 -44.37 -4.25
CA VAL F 126 -4.95 -45.50 -3.91
C VAL F 126 -5.70 -46.80 -4.15
N ALA F 127 -6.95 -46.85 -3.68
CA ALA F 127 -7.77 -48.05 -3.76
C ALA F 127 -8.03 -48.47 -5.21
N VAL F 128 -8.28 -47.52 -6.10
CA VAL F 128 -8.55 -47.89 -7.49
C VAL F 128 -7.26 -48.14 -8.27
N ALA F 129 -6.15 -47.54 -7.82
CA ALA F 129 -4.87 -47.73 -8.49
C ALA F 129 -4.32 -49.13 -8.25
N ARG F 130 -4.52 -49.65 -7.03
CA ARG F 130 -4.04 -50.98 -6.69
C ARG F 130 -4.77 -52.04 -7.50
N ARG F 131 -6.07 -51.83 -7.66
CA ARG F 131 -6.91 -52.76 -8.41
C ARG F 131 -6.73 -52.60 -9.91
N ALA F 132 -6.38 -51.40 -10.36
CA ALA F 132 -6.12 -51.14 -11.77
C ALA F 132 -4.75 -51.66 -12.21
N GLU F 133 -3.80 -51.68 -11.29
CA GLU F 133 -2.43 -52.08 -11.61
C GLU F 133 -2.30 -53.37 -12.45
N PRO F 134 -2.95 -54.47 -12.02
CA PRO F 134 -2.78 -55.70 -12.81
C PRO F 134 -3.46 -55.67 -14.19
N LEU F 135 -4.42 -54.75 -14.36
CA LEU F 135 -5.13 -54.62 -15.63
C LEU F 135 -4.45 -53.67 -16.60
N LEU F 136 -3.64 -52.78 -16.06
CA LEU F 136 -3.05 -51.70 -16.86
C LEU F 136 -1.94 -52.16 -17.81
N ARG F 137 -2.05 -51.76 -19.07
CA ARG F 137 -1.09 -52.14 -20.11
C ARG F 137 0.01 -51.11 -20.20
N GLU F 138 1.12 -51.48 -20.84
CA GLU F 138 2.22 -50.55 -21.08
C GLU F 138 1.71 -49.31 -21.81
N GLY F 139 2.18 -48.14 -21.40
CA GLY F 139 1.71 -46.87 -21.96
C GLY F 139 0.43 -46.41 -21.30
N GLY F 140 -0.04 -47.18 -20.32
CA GLY F 140 -1.25 -46.87 -19.58
C GLY F 140 -1.09 -45.72 -18.62
N GLY F 141 -2.20 -45.17 -18.14
CA GLY F 141 -2.13 -43.97 -17.33
C GLY F 141 -3.29 -43.71 -16.41
N ILE F 142 -3.00 -43.04 -15.30
CA ILE F 142 -4.03 -42.60 -14.38
C ILE F 142 -3.95 -41.08 -14.27
N VAL F 143 -5.10 -40.42 -14.38
CA VAL F 143 -5.17 -38.99 -14.20
C VAL F 143 -6.22 -38.64 -13.14
N THR F 144 -5.95 -37.62 -12.34
CA THR F 144 -6.91 -37.16 -11.35
C THR F 144 -7.06 -35.64 -11.39
N LEU F 145 -8.03 -35.14 -10.65
CA LEU F 145 -8.33 -33.72 -10.66
C LEU F 145 -8.03 -33.09 -9.31
N THR F 146 -7.45 -31.90 -9.34
CA THR F 146 -7.13 -31.21 -8.10
C THR F 146 -7.29 -29.72 -8.31
N TYR F 147 -7.11 -28.94 -7.23
CA TYR F 147 -7.09 -27.50 -7.37
CA TYR F 147 -7.21 -27.49 -7.27
C TYR F 147 -6.10 -26.80 -6.46
N TYR F 148 -5.84 -25.55 -6.83
CA TYR F 148 -4.87 -24.66 -6.25
C TYR F 148 -4.91 -24.53 -4.71
N ALA F 149 -6.10 -24.72 -4.13
CA ALA F 149 -6.28 -24.64 -2.68
C ALA F 149 -5.40 -25.61 -1.88
N SER F 150 -4.87 -26.63 -2.55
CA SER F 150 -3.94 -27.57 -1.92
C SER F 150 -2.64 -26.90 -1.47
N GLU F 151 -2.16 -25.96 -2.27
CA GLU F 151 -0.90 -25.27 -2.00
C GLU F 151 -1.08 -23.91 -1.32
N LYS F 152 -2.18 -23.22 -1.64
CA LYS F 152 -2.44 -21.88 -1.08
C LYS F 152 -3.80 -21.83 -0.41
N VAL F 153 -3.93 -21.01 0.63
CA VAL F 153 -5.19 -20.95 1.36
C VAL F 153 -6.28 -20.26 0.55
N VAL F 154 -7.27 -21.05 0.17
CA VAL F 154 -8.50 -20.53 -0.43
C VAL F 154 -9.60 -20.78 0.60
N PRO F 155 -10.08 -19.70 1.23
CA PRO F 155 -11.07 -19.79 2.31
C PRO F 155 -12.37 -20.44 1.83
N LYS F 156 -13.02 -21.18 2.71
CA LYS F 156 -14.29 -21.87 2.39
C LYS F 156 -14.06 -23.13 1.56
N TYR F 157 -12.80 -23.44 1.27
CA TYR F 157 -12.46 -24.72 0.67
C TYR F 157 -12.24 -25.80 1.73
N ASN F 158 -11.84 -25.35 2.91
CA ASN F 158 -11.71 -26.22 4.07
C ASN F 158 -11.02 -27.57 3.79
N VAL F 159 -11.65 -28.66 4.24
CA VAL F 159 -11.02 -29.98 4.19
C VAL F 159 -10.72 -30.49 2.78
N MET F 160 -11.43 -29.96 1.78
CA MET F 160 -11.16 -30.36 0.41
C MET F 160 -9.73 -30.00 0.00
N ALA F 161 -9.23 -28.89 0.52
CA ALA F 161 -7.88 -28.42 0.22
C ALA F 161 -6.87 -29.41 0.74
N ILE F 162 -7.14 -29.91 1.94
CA ILE F 162 -6.30 -30.88 2.61
C ILE F 162 -6.35 -32.18 1.85
N ALA F 163 -7.57 -32.59 1.48
CA ALA F 163 -7.74 -33.81 0.71
C ALA F 163 -6.96 -33.71 -0.60
N LYS F 164 -7.02 -32.56 -1.26
CA LYS F 164 -6.29 -32.38 -2.50
C LYS F 164 -4.78 -32.45 -2.31
N ALA F 165 -4.30 -31.98 -1.16
CA ALA F 165 -2.88 -32.03 -0.86
C ALA F 165 -2.43 -33.48 -0.66
N ALA F 166 -3.27 -34.26 0.01
CA ALA F 166 -3.04 -35.68 0.20
C ALA F 166 -3.13 -36.40 -1.14
N LEU F 167 -4.01 -35.90 -2.01
CA LEU F 167 -4.21 -36.48 -3.33
C LEU F 167 -2.98 -36.29 -4.21
N GLU F 168 -2.42 -35.09 -4.21
CA GLU F 168 -1.27 -34.79 -5.05
C GLU F 168 -0.02 -35.55 -4.61
N ALA F 169 0.14 -35.69 -3.30
CA ALA F 169 1.24 -36.46 -2.75
C ALA F 169 1.08 -37.92 -3.13
N SER F 170 -0.17 -38.39 -3.15
CA SER F 170 -0.45 -39.77 -3.56
C SER F 170 -0.07 -39.97 -5.02
N VAL F 171 -0.41 -38.99 -5.85
CA VAL F 171 -0.03 -39.02 -7.27
C VAL F 171 1.47 -39.22 -7.43
N ARG F 172 2.27 -38.51 -6.65
CA ARG F 172 3.73 -38.64 -6.74
C ARG F 172 4.22 -40.05 -6.38
N TYR F 173 3.76 -40.56 -5.24
CA TYR F 173 4.15 -41.89 -4.76
C TYR F 173 3.65 -42.98 -5.70
N LEU F 174 2.43 -42.81 -6.22
CA LEU F 174 1.87 -43.76 -7.17
C LEU F 174 2.62 -43.75 -8.49
N ALA F 175 3.11 -42.58 -8.89
CA ALA F 175 3.89 -42.47 -10.13
C ALA F 175 5.20 -43.22 -10.00
N TYR F 176 5.80 -43.14 -8.81
CA TYR F 176 7.04 -43.85 -8.53
C TYR F 176 6.83 -45.35 -8.53
N GLU F 177 5.74 -45.80 -7.88
CA GLU F 177 5.49 -47.22 -7.72
C GLU F 177 4.97 -47.91 -8.99
N LEU F 178 4.14 -47.21 -9.76
CA LEU F 178 3.54 -47.79 -10.96
C LEU F 178 4.37 -47.54 -12.23
N GLY F 179 5.38 -46.69 -12.10
CA GLY F 179 6.27 -46.34 -13.22
C GLY F 179 7.00 -47.48 -13.91
N PRO F 180 7.67 -48.37 -13.15
CA PRO F 180 8.43 -49.46 -13.75
C PRO F 180 7.60 -50.33 -14.69
N LYS F 181 6.29 -50.43 -14.44
CA LYS F 181 5.40 -51.19 -15.33
C LYS F 181 4.83 -50.36 -16.48
N GLY F 182 5.42 -49.20 -16.73
CA GLY F 182 5.02 -48.36 -17.86
C GLY F 182 3.75 -47.56 -17.64
N VAL F 183 3.35 -47.42 -16.39
CA VAL F 183 2.14 -46.68 -16.06
C VAL F 183 2.47 -45.28 -15.53
N ARG F 184 1.78 -44.27 -16.05
CA ARG F 184 2.02 -42.90 -15.62
C ARG F 184 0.88 -42.42 -14.73
N VAL F 185 1.20 -41.56 -13.77
CA VAL F 185 0.19 -40.98 -12.90
C VAL F 185 0.40 -39.47 -12.84
N ASN F 186 -0.66 -38.72 -13.10
CA ASN F 186 -0.59 -37.26 -13.13
C ASN F 186 -1.84 -36.65 -12.56
N ALA F 187 -1.77 -35.37 -12.25
CA ALA F 187 -2.92 -34.65 -11.73
C ALA F 187 -3.12 -33.39 -12.53
N ILE F 188 -4.38 -33.05 -12.78
CA ILE F 188 -4.75 -31.82 -13.46
C ILE F 188 -5.27 -30.81 -12.45
N SER F 189 -4.57 -29.70 -12.29
CA SER F 189 -5.06 -28.64 -11.42
C SER F 189 -5.92 -27.65 -12.19
N ALA F 190 -7.22 -27.85 -12.13
CA ALA F 190 -8.13 -27.03 -12.93
C ALA F 190 -8.56 -25.77 -12.19
N GLY F 191 -8.65 -24.65 -12.90
CA GLY F 191 -9.30 -23.45 -12.36
C GLY F 191 -10.80 -23.67 -12.26
N PRO F 192 -11.52 -22.73 -11.64
CA PRO F 192 -12.96 -22.85 -11.40
C PRO F 192 -13.79 -22.93 -12.70
N TYR F 208 -15.28 -16.74 -8.97
CA TYR F 208 -15.42 -16.96 -10.41
C TYR F 208 -15.18 -15.64 -11.16
N ASP F 209 -15.77 -14.57 -10.65
CA ASP F 209 -15.55 -13.24 -11.24
C ASP F 209 -14.19 -12.70 -10.82
N ARG F 210 -13.69 -13.18 -9.69
CA ARG F 210 -12.39 -12.78 -9.19
C ARG F 210 -11.25 -13.41 -9.99
N VAL F 211 -11.48 -14.61 -10.52
CA VAL F 211 -10.46 -15.29 -11.32
C VAL F 211 -10.28 -14.62 -12.69
N ALA F 212 -11.41 -14.28 -13.32
CA ALA F 212 -11.40 -13.65 -14.65
C ALA F 212 -10.74 -12.27 -14.65
N GLN F 213 -10.76 -11.59 -13.51
CA GLN F 213 -10.13 -10.28 -13.41
C GLN F 213 -8.63 -10.39 -13.13
N THR F 214 -8.22 -11.43 -12.39
CA THR F 214 -6.83 -11.56 -11.97
C THR F 214 -5.98 -12.41 -12.92
N ALA F 215 -6.58 -13.41 -13.55
CA ALA F 215 -5.85 -14.32 -14.43
C ALA F 215 -5.24 -13.61 -15.62
N PRO F 216 -4.00 -14.01 -15.99
CA PRO F 216 -3.30 -13.51 -17.18
C PRO F 216 -4.14 -13.52 -18.44
N LEU F 217 -4.97 -14.54 -18.64
CA LEU F 217 -5.80 -14.62 -19.83
C LEU F 217 -7.07 -13.78 -19.74
N ARG F 218 -7.33 -13.23 -18.55
CA ARG F 218 -8.50 -12.39 -18.28
C ARG F 218 -9.84 -13.09 -18.56
N ARG F 219 -9.87 -14.39 -18.30
CA ARG F 219 -11.08 -15.19 -18.41
C ARG F 219 -10.95 -16.46 -17.60
N ASN F 220 -12.06 -17.16 -17.43
CA ASN F 220 -12.06 -18.47 -16.82
C ASN F 220 -11.77 -19.53 -17.88
N ILE F 221 -11.35 -20.70 -17.45
CA ILE F 221 -11.12 -21.79 -18.36
C ILE F 221 -12.46 -22.46 -18.66
N THR F 222 -12.47 -23.32 -19.67
CA THR F 222 -13.68 -24.07 -20.03
C THR F 222 -13.52 -25.55 -19.68
N GLN F 223 -14.64 -26.26 -19.69
CA GLN F 223 -14.64 -27.69 -19.47
C GLN F 223 -13.79 -28.41 -20.51
N GLU F 224 -13.86 -27.93 -21.75
CA GLU F 224 -13.15 -28.55 -22.86
C GLU F 224 -11.64 -28.41 -22.69
N GLU F 225 -11.21 -27.30 -22.09
CA GLU F 225 -9.79 -27.05 -21.88
C GLU F 225 -9.19 -28.04 -20.88
N VAL F 226 -9.94 -28.36 -19.84
CA VAL F 226 -9.57 -29.44 -18.93
C VAL F 226 -9.61 -30.78 -19.67
N GLY F 227 -10.64 -30.99 -20.48
CA GLY F 227 -10.74 -32.21 -21.28
C GLY F 227 -9.51 -32.47 -22.15
N ASN F 228 -9.06 -31.43 -22.84
CA ASN F 228 -7.92 -31.53 -23.74
C ASN F 228 -6.63 -31.91 -23.03
N LEU F 229 -6.44 -31.38 -21.82
CA LEU F 229 -5.27 -31.69 -21.03
C LEU F 229 -5.32 -33.13 -20.54
N GLY F 230 -6.50 -33.56 -20.11
CA GLY F 230 -6.71 -34.94 -19.69
C GLY F 230 -6.35 -35.88 -20.82
N LEU F 231 -6.86 -35.57 -22.01
CA LEU F 231 -6.59 -36.36 -23.21
C LEU F 231 -5.09 -36.41 -23.48
N PHE F 232 -4.45 -35.25 -23.45
CA PHE F 232 -3.03 -35.15 -23.72
C PHE F 232 -2.21 -36.02 -22.78
N LEU F 233 -2.48 -35.89 -21.49
CA LEU F 233 -1.73 -36.60 -20.47
C LEU F 233 -1.84 -38.11 -20.61
N LEU F 234 -3.01 -38.59 -21.00
CA LEU F 234 -3.24 -40.01 -21.14
C LEU F 234 -2.70 -40.53 -22.47
N SER F 235 -2.64 -39.65 -23.47
CA SER F 235 -2.18 -40.06 -24.80
C SER F 235 -0.67 -40.31 -24.85
N PRO F 236 -0.21 -41.03 -25.88
CA PRO F 236 1.23 -41.28 -26.07
C PRO F 236 2.06 -40.02 -26.29
N LEU F 237 1.40 -38.88 -26.54
CA LEU F 237 2.09 -37.60 -26.70
C LEU F 237 2.73 -37.13 -25.40
N ALA F 238 2.25 -37.64 -24.27
CA ALA F 238 2.81 -37.25 -22.99
C ALA F 238 3.58 -38.40 -22.35
N SER F 239 4.18 -39.26 -23.18
CA SER F 239 4.80 -40.50 -22.68
C SER F 239 5.98 -40.29 -21.74
N GLY F 240 6.50 -39.07 -21.66
CA GLY F 240 7.60 -38.77 -20.75
C GLY F 240 7.20 -37.98 -19.51
N ILE F 241 5.89 -37.80 -19.33
CA ILE F 241 5.35 -36.96 -18.27
C ILE F 241 4.63 -37.78 -17.21
N THR F 242 5.17 -37.81 -16.00
CA THR F 242 4.54 -38.55 -14.89
C THR F 242 4.80 -37.90 -13.53
N GLY F 243 3.91 -38.15 -12.57
CA GLY F 243 4.00 -37.55 -11.24
C GLY F 243 3.81 -36.02 -11.22
N GLU F 244 3.29 -35.47 -12.31
CA GLU F 244 3.12 -34.02 -12.43
C GLU F 244 1.78 -33.52 -11.93
N VAL F 245 1.75 -32.24 -11.56
CA VAL F 245 0.50 -31.51 -11.36
C VAL F 245 0.47 -30.38 -12.38
N VAL F 246 -0.35 -30.54 -13.42
CA VAL F 246 -0.40 -29.54 -14.51
C VAL F 246 -1.58 -28.59 -14.32
N TYR F 247 -1.31 -27.29 -14.38
CA TYR F 247 -2.33 -26.26 -14.18
C TYR F 247 -3.02 -25.84 -15.46
N VAL F 248 -4.35 -25.98 -15.48
CA VAL F 248 -5.21 -25.38 -16.51
C VAL F 248 -6.05 -24.36 -15.78
N ASP F 249 -5.52 -23.16 -15.62
CA ASP F 249 -6.24 -22.17 -14.83
C ASP F 249 -6.10 -20.78 -15.41
N ALA F 250 -5.78 -20.72 -16.71
CA ALA F 250 -5.62 -19.45 -17.44
C ALA F 250 -4.48 -18.62 -16.86
N GLY F 251 -3.57 -19.30 -16.16
CA GLY F 251 -2.42 -18.66 -15.51
C GLY F 251 -2.69 -18.11 -14.13
N TYR F 252 -3.93 -18.21 -13.66
CA TYR F 252 -4.32 -17.57 -12.40
C TYR F 252 -3.35 -17.80 -11.23
N HIS F 253 -2.90 -19.05 -11.05
CA HIS F 253 -2.16 -19.42 -9.86
C HIS F 253 -0.75 -18.84 -9.79
N ILE F 254 -0.24 -18.35 -10.92
CA ILE F 254 1.06 -17.69 -10.94
C ILE F 254 1.01 -16.26 -10.35
N MET F 255 -0.18 -15.72 -10.14
CA MET F 255 -0.33 -14.34 -9.65
C MET F 255 -0.11 -14.22 -8.15
N GLY F 256 0.57 -13.17 -7.73
CA GLY F 256 0.78 -12.89 -6.31
C GLY F 256 -0.29 -11.98 -5.73
N MET F 257 -1.24 -11.56 -6.56
CA MET F 257 -2.25 -10.60 -6.16
C MET F 257 -3.66 -11.16 -6.30
N MET G 1 15.78 -18.86 30.96
CA MET G 1 16.21 -17.86 29.95
C MET G 1 17.34 -18.36 29.06
N LEU G 2 17.14 -18.29 27.75
CA LEU G 2 18.20 -18.61 26.80
C LEU G 2 18.80 -17.31 26.25
N THR G 3 20.13 -17.24 26.24
CA THR G 3 20.82 -16.05 25.77
C THR G 3 21.53 -16.27 24.43
N VAL G 4 21.46 -15.27 23.56
CA VAL G 4 22.22 -15.27 22.31
C VAL G 4 23.46 -14.37 22.47
N ASP G 5 24.61 -14.98 22.76
CA ASP G 5 25.83 -14.23 22.99
C ASP G 5 26.76 -14.26 21.79
N LEU G 6 26.82 -13.15 21.06
CA LEU G 6 27.62 -13.08 19.85
C LEU G 6 28.84 -12.17 20.02
N SER G 7 29.29 -11.98 21.26
CA SER G 7 30.48 -11.17 21.49
C SER G 7 31.70 -11.88 20.93
N GLY G 8 32.62 -11.11 20.36
CA GLY G 8 33.79 -11.67 19.71
C GLY G 8 33.53 -12.03 18.27
N LYS G 9 32.26 -11.96 17.85
CA LYS G 9 31.90 -12.25 16.46
C LYS G 9 32.02 -11.01 15.58
N LYS G 10 32.45 -11.22 14.35
CA LYS G 10 32.66 -10.12 13.42
C LYS G 10 31.69 -10.20 12.24
N ALA G 11 31.07 -9.07 11.92
CA ALA G 11 30.06 -9.04 10.87
C ALA G 11 30.36 -7.97 9.82
N LEU G 12 30.09 -8.29 8.57
CA LEU G 12 30.14 -7.31 7.48
C LEU G 12 28.73 -7.15 6.91
N VAL G 13 28.23 -5.92 6.91
CA VAL G 13 26.89 -5.63 6.44
C VAL G 13 26.95 -4.71 5.23
N MET G 14 26.42 -5.19 4.11
CA MET G 14 26.55 -4.48 2.85
C MET G 14 25.20 -4.04 2.28
N GLY G 15 25.17 -2.86 1.69
CA GLY G 15 23.98 -2.38 1.00
C GLY G 15 23.05 -1.55 1.86
N VAL G 16 23.52 -1.14 3.04
CA VAL G 16 22.71 -0.34 3.94
C VAL G 16 22.94 1.14 3.69
N THR G 17 21.87 1.84 3.33
CA THR G 17 21.96 3.27 3.03
C THR G 17 21.15 4.11 4.02
N ASN G 18 20.18 3.49 4.68
CA ASN G 18 19.28 4.20 5.58
C ASN G 18 18.98 3.39 6.83
N GLN G 19 18.62 4.07 7.92
CA GLN G 19 18.25 3.41 9.17
C GLN G 19 16.92 2.67 9.04
N ARG G 20 16.10 3.07 8.09
CA ARG G 20 14.81 2.43 7.85
C ARG G 20 14.89 1.25 6.87
N SER G 21 16.09 0.70 6.70
CA SER G 21 16.27 -0.46 5.82
C SER G 21 16.23 -1.76 6.59
N LEU G 22 15.98 -2.85 5.88
CA LEU G 22 15.96 -4.18 6.48
C LEU G 22 17.37 -4.62 6.84
N GLY G 23 18.35 -4.20 6.04
CA GLY G 23 19.75 -4.49 6.31
C GLY G 23 20.23 -3.85 7.61
N PHE G 24 19.73 -2.66 7.90
CA PHE G 24 20.11 -1.94 9.12
C PHE G 24 19.57 -2.66 10.34
N ALA G 25 18.35 -3.15 10.22
CA ALA G 25 17.66 -3.84 11.30
C ALA G 25 18.43 -5.08 11.71
N ILE G 26 18.95 -5.79 10.71
CA ILE G 26 19.74 -6.98 10.99
C ILE G 26 21.02 -6.58 11.70
N ALA G 27 21.69 -5.56 11.16
CA ALA G 27 22.91 -5.03 11.79
C ALA G 27 22.69 -4.62 13.24
N ALA G 28 21.61 -3.86 13.47
CA ALA G 28 21.23 -3.44 14.82
C ALA G 28 21.11 -4.62 15.79
N LYS G 29 20.38 -5.65 15.37
CA LYS G 29 20.19 -6.85 16.18
C LYS G 29 21.49 -7.61 16.45
N LEU G 30 22.37 -7.67 15.45
CA LEU G 30 23.68 -8.29 15.61
C LEU G 30 24.52 -7.52 16.64
N LYS G 31 24.39 -6.20 16.61
CA LYS G 31 25.09 -5.32 17.55
C LYS G 31 24.54 -5.53 18.95
N GLU G 32 23.22 -5.59 19.03
CA GLU G 32 22.54 -5.82 20.31
C GLU G 32 22.98 -7.15 20.92
N ALA G 33 23.20 -8.16 20.07
CA ALA G 33 23.62 -9.48 20.54
C ALA G 33 25.11 -9.55 20.93
N GLY G 34 25.85 -8.49 20.62
CA GLY G 34 27.25 -8.35 21.04
C GLY G 34 28.31 -8.37 19.95
N ALA G 35 27.91 -8.52 18.69
CA ALA G 35 28.88 -8.61 17.60
C ALA G 35 29.42 -7.23 17.21
N GLU G 36 30.60 -7.23 16.63
CA GLU G 36 31.16 -6.02 16.04
C GLU G 36 30.77 -6.01 14.56
N VAL G 37 30.27 -4.88 14.07
CA VAL G 37 29.84 -4.76 12.68
C VAL G 37 30.71 -3.81 11.86
N ALA G 38 30.92 -4.17 10.59
CA ALA G 38 31.52 -3.27 9.62
C ALA G 38 30.50 -2.98 8.54
N LEU G 39 30.28 -1.70 8.27
CA LEU G 39 29.39 -1.30 7.18
C LEU G 39 30.18 -0.98 5.92
N SER G 40 29.66 -1.41 4.78
CA SER G 40 30.20 -0.98 3.51
C SER G 40 29.29 0.13 2.96
N TYR G 41 29.87 1.03 2.17
CA TYR G 41 29.10 2.05 1.48
C TYR G 41 29.63 2.18 0.06
N GLN G 42 28.76 2.62 -0.85
CA GLN G 42 29.02 2.53 -2.28
C GLN G 42 30.12 3.48 -2.77
N ALA G 43 30.02 4.73 -2.38
CA ALA G 43 30.92 5.77 -2.87
C ALA G 43 31.20 6.80 -1.77
N GLU G 44 32.32 7.50 -1.90
CA GLU G 44 32.78 8.42 -0.86
C GLU G 44 31.83 9.61 -0.66
N ARG G 45 31.01 9.90 -1.66
CA ARG G 45 30.03 10.98 -1.52
C ARG G 45 28.95 10.61 -0.50
N LEU G 46 28.91 9.34 -0.13
CA LEU G 46 27.89 8.84 0.79
C LEU G 46 28.46 8.60 2.18
N ARG G 47 29.72 8.99 2.39
CA ARG G 47 30.35 8.81 3.69
C ARG G 47 29.61 9.48 4.85
N PRO G 48 29.16 10.74 4.69
CA PRO G 48 28.35 11.34 5.76
C PRO G 48 27.15 10.48 6.18
N GLU G 49 26.43 9.92 5.21
CA GLU G 49 25.30 9.04 5.52
C GLU G 49 25.77 7.79 6.22
N ALA G 50 26.90 7.25 5.76
CA ALA G 50 27.46 6.04 6.35
C ALA G 50 27.88 6.27 7.79
N GLU G 51 28.43 7.46 8.06
CA GLU G 51 28.87 7.81 9.42
C GLU G 51 27.70 7.94 10.38
N LYS G 52 26.59 8.49 9.90
CA LYS G 52 25.37 8.59 10.69
C LYS G 52 24.84 7.20 11.03
N LEU G 53 24.97 6.26 10.09
CA LEU G 53 24.53 4.87 10.31
C LEU G 53 25.41 4.17 11.34
N ALA G 54 26.72 4.40 11.26
CA ALA G 54 27.65 3.80 12.21
C ALA G 54 27.38 4.30 13.62
N GLU G 55 27.07 5.59 13.72
CA GLU G 55 26.79 6.22 15.00
C GLU G 55 25.49 5.65 15.57
N ALA G 56 24.49 5.47 14.72
CA ALA G 56 23.21 4.90 15.13
C ALA G 56 23.32 3.45 15.62
N LEU G 57 24.27 2.69 15.07
CA LEU G 57 24.52 1.34 15.52
C LEU G 57 25.32 1.31 16.81
N GLY G 58 25.73 2.49 17.26
CA GLY G 58 26.59 2.59 18.43
C GLY G 58 28.04 2.28 18.11
N GLY G 59 28.48 2.68 16.91
CA GLY G 59 29.86 2.45 16.48
C GLY G 59 29.96 1.33 15.46
N ALA G 60 30.64 1.61 14.36
CA ALA G 60 30.87 0.61 13.32
C ALA G 60 31.99 1.03 12.40
N LEU G 61 32.77 0.05 11.94
CA LEU G 61 33.78 0.28 10.91
C LEU G 61 33.13 0.60 9.57
N LEU G 62 33.78 1.46 8.80
CA LEU G 62 33.29 1.80 7.47
C LEU G 62 34.29 1.42 6.40
N PHE G 63 33.79 0.92 5.28
CA PHE G 63 34.61 0.63 4.12
C PHE G 63 33.87 1.05 2.85
N ARG G 64 34.60 1.64 1.90
CA ARG G 64 34.02 2.05 0.63
C ARG G 64 34.22 0.95 -0.40
N ALA G 65 33.13 0.54 -1.04
CA ALA G 65 33.21 -0.42 -2.16
C ALA G 65 31.95 -0.40 -3.00
N ASP G 66 32.14 -0.25 -4.31
CA ASP G 66 31.07 -0.38 -5.29
C ASP G 66 31.10 -1.83 -5.74
N VAL G 67 29.98 -2.53 -5.57
CA VAL G 67 29.91 -3.98 -5.80
C VAL G 67 30.02 -4.39 -7.28
N THR G 68 30.02 -3.43 -8.19
CA THR G 68 30.25 -3.73 -9.60
C THR G 68 31.75 -3.68 -9.93
N GLN G 69 32.56 -3.27 -8.97
CA GLN G 69 34.00 -3.11 -9.18
C GLN G 69 34.77 -4.16 -8.39
N ASP G 70 35.29 -5.15 -9.11
CA ASP G 70 36.04 -6.24 -8.49
C ASP G 70 37.25 -5.77 -7.69
N GLU G 71 37.92 -4.73 -8.17
CA GLU G 71 39.11 -4.20 -7.50
C GLU G 71 38.80 -3.65 -6.12
N GLU G 72 37.66 -2.97 -6.00
CA GLU G 72 37.24 -2.36 -4.74
C GLU G 72 36.78 -3.43 -3.74
N LEU G 73 36.18 -4.49 -4.26
CA LEU G 73 35.75 -5.60 -3.43
C LEU G 73 36.96 -6.35 -2.87
N ASP G 74 38.01 -6.47 -3.68
CA ASP G 74 39.27 -7.02 -3.18
C ASP G 74 39.82 -6.14 -2.05
N ALA G 75 39.80 -4.83 -2.26
CA ALA G 75 40.28 -3.87 -1.27
C ALA G 75 39.45 -3.89 0.01
N LEU G 76 38.13 -3.97 -0.12
CA LEU G 76 37.26 -4.01 1.04
C LEU G 76 37.52 -5.25 1.91
N PHE G 77 37.67 -6.40 1.26
CA PHE G 77 37.93 -7.64 1.99
C PHE G 77 39.34 -7.71 2.59
N ALA G 78 40.29 -7.01 1.96
CA ALA G 78 41.63 -6.86 2.52
C ALA G 78 41.59 -6.00 3.80
N GLY G 79 40.77 -4.95 3.75
CA GLY G 79 40.61 -4.05 4.88
C GLY G 79 39.86 -4.69 6.04
N VAL G 80 38.85 -5.48 5.71
CA VAL G 80 38.12 -6.28 6.70
C VAL G 80 39.05 -7.30 7.34
N LYS G 81 39.85 -7.98 6.51
CA LYS G 81 40.85 -8.93 7.02
C LYS G 81 41.82 -8.26 7.99
N GLU G 82 42.38 -7.13 7.59
CA GLU G 82 43.34 -6.43 8.43
C GLU G 82 42.71 -5.99 9.75
N ALA G 83 41.48 -5.50 9.68
CA ALA G 83 40.81 -4.98 10.86
C ALA G 83 40.22 -6.05 11.79
N PHE G 84 39.79 -7.18 11.25
CA PHE G 84 39.09 -8.21 12.04
C PHE G 84 39.84 -9.54 12.18
N GLY G 85 40.76 -9.82 11.27
CA GLY G 85 41.47 -11.10 11.29
C GLY G 85 40.69 -12.16 10.52
N GLY G 86 39.40 -12.27 10.81
CA GLY G 86 38.51 -13.16 10.10
C GLY G 86 37.13 -12.56 10.04
N LEU G 87 36.14 -13.37 9.66
CA LEU G 87 34.77 -12.89 9.57
C LEU G 87 33.83 -14.00 10.03
N ASP G 88 32.71 -13.62 10.63
CA ASP G 88 31.71 -14.60 11.03
C ASP G 88 30.46 -14.45 10.18
N TYR G 89 29.99 -13.22 10.03
CA TYR G 89 28.73 -12.99 9.35
C TYR G 89 28.88 -12.02 8.19
N LEU G 90 28.15 -12.30 7.12
CA LEU G 90 28.01 -11.35 6.04
C LEU G 90 26.52 -11.17 5.75
N VAL G 91 26.09 -9.91 5.80
CA VAL G 91 24.71 -9.58 5.48
C VAL G 91 24.68 -8.88 4.12
N HIS G 92 23.99 -9.49 3.18
CA HIS G 92 23.87 -8.96 1.83
C HIS G 92 22.51 -8.30 1.67
N ALA G 93 22.48 -6.97 1.74
CA ALA G 93 21.20 -6.25 1.64
C ALA G 93 21.23 -5.31 0.45
N ILE G 94 22.00 -5.68 -0.57
CA ILE G 94 22.13 -4.90 -1.77
C ILE G 94 21.01 -5.25 -2.76
N ALA G 95 20.33 -4.21 -3.24
CA ALA G 95 19.26 -4.38 -4.22
C ALA G 95 19.14 -3.10 -5.04
N PHE G 96 19.29 -3.24 -6.35
CA PHE G 96 19.16 -2.09 -7.26
C PHE G 96 18.70 -2.52 -8.65
N ALA G 97 17.81 -1.71 -9.22
CA ALA G 97 17.44 -1.80 -10.61
C ALA G 97 17.25 -0.36 -11.09
N PRO G 98 17.72 -0.06 -12.31
CA PRO G 98 17.57 1.29 -12.87
C PRO G 98 16.12 1.73 -12.93
N ARG G 99 15.88 3.03 -12.74
CA ARG G 99 14.52 3.58 -12.71
C ARG G 99 13.69 3.25 -13.96
N GLU G 100 14.34 3.23 -15.13
CA GLU G 100 13.64 2.96 -16.39
C GLU G 100 13.14 1.52 -16.48
N ALA G 101 13.87 0.59 -15.86
CA ALA G 101 13.49 -0.81 -15.86
C ALA G 101 12.26 -1.03 -15.00
N MET G 102 12.17 -0.27 -13.91
CA MET G 102 11.09 -0.42 -12.94
C MET G 102 9.82 0.35 -13.35
N GLU G 103 9.95 1.21 -14.35
CA GLU G 103 8.78 1.91 -14.90
C GLU G 103 8.34 1.21 -16.18
N GLY G 104 7.05 0.92 -16.28
CA GLY G 104 6.53 0.23 -17.46
C GLY G 104 6.54 -1.28 -17.29
N ARG G 105 6.59 -2.00 -18.41
CA ARG G 105 6.49 -3.47 -18.40
C ARG G 105 7.84 -4.15 -18.36
N TYR G 106 7.87 -5.36 -17.79
CA TYR G 106 9.08 -6.16 -17.75
C TYR G 106 9.58 -6.44 -19.16
N ILE G 107 8.65 -6.73 -20.07
CA ILE G 107 9.01 -7.08 -21.44
C ILE G 107 9.71 -5.94 -22.18
N ASP G 108 9.64 -4.73 -21.62
CA ASP G 108 10.26 -3.57 -22.23
C ASP G 108 11.61 -3.22 -21.61
N THR G 109 12.10 -4.06 -20.70
CA THR G 109 13.36 -3.81 -20.05
C THR G 109 14.49 -3.78 -21.09
N ARG G 110 15.28 -2.71 -21.05
CA ARG G 110 16.42 -2.57 -21.95
C ARG G 110 17.57 -3.52 -21.52
N ARG G 111 18.35 -3.95 -22.51
CA ARG G 111 19.45 -4.91 -22.31
C ARG G 111 20.39 -4.54 -21.15
N GLN G 112 20.92 -3.33 -21.18
CA GLN G 112 21.87 -2.90 -20.15
C GLN G 112 21.25 -2.64 -18.78
N ASP G 113 20.00 -2.18 -18.75
CA ASP G 113 19.28 -2.00 -17.49
C ASP G 113 19.07 -3.35 -16.82
N TRP G 114 18.59 -4.31 -17.63
CA TRP G 114 18.36 -5.67 -17.18
C TRP G 114 19.64 -6.27 -16.59
N LEU G 115 20.74 -6.12 -17.31
CA LEU G 115 22.00 -6.72 -16.86
C LEU G 115 22.52 -6.06 -15.59
N LEU G 116 22.39 -4.73 -15.52
CA LEU G 116 22.87 -3.99 -14.35
C LEU G 116 22.09 -4.38 -13.11
N ALA G 117 20.79 -4.58 -13.28
CA ALA G 117 19.91 -4.95 -12.17
C ALA G 117 20.33 -6.31 -11.62
N LEU G 118 20.58 -7.25 -12.52
CA LEU G 118 21.06 -8.56 -12.12
C LEU G 118 22.48 -8.56 -11.55
N GLU G 119 23.32 -7.67 -12.06
CA GLU G 119 24.70 -7.57 -11.60
C GLU G 119 24.78 -7.08 -10.14
N VAL G 120 24.06 -6.01 -9.84
CA VAL G 120 24.05 -5.43 -8.51
C VAL G 120 23.25 -6.28 -7.54
N SER G 121 22.14 -6.85 -8.02
CA SER G 121 21.19 -7.51 -7.12
C SER G 121 21.44 -9.00 -6.89
N ALA G 122 22.00 -9.67 -7.89
CA ALA G 122 22.25 -11.11 -7.75
C ALA G 122 23.72 -11.47 -7.76
N TYR G 123 24.46 -11.03 -8.76
CA TYR G 123 25.87 -11.41 -8.88
C TYR G 123 26.71 -10.94 -7.71
N SER G 124 26.34 -9.80 -7.14
CA SER G 124 27.10 -9.25 -6.02
C SER G 124 27.19 -10.26 -4.87
N LEU G 125 26.20 -11.13 -4.72
CA LEU G 125 26.24 -12.13 -3.66
C LEU G 125 27.35 -13.14 -3.93
N VAL G 126 27.51 -13.51 -5.19
CA VAL G 126 28.55 -14.45 -5.59
C VAL G 126 29.90 -13.77 -5.36
N ALA G 127 30.00 -12.54 -5.84
CA ALA G 127 31.21 -11.74 -5.71
C ALA G 127 31.67 -11.58 -4.27
N VAL G 128 30.76 -11.27 -3.36
CA VAL G 128 31.15 -11.07 -1.99
C VAL G 128 31.37 -12.39 -1.26
N ALA G 129 30.67 -13.44 -1.70
CA ALA G 129 30.82 -14.77 -1.09
C ALA G 129 32.19 -15.37 -1.36
N ARG G 130 32.67 -15.23 -2.59
CA ARG G 130 33.96 -15.77 -2.97
C ARG G 130 35.08 -15.15 -2.14
N ARG G 131 34.97 -13.84 -1.94
CA ARG G 131 35.98 -13.10 -1.20
C ARG G 131 35.83 -13.30 0.31
N ALA G 132 34.62 -13.60 0.76
CA ALA G 132 34.38 -13.84 2.19
C ALA G 132 34.80 -15.24 2.59
N GLU G 133 34.75 -16.17 1.64
CA GLU G 133 35.07 -17.56 1.90
C GLU G 133 36.33 -17.80 2.75
N PRO G 134 37.49 -17.24 2.33
CA PRO G 134 38.74 -17.50 3.08
C PRO G 134 38.77 -16.82 4.44
N LEU G 135 37.90 -15.83 4.65
CA LEU G 135 37.84 -15.12 5.91
C LEU G 135 36.87 -15.77 6.90
N LEU G 136 35.91 -16.51 6.38
CA LEU G 136 34.81 -17.02 7.20
C LEU G 136 35.20 -18.19 8.10
N ARG G 137 34.90 -18.05 9.38
CA ARG G 137 35.18 -19.08 10.38
C ARG G 137 34.07 -20.13 10.44
N GLU G 138 34.40 -21.28 11.02
CA GLU G 138 33.43 -22.34 11.29
C GLU G 138 32.25 -21.77 12.05
N GLY G 139 31.04 -22.14 11.63
CA GLY G 139 29.81 -21.60 12.24
C GLY G 139 29.42 -20.26 11.63
N GLY G 140 30.22 -19.80 10.66
CA GLY G 140 29.95 -18.55 9.96
C GLY G 140 28.74 -18.64 9.05
N GLY G 141 28.30 -17.49 8.53
CA GLY G 141 27.08 -17.48 7.76
C GLY G 141 26.90 -16.28 6.86
N ILE G 142 26.12 -16.47 5.80
CA ILE G 142 25.78 -15.40 4.89
C ILE G 142 24.26 -15.33 4.81
N VAL G 143 23.70 -14.14 4.97
CA VAL G 143 22.26 -13.97 4.84
C VAL G 143 21.97 -12.86 3.83
N THR G 144 20.96 -13.09 2.99
CA THR G 144 20.51 -12.08 2.04
C THR G 144 19.01 -11.85 2.12
N LEU G 145 18.53 -10.84 1.40
CA LEU G 145 17.13 -10.46 1.44
C LEU G 145 16.47 -10.66 0.09
N THR G 146 15.24 -11.15 0.10
CA THR G 146 14.51 -11.41 -1.13
C THR G 146 13.04 -11.14 -0.87
N TYR G 147 12.22 -11.28 -1.90
CA TYR G 147 10.78 -11.19 -1.69
CA TYR G 147 10.78 -11.08 -1.78
C TYR G 147 9.98 -12.06 -2.64
N TYR G 148 8.74 -12.25 -2.24
CA TYR G 148 7.76 -13.14 -2.85
C TYR G 148 7.62 -13.08 -4.37
N ALA G 149 7.81 -11.90 -4.95
CA ALA G 149 7.71 -11.69 -6.40
C ALA G 149 8.64 -12.59 -7.24
N SER G 150 9.62 -13.22 -6.59
CA SER G 150 10.53 -14.16 -7.26
C SER G 150 9.79 -15.41 -7.70
N GLU G 151 8.80 -15.82 -6.91
CA GLU G 151 8.04 -17.03 -7.17
C GLU G 151 6.69 -16.75 -7.83
N LYS G 152 6.06 -15.63 -7.48
CA LYS G 152 4.75 -15.26 -8.03
C LYS G 152 4.78 -13.89 -8.66
N VAL G 153 3.94 -13.67 -9.67
CA VAL G 153 3.94 -12.40 -10.36
C VAL G 153 3.35 -11.28 -9.51
N VAL G 154 4.20 -10.34 -9.12
CA VAL G 154 3.74 -9.12 -8.48
C VAL G 154 4.04 -7.99 -9.45
N PRO G 155 2.98 -7.36 -9.98
CA PRO G 155 3.12 -6.38 -11.05
C PRO G 155 3.93 -5.17 -10.60
N LYS G 156 4.68 -4.60 -11.54
CA LYS G 156 5.49 -3.41 -11.29
C LYS G 156 6.75 -3.71 -10.48
N TYR G 157 6.98 -4.99 -10.22
CA TYR G 157 8.25 -5.43 -9.64
C TYR G 157 9.27 -5.71 -10.71
N ASN G 158 8.79 -6.04 -11.90
CA ASN G 158 9.63 -6.21 -13.07
C ASN G 158 10.92 -6.98 -12.82
N VAL G 159 12.04 -6.42 -13.25
CA VAL G 159 13.32 -7.12 -13.24
C VAL G 159 13.84 -7.50 -11.84
N MET G 160 13.38 -6.79 -10.81
CA MET G 160 13.78 -7.11 -9.45
C MET G 160 13.30 -8.50 -9.06
N ALA G 161 12.12 -8.88 -9.54
CA ALA G 161 11.59 -10.23 -9.32
C ALA G 161 12.52 -11.28 -9.90
N ILE G 162 13.03 -10.99 -11.08
CA ILE G 162 13.91 -11.90 -11.80
C ILE G 162 15.24 -11.98 -11.06
N ALA G 163 15.74 -10.82 -10.66
CA ALA G 163 16.99 -10.76 -9.92
C ALA G 163 16.89 -11.58 -8.63
N LYS G 164 15.75 -11.46 -7.95
CA LYS G 164 15.54 -12.19 -6.70
C LYS G 164 15.46 -13.69 -6.94
N ALA G 165 14.95 -14.08 -8.11
CA ALA G 165 14.86 -15.47 -8.46
C ALA G 165 16.27 -16.02 -8.67
N ALA G 166 17.08 -15.22 -9.37
CA ALA G 166 18.50 -15.52 -9.56
C ALA G 166 19.23 -15.56 -8.21
N LEU G 167 18.83 -14.66 -7.32
CA LEU G 167 19.46 -14.56 -6.00
C LEU G 167 19.21 -15.79 -5.15
N GLU G 168 17.98 -16.31 -5.20
CA GLU G 168 17.58 -17.43 -4.35
C GLU G 168 18.22 -18.74 -4.81
N ALA G 169 18.34 -18.88 -6.13
CA ALA G 169 19.04 -20.02 -6.71
C ALA G 169 20.53 -19.95 -6.38
N SER G 170 21.08 -18.74 -6.33
CA SER G 170 22.47 -18.53 -5.94
C SER G 170 22.67 -18.93 -4.48
N VAL G 171 21.72 -18.59 -3.64
CA VAL G 171 21.76 -18.97 -2.22
C VAL G 171 21.86 -20.49 -2.06
N ARG G 172 21.13 -21.23 -2.88
CA ARG G 172 21.14 -22.70 -2.81
C ARG G 172 22.51 -23.28 -3.19
N TYR G 173 23.01 -22.85 -4.35
CA TYR G 173 24.31 -23.28 -4.83
C TYR G 173 25.47 -22.85 -3.93
N LEU G 174 25.39 -21.64 -3.38
CA LEU G 174 26.41 -21.18 -2.43
C LEU G 174 26.38 -21.99 -1.14
N ALA G 175 25.18 -22.38 -0.70
CA ALA G 175 25.05 -23.19 0.51
C ALA G 175 25.72 -24.54 0.31
N TYR G 176 25.55 -25.09 -0.89
CA TYR G 176 26.16 -26.36 -1.23
C TYR G 176 27.69 -26.25 -1.28
N GLU G 177 28.21 -25.20 -1.90
CA GLU G 177 29.65 -25.01 -2.07
C GLU G 177 30.41 -24.53 -0.82
N LEU G 178 29.75 -23.73 0.03
CA LEU G 178 30.40 -23.21 1.24
C LEU G 178 30.11 -24.07 2.48
N GLY G 179 29.18 -25.00 2.33
CA GLY G 179 28.75 -25.84 3.44
C GLY G 179 29.80 -26.68 4.13
N PRO G 180 30.61 -27.43 3.35
CA PRO G 180 31.65 -28.30 3.93
C PRO G 180 32.63 -27.59 4.86
N LYS G 181 32.87 -26.30 4.63
CA LYS G 181 33.73 -25.51 5.51
C LYS G 181 32.95 -24.85 6.65
N GLY G 182 31.72 -25.31 6.88
CA GLY G 182 30.95 -24.88 8.03
C GLY G 182 30.28 -23.52 7.90
N VAL G 183 30.07 -23.09 6.66
CA VAL G 183 29.41 -21.81 6.38
C VAL G 183 28.00 -22.03 5.83
N ARG G 184 27.03 -21.40 6.48
CA ARG G 184 25.65 -21.51 6.06
C ARG G 184 25.21 -20.29 5.25
N VAL G 185 24.36 -20.52 4.26
CA VAL G 185 23.85 -19.45 3.39
C VAL G 185 22.33 -19.53 3.34
N ASN G 186 21.67 -18.41 3.62
CA ASN G 186 20.21 -18.39 3.72
C ASN G 186 19.63 -17.08 3.21
N ALA G 187 18.35 -17.11 2.85
CA ALA G 187 17.69 -15.90 2.38
C ALA G 187 16.47 -15.61 3.26
N ILE G 188 16.24 -14.33 3.50
CA ILE G 188 15.04 -13.89 4.20
C ILE G 188 14.05 -13.29 3.20
N SER G 189 12.88 -13.88 3.08
CA SER G 189 11.85 -13.32 2.22
C SER G 189 10.93 -12.42 3.04
N ALA G 190 11.23 -11.13 3.04
CA ALA G 190 10.46 -10.20 3.86
C ALA G 190 9.21 -9.74 3.14
N GLY G 191 8.13 -9.60 3.89
CA GLY G 191 6.97 -8.88 3.40
C GLY G 191 7.27 -7.39 3.28
N PRO G 192 6.35 -6.65 2.67
CA PRO G 192 6.45 -5.21 2.48
C PRO G 192 6.71 -4.44 3.77
N VAL G 193 7.72 -3.55 3.73
CA VAL G 193 8.07 -2.63 4.82
C VAL G 193 8.62 -1.37 4.14
N ARG G 194 8.53 -0.23 4.83
CA ARG G 194 9.09 1.05 4.32
C ARG G 194 10.45 0.91 3.62
N VAL G 196 12.85 2.56 2.41
CA VAL G 196 13.80 3.33 1.63
C VAL G 196 14.07 2.66 0.28
N ALA G 197 14.57 1.43 0.33
CA ALA G 197 14.81 0.64 -0.88
C ALA G 197 13.48 0.23 -1.52
N ALA G 198 12.44 0.21 -0.71
CA ALA G 198 11.09 -0.11 -1.17
C ALA G 198 10.49 1.02 -2.01
N ARG G 199 11.11 2.19 -2.00
CA ARG G 199 10.66 3.32 -2.80
C ARG G 199 11.04 3.19 -4.28
N SER G 200 12.02 2.33 -4.57
CA SER G 200 12.49 2.11 -5.94
C SER G 200 11.62 1.09 -6.68
N ILE G 201 10.69 0.48 -5.96
CA ILE G 201 9.73 -0.47 -6.53
C ILE G 201 8.35 0.14 -6.57
N PRO G 202 7.84 0.46 -7.78
CA PRO G 202 6.54 1.10 -7.92
C PRO G 202 5.35 0.20 -7.55
N GLY G 203 5.56 -1.11 -7.59
CA GLY G 203 4.51 -2.06 -7.23
C GLY G 203 4.48 -2.40 -5.74
N PHE G 204 5.23 -1.65 -4.96
CA PHE G 204 5.31 -1.89 -3.53
C PHE G 204 4.02 -1.52 -2.79
N THR G 205 3.57 -0.28 -2.97
CA THR G 205 2.48 0.29 -2.19
C THR G 205 1.19 -0.54 -2.26
N LYS G 206 0.79 -0.89 -3.48
CA LYS G 206 -0.40 -1.70 -3.68
C LYS G 206 -0.30 -3.06 -2.96
N MET G 207 0.92 -3.58 -2.87
CA MET G 207 1.19 -4.84 -2.17
C MET G 207 1.17 -4.67 -0.66
N TYR G 208 1.62 -3.51 -0.19
CA TYR G 208 1.65 -3.17 1.24
C TYR G 208 0.25 -3.15 1.84
N ASP G 209 -0.68 -2.49 1.14
CA ASP G 209 -2.06 -2.40 1.62
C ASP G 209 -2.76 -3.75 1.53
N ARG G 210 -2.42 -4.53 0.50
CA ARG G 210 -2.97 -5.88 0.34
C ARG G 210 -2.57 -6.81 1.48
N VAL G 211 -1.33 -6.70 1.95
CA VAL G 211 -0.85 -7.62 2.98
C VAL G 211 -1.62 -7.46 4.28
N ALA G 212 -1.88 -6.23 4.69
CA ALA G 212 -2.61 -6.01 5.95
C ALA G 212 -4.04 -6.56 5.93
N GLN G 213 -4.67 -6.54 4.76
CA GLN G 213 -6.04 -7.05 4.66
C GLN G 213 -6.07 -8.54 4.38
N THR G 214 -5.05 -9.04 3.69
CA THR G 214 -5.06 -10.43 3.21
C THR G 214 -4.28 -11.39 4.12
N ALA G 215 -3.16 -10.92 4.68
CA ALA G 215 -2.31 -11.76 5.50
C ALA G 215 -3.05 -12.31 6.73
N PRO G 216 -2.75 -13.56 7.08
CA PRO G 216 -3.24 -14.25 8.28
C PRO G 216 -3.15 -13.43 9.56
N LEU G 217 -2.10 -12.64 9.72
CA LEU G 217 -1.94 -11.83 10.93
C LEU G 217 -2.65 -10.47 10.85
N ARG G 218 -3.19 -10.16 9.67
CA ARG G 218 -3.97 -8.94 9.45
C ARG G 218 -3.19 -7.66 9.74
N ARG G 219 -1.88 -7.72 9.49
CA ARG G 219 -1.00 -6.56 9.62
C ARG G 219 0.24 -6.76 8.76
N ASN G 220 1.02 -5.71 8.59
CA ASN G 220 2.30 -5.81 7.94
C ASN G 220 3.35 -6.18 8.97
N ILE G 221 4.47 -6.72 8.51
CA ILE G 221 5.57 -6.99 9.41
C ILE G 221 6.37 -5.72 9.69
N THR G 222 7.21 -5.78 10.70
CA THR G 222 8.04 -4.65 11.06
C THR G 222 9.50 -4.91 10.68
N GLN G 223 10.25 -3.83 10.64
CA GLN G 223 11.69 -3.86 10.49
C GLN G 223 12.33 -4.82 11.52
N GLU G 224 11.89 -4.71 12.77
CA GLU G 224 12.45 -5.49 13.87
C GLU G 224 12.25 -7.00 13.66
N GLU G 225 11.09 -7.35 13.11
CA GLU G 225 10.79 -8.75 12.84
C GLU G 225 11.74 -9.39 11.82
N VAL G 226 12.11 -8.63 10.79
CA VAL G 226 13.13 -9.09 9.85
C VAL G 226 14.49 -9.18 10.56
N GLY G 227 14.80 -8.16 11.35
CA GLY G 227 16.04 -8.14 12.13
C GLY G 227 16.21 -9.36 13.03
N ASN G 228 15.14 -9.75 13.72
CA ASN G 228 15.16 -10.93 14.59
C ASN G 228 15.46 -12.23 13.84
N LEU G 229 14.86 -12.38 12.66
CA LEU G 229 15.08 -13.57 11.85
C LEU G 229 16.52 -13.58 11.33
N GLY G 230 17.00 -12.41 10.92
CA GLY G 230 18.38 -12.25 10.49
C GLY G 230 19.34 -12.70 11.56
N LEU G 231 19.12 -12.21 12.78
CA LEU G 231 19.90 -12.57 13.93
C LEU G 231 19.86 -14.07 14.19
N PHE G 232 18.66 -14.63 14.17
CA PHE G 232 18.46 -16.05 14.42
C PHE G 232 19.27 -16.89 13.44
N LEU G 233 19.14 -16.56 12.16
CA LEU G 233 19.74 -17.35 11.09
C LEU G 233 21.26 -17.38 11.15
N LEU G 234 21.83 -16.26 11.59
CA LEU G 234 23.27 -16.15 11.70
C LEU G 234 23.78 -16.76 13.00
N SER G 235 22.92 -16.78 14.03
CA SER G 235 23.31 -17.29 15.35
C SER G 235 23.49 -18.81 15.34
N PRO G 236 24.17 -19.35 16.36
CA PRO G 236 24.31 -20.80 16.51
C PRO G 236 22.97 -21.54 16.74
N LEU G 237 21.91 -20.81 17.10
CA LEU G 237 20.59 -21.40 17.26
C LEU G 237 20.05 -21.97 15.94
N ALA G 238 20.58 -21.50 14.82
CA ALA G 238 20.15 -21.97 13.52
C ALA G 238 21.22 -22.83 12.84
N SER G 239 22.07 -23.48 13.62
CA SER G 239 23.23 -24.20 13.06
C SER G 239 22.88 -25.35 12.12
N GLY G 240 21.62 -25.77 12.11
CA GLY G 240 21.16 -26.84 11.22
C GLY G 240 20.51 -26.36 9.93
N ILE G 241 20.35 -25.04 9.81
CA ILE G 241 19.58 -24.42 8.72
C ILE G 241 20.46 -23.74 7.68
N THR G 242 20.38 -24.20 6.43
CA THR G 242 21.16 -23.64 5.33
C THR G 242 20.48 -23.91 3.99
N GLY G 243 20.72 -23.05 3.01
CA GLY G 243 20.07 -23.17 1.70
C GLY G 243 18.60 -22.77 1.69
N GLU G 244 18.12 -22.24 2.81
CA GLU G 244 16.71 -21.90 2.97
C GLU G 244 16.32 -20.49 2.51
N VAL G 245 15.08 -20.37 2.08
CA VAL G 245 14.38 -19.09 1.97
C VAL G 245 13.29 -19.06 3.04
N VAL G 246 13.48 -18.24 4.08
CA VAL G 246 12.51 -18.16 5.17
C VAL G 246 11.66 -16.90 5.06
N TYR G 247 10.34 -17.07 5.11
CA TYR G 247 9.40 -15.96 4.98
C TYR G 247 9.07 -15.29 6.32
N VAL G 248 9.26 -13.97 6.36
CA VAL G 248 8.71 -13.12 7.42
C VAL G 248 7.74 -12.17 6.75
N ASP G 249 6.51 -12.60 6.58
CA ASP G 249 5.56 -11.81 5.82
C ASP G 249 4.16 -11.84 6.42
N ALA G 250 4.10 -12.15 7.72
CA ALA G 250 2.83 -12.23 8.43
C ALA G 250 1.92 -13.30 7.83
N GLY G 251 2.54 -14.24 7.11
CA GLY G 251 1.81 -15.35 6.48
C GLY G 251 1.26 -15.04 5.11
N TYR G 252 1.45 -13.82 4.63
CA TYR G 252 0.82 -13.37 3.38
C TYR G 252 0.96 -14.33 2.19
N HIS G 253 2.16 -14.87 1.99
CA HIS G 253 2.46 -15.61 0.77
C HIS G 253 1.78 -16.98 0.70
N ILE G 254 1.25 -17.45 1.82
CA ILE G 254 0.52 -18.72 1.81
C ILE G 254 -0.91 -18.56 1.27
N MET G 255 -1.36 -17.32 1.11
CA MET G 255 -2.75 -17.07 0.68
C MET G 255 -2.92 -17.19 -0.83
N GLY G 256 -4.04 -17.77 -1.23
CA GLY G 256 -4.37 -17.88 -2.65
C GLY G 256 -5.30 -16.78 -3.13
N MET H 1 -10.73 -40.44 -33.90
CA MET H 1 -9.38 -39.93 -33.55
C MET H 1 -9.26 -38.39 -33.66
N LEU H 2 -8.63 -37.78 -32.66
CA LEU H 2 -8.45 -36.33 -32.63
C LEU H 2 -7.28 -35.93 -33.52
N THR H 3 -7.43 -34.81 -34.20
CA THR H 3 -6.37 -34.32 -35.06
C THR H 3 -5.87 -32.96 -34.56
N VAL H 4 -4.55 -32.78 -34.54
CA VAL H 4 -3.98 -31.48 -34.25
C VAL H 4 -3.60 -30.80 -35.55
N ASP H 5 -4.40 -29.81 -35.95
CA ASP H 5 -4.25 -29.16 -37.24
C ASP H 5 -3.70 -27.74 -37.11
N LEU H 6 -2.44 -27.56 -37.52
CA LEU H 6 -1.76 -26.28 -37.42
C LEU H 6 -1.48 -25.67 -38.79
N SER H 7 -2.25 -26.10 -39.79
CA SER H 7 -2.17 -25.52 -41.12
C SER H 7 -2.39 -24.01 -41.03
N GLY H 8 -1.52 -23.25 -41.70
CA GLY H 8 -1.67 -21.81 -41.75
C GLY H 8 -1.05 -21.08 -40.58
N LYS H 9 -0.60 -21.82 -39.58
CA LYS H 9 0.09 -21.23 -38.45
C LYS H 9 1.54 -20.97 -38.81
N LYS H 10 2.12 -19.93 -38.21
CA LYS H 10 3.49 -19.55 -38.52
C LYS H 10 4.37 -19.64 -37.27
N ALA H 11 5.49 -20.35 -37.40
CA ALA H 11 6.33 -20.66 -36.27
C ALA H 11 7.79 -20.27 -36.48
N LEU H 12 8.35 -19.59 -35.49
CA LEU H 12 9.78 -19.29 -35.49
C LEU H 12 10.48 -20.03 -34.35
N VAL H 13 11.34 -20.98 -34.71
CA VAL H 13 12.12 -21.72 -33.71
C VAL H 13 13.54 -21.18 -33.65
N MET H 14 13.91 -20.59 -32.53
CA MET H 14 15.25 -20.05 -32.37
C MET H 14 16.14 -20.98 -31.55
N GLY H 15 17.31 -21.33 -32.08
CA GLY H 15 18.25 -22.18 -31.35
C GLY H 15 18.34 -23.59 -31.90
N VAL H 16 18.79 -23.70 -33.13
CA VAL H 16 18.98 -25.00 -33.77
C VAL H 16 20.44 -25.16 -34.20
N THR H 17 21.04 -26.29 -33.84
CA THR H 17 22.41 -26.58 -34.24
C THR H 17 22.47 -27.93 -34.96
N ASN H 18 21.89 -28.95 -34.36
CA ASN H 18 21.83 -30.25 -35.01
C ASN H 18 20.45 -30.92 -34.90
N GLN H 19 20.33 -32.12 -35.47
CA GLN H 19 19.06 -32.84 -35.52
C GLN H 19 18.66 -33.38 -34.16
N ARG H 20 19.62 -33.38 -33.23
CA ARG H 20 19.39 -33.86 -31.88
C ARG H 20 19.05 -32.73 -30.89
N SER H 21 18.96 -31.50 -31.37
CA SER H 21 18.56 -30.42 -30.48
C SER H 21 17.05 -30.40 -30.24
N LEU H 22 16.70 -30.06 -29.01
CA LEU H 22 15.30 -30.02 -28.58
C LEU H 22 14.48 -29.01 -29.37
N GLY H 23 15.13 -27.94 -29.82
CA GLY H 23 14.49 -26.95 -30.67
C GLY H 23 13.99 -27.58 -31.95
N PHE H 24 14.83 -28.40 -32.58
CA PHE H 24 14.46 -29.10 -33.81
C PHE H 24 13.31 -30.09 -33.60
N ALA H 25 13.30 -30.74 -32.44
CA ALA H 25 12.28 -31.73 -32.11
C ALA H 25 10.89 -31.10 -32.07
N ILE H 26 10.80 -29.92 -31.46
CA ILE H 26 9.54 -29.18 -31.47
C ILE H 26 9.20 -28.74 -32.90
N ALA H 27 10.22 -28.30 -33.64
CA ALA H 27 10.04 -27.87 -35.02
C ALA H 27 9.50 -29.00 -35.89
N ALA H 28 10.06 -30.20 -35.71
CA ALA H 28 9.64 -31.39 -36.45
C ALA H 28 8.18 -31.71 -36.21
N LYS H 29 7.75 -31.61 -34.95
CA LYS H 29 6.36 -31.85 -34.58
C LYS H 29 5.40 -30.77 -35.10
N LEU H 30 5.86 -29.52 -35.08
CA LEU H 30 5.08 -28.41 -35.60
C LEU H 30 4.87 -28.54 -37.10
N LYS H 31 5.92 -28.91 -37.84
CA LYS H 31 5.84 -29.08 -39.29
C LYS H 31 4.90 -30.23 -39.60
N GLU H 32 5.03 -31.31 -38.83
CA GLU H 32 4.20 -32.49 -38.97
C GLU H 32 2.73 -32.15 -38.75
N ALA H 33 2.46 -31.17 -37.90
CA ALA H 33 1.09 -30.79 -37.60
C ALA H 33 0.53 -29.80 -38.61
N GLY H 34 1.36 -29.42 -39.58
CA GLY H 34 0.89 -28.56 -40.68
C GLY H 34 1.37 -27.12 -40.67
N ALA H 35 2.14 -26.73 -39.64
CA ALA H 35 2.62 -25.35 -39.52
C ALA H 35 3.71 -24.99 -40.51
N GLU H 36 3.78 -23.71 -40.84
CA GLU H 36 4.88 -23.18 -41.63
C GLU H 36 6.00 -22.78 -40.65
N VAL H 37 7.17 -23.40 -40.79
CA VAL H 37 8.26 -23.24 -39.80
C VAL H 37 9.47 -22.44 -40.33
N ALA H 38 9.93 -21.47 -39.53
CA ALA H 38 11.21 -20.79 -39.81
C ALA H 38 12.19 -21.09 -38.68
N LEU H 39 13.46 -21.26 -39.03
CA LEU H 39 14.50 -21.52 -38.05
C LEU H 39 15.49 -20.38 -38.04
N SER H 40 16.10 -20.12 -36.89
CA SER H 40 17.18 -19.15 -36.81
C SER H 40 18.44 -19.78 -36.24
N TYR H 41 19.55 -19.58 -36.93
CA TYR H 41 20.84 -20.10 -36.51
C TYR H 41 21.68 -18.96 -35.92
N GLN H 42 22.68 -19.33 -35.10
CA GLN H 42 23.52 -18.34 -34.43
C GLN H 42 24.52 -17.65 -35.38
N ALA H 43 25.39 -18.43 -36.02
CA ALA H 43 26.46 -17.88 -36.87
C ALA H 43 26.71 -18.69 -38.15
N GLU H 44 27.53 -18.13 -39.05
CA GLU H 44 27.79 -18.73 -40.36
C GLU H 44 28.31 -20.16 -40.32
N ARG H 45 28.96 -20.54 -39.23
CA ARG H 45 29.49 -21.91 -39.12
C ARG H 45 28.38 -22.99 -39.26
N LEU H 46 27.16 -22.65 -38.86
CA LEU H 46 26.09 -23.64 -38.77
C LEU H 46 25.10 -23.61 -39.94
N ARG H 47 25.27 -22.65 -40.85
CA ARG H 47 24.39 -22.54 -42.04
C ARG H 47 24.21 -23.85 -42.80
N PRO H 48 25.33 -24.54 -43.12
CA PRO H 48 25.25 -25.87 -43.75
C PRO H 48 24.39 -26.89 -42.99
N GLU H 49 24.58 -26.98 -41.68
CA GLU H 49 23.76 -27.88 -40.86
C GLU H 49 22.31 -27.39 -40.82
N ALA H 50 22.14 -26.07 -40.75
CA ALA H 50 20.82 -25.44 -40.73
C ALA H 50 20.04 -25.68 -42.03
N GLU H 51 20.76 -25.76 -43.14
CA GLU H 51 20.14 -26.07 -44.42
C GLU H 51 19.73 -27.54 -44.48
N LYS H 52 20.50 -28.40 -43.82
CA LYS H 52 20.21 -29.83 -43.76
C LYS H 52 18.97 -30.11 -42.92
N LEU H 53 18.79 -29.35 -41.84
CA LEU H 53 17.61 -29.48 -40.97
C LEU H 53 16.37 -29.01 -41.72
N ALA H 54 16.50 -27.90 -42.43
CA ALA H 54 15.43 -27.36 -43.25
C ALA H 54 14.97 -28.44 -44.23
N GLU H 55 15.94 -29.15 -44.80
CA GLU H 55 15.65 -30.25 -45.73
C GLU H 55 14.87 -31.38 -45.04
N ALA H 56 15.28 -31.74 -43.83
CA ALA H 56 14.59 -32.78 -43.05
C ALA H 56 13.15 -32.39 -42.74
N LEU H 57 12.92 -31.10 -42.55
CA LEU H 57 11.56 -30.59 -42.33
C LEU H 57 10.81 -30.44 -43.63
N GLY H 58 11.37 -30.97 -44.71
CA GLY H 58 10.75 -30.84 -46.02
C GLY H 58 10.66 -29.39 -46.44
N GLY H 59 11.71 -28.63 -46.11
CA GLY H 59 11.78 -27.22 -46.47
C GLY H 59 11.50 -26.35 -45.25
N ALA H 60 12.37 -25.37 -45.03
CA ALA H 60 12.18 -24.41 -43.96
C ALA H 60 12.95 -23.14 -44.26
N LEU H 61 12.39 -22.00 -43.85
CA LEU H 61 13.04 -20.71 -44.02
C LEU H 61 14.16 -20.54 -42.99
N LEU H 62 15.27 -19.93 -43.39
CA LEU H 62 16.39 -19.75 -42.46
C LEU H 62 16.75 -18.30 -42.20
N PHE H 63 17.17 -18.01 -40.97
CA PHE H 63 17.76 -16.70 -40.63
C PHE H 63 19.00 -16.88 -39.76
N ARG H 64 19.89 -15.90 -39.80
CA ARG H 64 21.00 -15.84 -38.86
C ARG H 64 20.71 -14.75 -37.85
N ALA H 65 20.73 -15.11 -36.57
CA ALA H 65 20.52 -14.14 -35.49
C ALA H 65 21.31 -14.52 -34.24
N ASP H 66 22.13 -13.57 -33.80
CA ASP H 66 22.80 -13.70 -32.52
C ASP H 66 22.01 -12.90 -31.50
N VAL H 67 21.63 -13.54 -30.41
CA VAL H 67 20.72 -12.93 -29.45
C VAL H 67 21.37 -11.84 -28.59
N THR H 68 22.70 -11.75 -28.63
CA THR H 68 23.40 -10.68 -27.94
C THR H 68 23.38 -9.39 -28.76
N GLN H 69 23.02 -9.49 -30.03
CA GLN H 69 23.06 -8.35 -30.96
C GLN H 69 21.69 -7.77 -31.26
N ASP H 70 21.33 -6.68 -30.60
CA ASP H 70 19.98 -6.12 -30.77
C ASP H 70 19.65 -5.82 -32.24
N GLU H 71 20.63 -5.31 -32.99
CA GLU H 71 20.50 -5.05 -34.43
C GLU H 71 20.08 -6.31 -35.20
N GLU H 72 20.78 -7.43 -34.98
CA GLU H 72 20.46 -8.70 -35.64
C GLU H 72 19.06 -9.20 -35.30
N LEU H 73 18.65 -9.05 -34.04
CA LEU H 73 17.29 -9.41 -33.62
C LEU H 73 16.24 -8.55 -34.30
N ASP H 74 16.57 -7.26 -34.52
CA ASP H 74 15.68 -6.35 -35.23
C ASP H 74 15.52 -6.83 -36.66
N ALA H 75 16.62 -7.28 -37.26
CA ALA H 75 16.61 -7.78 -38.61
C ALA H 75 15.75 -9.05 -38.74
N LEU H 76 15.88 -9.93 -37.74
CA LEU H 76 15.19 -11.23 -37.73
C LEU H 76 13.67 -11.11 -37.72
N PHE H 77 13.14 -10.26 -36.85
CA PHE H 77 11.69 -10.11 -36.78
C PHE H 77 11.14 -9.22 -37.90
N ALA H 78 12.02 -8.49 -38.58
CA ALA H 78 11.66 -7.77 -39.79
C ALA H 78 11.55 -8.78 -40.93
N GLY H 79 12.53 -9.69 -40.99
CA GLY H 79 12.52 -10.79 -41.95
C GLY H 79 11.32 -11.71 -41.79
N VAL H 80 10.97 -12.00 -40.53
CA VAL H 80 9.79 -12.78 -40.19
C VAL H 80 8.53 -12.03 -40.63
N LYS H 81 8.47 -10.74 -40.30
CA LYS H 81 7.31 -9.92 -40.69
C LYS H 81 7.07 -9.94 -42.21
N GLU H 82 8.13 -9.74 -42.98
CA GLU H 82 8.02 -9.73 -44.43
C GLU H 82 7.63 -11.12 -44.94
N ALA H 83 8.23 -12.16 -44.34
CA ALA H 83 8.06 -13.52 -44.81
C ALA H 83 6.78 -14.22 -44.34
N PHE H 84 6.26 -13.82 -43.18
CA PHE H 84 5.09 -14.49 -42.62
C PHE H 84 3.88 -13.59 -42.47
N GLY H 85 4.08 -12.28 -42.50
CA GLY H 85 2.99 -11.34 -42.25
C GLY H 85 2.75 -11.16 -40.78
N GLY H 86 2.51 -12.28 -40.08
CA GLY H 86 2.35 -12.28 -38.62
C GLY H 86 3.11 -13.45 -38.02
N LEU H 87 2.80 -13.78 -36.76
CA LEU H 87 3.44 -14.91 -36.10
C LEU H 87 2.48 -15.61 -35.13
N ASP H 88 2.55 -16.93 -35.08
CA ASP H 88 1.75 -17.68 -34.13
C ASP H 88 2.60 -18.23 -32.99
N TYR H 89 3.62 -18.99 -33.35
CA TYR H 89 4.42 -19.67 -32.35
C TYR H 89 5.87 -19.19 -32.36
N LEU H 90 6.41 -18.97 -31.18
CA LEU H 90 7.83 -18.66 -31.03
C LEU H 90 8.43 -19.70 -30.09
N VAL H 91 9.36 -20.49 -30.61
CA VAL H 91 10.05 -21.44 -29.76
C VAL H 91 11.41 -20.88 -29.38
N HIS H 92 11.61 -20.67 -28.08
CA HIS H 92 12.88 -20.19 -27.56
C HIS H 92 13.70 -21.39 -27.04
N ALA H 93 14.66 -21.83 -27.83
CA ALA H 93 15.50 -22.97 -27.45
C ALA H 93 16.97 -22.55 -27.41
N ILE H 94 17.24 -21.44 -26.71
CA ILE H 94 18.59 -20.89 -26.66
C ILE H 94 19.14 -20.88 -25.25
N ALA H 95 20.35 -21.41 -25.08
CA ALA H 95 21.02 -21.41 -23.79
C ALA H 95 22.52 -21.45 -23.99
N PHE H 96 23.25 -20.72 -23.14
CA PHE H 96 24.71 -20.67 -23.22
C PHE H 96 25.30 -20.15 -21.95
N ALA H 97 26.42 -20.77 -21.56
CA ALA H 97 27.28 -20.24 -20.52
C ALA H 97 28.70 -20.55 -20.94
N PRO H 98 29.61 -19.58 -20.79
CA PRO H 98 31.01 -19.77 -21.15
C PRO H 98 31.58 -21.02 -20.51
N ARG H 99 32.38 -21.77 -21.25
CA ARG H 99 32.93 -23.02 -20.75
C ARG H 99 33.64 -22.82 -19.42
N GLU H 100 34.38 -21.72 -19.30
CA GLU H 100 35.12 -21.38 -18.07
C GLU H 100 34.25 -21.24 -16.81
N ALA H 101 32.94 -21.11 -17.01
CA ALA H 101 31.99 -20.95 -15.90
C ALA H 101 31.27 -22.25 -15.57
N MET H 102 31.22 -23.16 -16.54
CA MET H 102 30.51 -24.43 -16.36
C MET H 102 31.40 -25.47 -15.67
N GLU H 103 32.67 -25.16 -15.54
CA GLU H 103 33.57 -26.00 -14.77
C GLU H 103 33.80 -25.33 -13.43
N GLY H 104 34.26 -26.10 -12.45
CA GLY H 104 34.56 -25.55 -11.13
C GLY H 104 33.31 -25.22 -10.34
N ARG H 105 33.43 -24.24 -9.45
CA ARG H 105 32.35 -23.89 -8.54
C ARG H 105 31.62 -22.64 -8.98
N TYR H 106 30.30 -22.63 -8.76
CA TYR H 106 29.49 -21.46 -9.03
C TYR H 106 30.02 -20.20 -8.35
N ILE H 107 30.53 -20.36 -7.13
CA ILE H 107 31.04 -19.23 -6.39
C ILE H 107 32.29 -18.60 -7.04
N ASP H 108 32.96 -19.36 -7.89
CA ASP H 108 34.14 -18.85 -8.59
C ASP H 108 33.81 -18.19 -9.94
N THR H 109 32.52 -18.13 -10.27
CA THR H 109 32.09 -17.60 -11.58
C THR H 109 32.59 -16.18 -11.78
N ARG H 110 33.20 -15.93 -12.94
CA ARG H 110 33.74 -14.61 -13.25
C ARG H 110 32.64 -13.66 -13.71
N ARG H 111 32.78 -12.40 -13.35
CA ARG H 111 31.75 -11.38 -13.61
C ARG H 111 31.22 -11.39 -15.04
N GLN H 112 32.12 -11.30 -16.03
CA GLN H 112 31.66 -11.21 -17.41
C GLN H 112 31.05 -12.51 -17.93
N ASP H 113 31.48 -13.64 -17.37
CA ASP H 113 30.92 -14.93 -17.74
C ASP H 113 29.51 -15.08 -17.19
N TRP H 114 29.35 -14.77 -15.90
CA TRP H 114 28.05 -14.82 -15.24
C TRP H 114 27.05 -13.97 -16.02
N LEU H 115 27.44 -12.74 -16.36
CA LEU H 115 26.56 -11.84 -17.09
C LEU H 115 26.24 -12.36 -18.49
N LEU H 116 27.26 -12.86 -19.18
CA LEU H 116 27.05 -13.40 -20.53
C LEU H 116 26.05 -14.56 -20.51
N ALA H 117 26.16 -15.39 -19.47
CA ALA H 117 25.30 -16.55 -19.33
C ALA H 117 23.86 -16.12 -19.12
N LEU H 118 23.67 -15.07 -18.33
CA LEU H 118 22.33 -14.61 -18.02
C LEU H 118 21.75 -13.80 -19.14
N GLU H 119 22.63 -13.21 -19.96
CA GLU H 119 22.22 -12.44 -21.13
C GLU H 119 21.65 -13.32 -22.24
N VAL H 120 22.41 -14.34 -22.61
CA VAL H 120 22.04 -15.27 -23.67
C VAL H 120 20.90 -16.19 -23.24
N SER H 121 20.98 -16.67 -22.00
CA SER H 121 20.08 -17.72 -21.53
C SER H 121 18.78 -17.24 -20.91
N ALA H 122 18.73 -15.99 -20.46
CA ALA H 122 17.51 -15.46 -19.84
C ALA H 122 17.01 -14.19 -20.49
N TYR H 123 17.86 -13.17 -20.61
CA TYR H 123 17.43 -11.92 -21.22
C TYR H 123 16.91 -12.09 -22.65
N SER H 124 17.51 -13.02 -23.39
CA SER H 124 17.15 -13.21 -24.80
C SER H 124 15.68 -13.55 -24.97
N LEU H 125 15.05 -14.10 -23.92
CA LEU H 125 13.61 -14.34 -23.96
C LEU H 125 12.85 -13.02 -23.96
N VAL H 126 13.24 -12.11 -23.08
CA VAL H 126 12.58 -10.81 -23.01
C VAL H 126 12.77 -10.09 -24.35
N ALA H 127 14.00 -10.10 -24.82
CA ALA H 127 14.38 -9.47 -26.07
C ALA H 127 13.51 -9.94 -27.24
N VAL H 128 13.33 -11.24 -27.38
CA VAL H 128 12.60 -11.77 -28.52
C VAL H 128 11.08 -11.69 -28.34
N ALA H 129 10.61 -11.68 -27.10
CA ALA H 129 9.18 -11.57 -26.85
C ALA H 129 8.67 -10.17 -27.15
N ARG H 130 9.51 -9.17 -26.89
CA ARG H 130 9.13 -7.78 -27.15
C ARG H 130 9.01 -7.54 -28.66
N ARG H 131 9.89 -8.18 -29.43
CA ARG H 131 9.92 -7.99 -30.87
C ARG H 131 8.85 -8.81 -31.56
N ALA H 132 8.42 -9.88 -30.90
CA ALA H 132 7.39 -10.77 -31.43
C ALA H 132 6.00 -10.28 -31.02
N GLU H 133 5.94 -9.47 -29.96
CA GLU H 133 4.65 -9.03 -29.44
C GLU H 133 3.68 -8.45 -30.50
N PRO H 134 4.12 -7.45 -31.28
CA PRO H 134 3.24 -6.88 -32.32
C PRO H 134 2.92 -7.82 -33.49
N LEU H 135 3.66 -8.92 -33.58
CA LEU H 135 3.48 -9.90 -34.66
C LEU H 135 2.56 -11.05 -34.27
N LEU H 136 2.44 -11.29 -32.96
CA LEU H 136 1.72 -12.44 -32.45
C LEU H 136 0.20 -12.28 -32.53
N ARG H 137 -0.47 -13.29 -33.08
CA ARG H 137 -1.92 -13.29 -33.23
C ARG H 137 -2.60 -13.89 -32.00
N GLU H 138 -3.91 -13.72 -31.90
CA GLU H 138 -4.71 -14.33 -30.82
C GLU H 138 -4.53 -15.84 -30.86
N GLY H 139 -4.40 -16.44 -29.68
CA GLY H 139 -4.09 -17.87 -29.59
C GLY H 139 -2.61 -18.15 -29.77
N GLY H 140 -1.84 -17.12 -30.13
CA GLY H 140 -0.40 -17.25 -30.31
C GLY H 140 0.33 -17.67 -29.05
N GLY H 141 1.62 -17.96 -29.17
CA GLY H 141 2.35 -18.49 -28.03
C GLY H 141 3.87 -18.52 -28.09
N ILE H 142 4.47 -18.42 -26.90
CA ILE H 142 5.90 -18.55 -26.72
C ILE H 142 6.19 -19.69 -25.75
N VAL H 143 7.14 -20.54 -26.13
CA VAL H 143 7.57 -21.61 -25.26
C VAL H 143 9.10 -21.59 -25.19
N THR H 144 9.63 -21.74 -23.98
CA THR H 144 11.08 -21.81 -23.78
C THR H 144 11.45 -23.14 -23.13
N LEU H 145 12.73 -23.36 -22.90
CA LEU H 145 13.21 -24.61 -22.32
C LEU H 145 14.08 -24.38 -21.10
N THR H 146 13.83 -25.15 -20.05
CA THR H 146 14.52 -24.99 -18.79
C THR H 146 14.84 -26.36 -18.19
N TYR H 147 15.39 -26.35 -16.98
CA TYR H 147 15.81 -27.58 -16.31
C TYR H 147 15.68 -27.46 -14.79
N TYR H 148 15.41 -28.60 -14.14
CA TYR H 148 15.20 -28.73 -12.70
C TYR H 148 16.19 -27.96 -11.83
N ALA H 149 17.42 -27.80 -12.31
CA ALA H 149 18.49 -27.18 -11.53
C ALA H 149 18.16 -25.75 -11.07
N SER H 150 17.11 -25.17 -11.64
CA SER H 150 16.63 -23.85 -11.22
C SER H 150 16.03 -23.88 -9.81
N GLU H 151 15.48 -25.03 -9.44
CA GLU H 151 14.79 -25.16 -8.17
C GLU H 151 15.68 -25.85 -7.14
N LYS H 152 16.43 -26.86 -7.59
CA LYS H 152 17.28 -27.64 -6.70
C LYS H 152 18.73 -27.70 -7.18
N VAL H 153 19.68 -27.92 -6.28
CA VAL H 153 21.10 -27.90 -6.65
C VAL H 153 21.53 -29.13 -7.44
N VAL H 154 21.86 -28.93 -8.71
CA VAL H 154 22.48 -29.98 -9.50
C VAL H 154 23.92 -29.56 -9.76
N PRO H 155 24.87 -30.21 -9.10
CA PRO H 155 26.29 -29.86 -9.15
C PRO H 155 26.81 -29.77 -10.57
N LYS H 156 27.62 -28.76 -10.84
CA LYS H 156 28.25 -28.53 -12.14
C LYS H 156 27.33 -27.86 -13.17
N TYR H 157 26.06 -27.68 -12.84
CA TYR H 157 25.17 -26.92 -13.71
C TYR H 157 25.40 -25.41 -13.47
N ASN H 158 25.94 -25.09 -12.30
CA ASN H 158 26.38 -23.73 -11.95
C ASN H 158 25.47 -22.60 -12.45
N VAL H 159 26.09 -21.60 -13.07
CA VAL H 159 25.41 -20.37 -13.46
C VAL H 159 24.19 -20.61 -14.36
N MET H 160 24.20 -21.71 -15.12
CA MET H 160 23.06 -22.07 -15.95
C MET H 160 21.81 -22.30 -15.13
N ALA H 161 21.98 -22.88 -13.94
CA ALA H 161 20.88 -23.09 -13.00
C ALA H 161 20.25 -21.79 -12.59
N ILE H 162 21.09 -20.80 -12.38
CA ILE H 162 20.67 -19.47 -11.99
C ILE H 162 19.99 -18.81 -13.16
N ALA H 163 20.54 -19.03 -14.35
CA ALA H 163 19.98 -18.48 -15.58
C ALA H 163 18.56 -19.01 -15.76
N LYS H 164 18.43 -20.33 -15.60
CA LYS H 164 17.14 -20.98 -15.71
C LYS H 164 16.15 -20.45 -14.67
N ALA H 165 16.65 -20.16 -13.47
CA ALA H 165 15.80 -19.55 -12.44
C ALA H 165 15.30 -18.18 -12.92
N ALA H 166 16.18 -17.44 -13.57
CA ALA H 166 15.82 -16.13 -14.12
C ALA H 166 14.92 -16.30 -15.32
N LEU H 167 15.09 -17.41 -16.02
CA LEU H 167 14.29 -17.68 -17.22
C LEU H 167 12.84 -17.95 -16.84
N GLU H 168 12.65 -18.80 -15.83
CA GLU H 168 11.32 -19.22 -15.43
C GLU H 168 10.54 -18.07 -14.80
N ALA H 169 11.23 -17.26 -14.01
CA ALA H 169 10.61 -16.07 -13.45
C ALA H 169 10.13 -15.16 -14.58
N SER H 170 10.98 -15.04 -15.62
CA SER H 170 10.64 -14.28 -16.82
C SER H 170 9.38 -14.84 -17.49
N VAL H 171 9.32 -16.16 -17.63
CA VAL H 171 8.17 -16.80 -18.22
C VAL H 171 6.88 -16.35 -17.54
N ARG H 172 6.90 -16.30 -16.22
CA ARG H 172 5.75 -15.89 -15.43
C ARG H 172 5.32 -14.44 -15.70
N TYR H 173 6.29 -13.53 -15.71
CA TYR H 173 5.99 -12.12 -15.91
C TYR H 173 5.57 -11.83 -17.34
N LEU H 174 6.21 -12.48 -18.29
CA LEU H 174 5.84 -12.30 -19.68
C LEU H 174 4.45 -12.85 -19.92
N ALA H 175 4.09 -13.91 -19.20
CA ALA H 175 2.78 -14.53 -19.35
C ALA H 175 1.71 -13.54 -18.90
N TYR H 176 2.01 -12.87 -17.79
CA TYR H 176 1.12 -11.87 -17.23
C TYR H 176 0.94 -10.70 -18.18
N GLU H 177 2.00 -10.35 -18.91
CA GLU H 177 1.99 -9.14 -19.72
C GLU H 177 1.40 -9.34 -21.12
N LEU H 178 1.58 -10.54 -21.67
CA LEU H 178 1.13 -10.83 -23.02
C LEU H 178 -0.21 -11.54 -23.04
N GLY H 179 -0.64 -11.99 -21.86
CA GLY H 179 -1.92 -12.66 -21.69
C GLY H 179 -3.14 -11.93 -22.25
N PRO H 180 -3.34 -10.67 -21.83
CA PRO H 180 -4.47 -9.84 -22.33
C PRO H 180 -4.64 -9.86 -23.85
N LYS H 181 -3.54 -9.79 -24.60
CA LYS H 181 -3.60 -9.81 -26.06
C LYS H 181 -3.68 -11.24 -26.63
N GLY H 182 -4.01 -12.21 -25.79
CA GLY H 182 -4.22 -13.59 -26.24
C GLY H 182 -2.97 -14.43 -26.48
N VAL H 183 -1.86 -14.05 -25.86
CA VAL H 183 -0.62 -14.79 -26.04
C VAL H 183 -0.26 -15.57 -24.78
N ARG H 184 0.04 -16.86 -24.97
CA ARG H 184 0.43 -17.71 -23.86
C ARG H 184 1.95 -17.84 -23.82
N VAL H 185 2.50 -17.93 -22.61
CA VAL H 185 3.95 -18.11 -22.45
C VAL H 185 4.18 -19.20 -21.40
N ASN H 186 4.90 -20.24 -21.79
CA ASN H 186 5.16 -21.39 -20.92
C ASN H 186 6.60 -21.86 -21.04
N ALA H 187 7.01 -22.76 -20.15
CA ALA H 187 8.34 -23.38 -20.24
C ALA H 187 8.27 -24.90 -20.18
N ILE H 188 9.12 -25.54 -20.96
CA ILE H 188 9.28 -26.99 -20.91
C ILE H 188 10.53 -27.31 -20.11
N SER H 189 10.37 -27.95 -18.96
CA SER H 189 11.53 -28.40 -18.18
C SER H 189 11.92 -29.82 -18.55
N ALA H 190 12.83 -29.96 -19.50
CA ALA H 190 13.24 -31.27 -19.99
C ALA H 190 14.23 -31.95 -19.04
N GLY H 191 14.18 -33.27 -19.01
CA GLY H 191 15.24 -34.06 -18.39
C GLY H 191 16.37 -34.11 -19.38
N PRO H 192 17.52 -34.68 -18.97
CA PRO H 192 18.68 -34.79 -19.86
C PRO H 192 18.34 -35.63 -21.08
N VAL H 193 18.82 -35.23 -22.25
CA VAL H 193 18.54 -35.96 -23.50
C VAL H 193 19.82 -36.48 -24.19
N PHE H 204 26.84 -33.59 -17.42
CA PHE H 204 25.66 -34.13 -18.11
C PHE H 204 25.60 -35.65 -18.03
N THR H 205 26.71 -36.30 -18.39
CA THR H 205 26.75 -37.75 -18.46
C THR H 205 26.52 -38.40 -17.09
N LYS H 206 26.86 -37.69 -16.02
CA LYS H 206 26.62 -38.15 -14.67
C LYS H 206 25.13 -38.11 -14.32
N MET H 207 24.48 -36.99 -14.64
CA MET H 207 23.06 -36.80 -14.37
C MET H 207 22.17 -37.73 -15.21
N TYR H 208 22.64 -38.04 -16.42
CA TYR H 208 21.91 -38.89 -17.36
C TYR H 208 21.70 -40.31 -16.84
N ASP H 209 22.77 -40.89 -16.27
CA ASP H 209 22.71 -42.23 -15.70
C ASP H 209 21.88 -42.27 -14.42
N ARG H 210 21.92 -41.19 -13.66
CA ARG H 210 21.19 -41.11 -12.40
C ARG H 210 19.68 -40.99 -12.61
N VAL H 211 19.26 -40.34 -13.70
CA VAL H 211 17.85 -40.20 -14.02
C VAL H 211 17.25 -41.54 -14.40
N ALA H 212 17.93 -42.25 -15.29
CA ALA H 212 17.51 -43.59 -15.69
C ALA H 212 17.24 -44.46 -14.47
N GLN H 213 18.10 -44.34 -13.46
CA GLN H 213 17.96 -45.14 -12.26
C GLN H 213 16.94 -44.56 -11.29
N THR H 214 16.95 -43.25 -11.10
CA THR H 214 16.12 -42.65 -10.05
C THR H 214 14.69 -42.34 -10.47
N ALA H 215 14.51 -41.94 -11.73
CA ALA H 215 13.19 -41.53 -12.22
C ALA H 215 12.19 -42.68 -12.23
N PRO H 216 10.92 -42.38 -11.90
CA PRO H 216 9.78 -43.30 -11.91
C PRO H 216 9.63 -44.14 -13.18
N LEU H 217 9.99 -43.62 -14.34
CA LEU H 217 9.80 -44.40 -15.56
C LEU H 217 10.96 -45.35 -15.81
N ARG H 218 12.00 -45.23 -14.97
CA ARG H 218 13.21 -46.05 -15.04
C ARG H 218 13.93 -45.95 -16.38
N ARG H 219 13.89 -44.76 -16.97
CA ARG H 219 14.60 -44.47 -18.21
C ARG H 219 14.67 -42.96 -18.37
N ASN H 220 15.48 -42.51 -19.32
CA ASN H 220 15.52 -41.10 -19.71
C ASN H 220 14.43 -40.78 -20.71
N ILE H 221 14.10 -39.51 -20.84
CA ILE H 221 13.12 -39.08 -21.83
C ILE H 221 13.76 -39.05 -23.20
N THR H 222 12.93 -38.94 -24.24
CA THR H 222 13.44 -38.84 -25.60
C THR H 222 13.23 -37.45 -26.16
N GLN H 223 14.00 -37.15 -27.19
CA GLN H 223 13.89 -35.92 -27.94
C GLN H 223 12.45 -35.70 -28.43
N GLU H 224 11.81 -36.79 -28.85
CA GLU H 224 10.45 -36.74 -29.40
C GLU H 224 9.42 -36.41 -28.32
N GLU H 225 9.71 -36.83 -27.09
CA GLU H 225 8.82 -36.57 -25.96
C GLU H 225 8.79 -35.09 -25.58
N VAL H 226 9.91 -34.39 -25.86
CA VAL H 226 10.00 -32.96 -25.63
C VAL H 226 9.29 -32.20 -26.76
N GLY H 227 9.47 -32.67 -27.99
CA GLY H 227 8.75 -32.14 -29.13
C GLY H 227 7.24 -32.21 -28.94
N ASN H 228 6.74 -33.39 -28.57
CA ASN H 228 5.32 -33.57 -28.31
C ASN H 228 4.75 -32.59 -27.30
N LEU H 229 5.48 -32.34 -26.21
CA LEU H 229 5.02 -31.37 -25.22
C LEU H 229 5.00 -29.96 -25.81
N GLY H 230 6.04 -29.63 -26.57
CA GLY H 230 6.14 -28.33 -27.22
C GLY H 230 4.99 -28.11 -28.18
N LEU H 231 4.68 -29.14 -28.96
CA LEU H 231 3.57 -29.10 -29.89
C LEU H 231 2.24 -28.82 -29.16
N PHE H 232 1.99 -29.56 -28.10
CA PHE H 232 0.74 -29.45 -27.34
C PHE H 232 0.55 -28.06 -26.75
N LEU H 233 1.60 -27.54 -26.12
CA LEU H 233 1.52 -26.26 -25.42
C LEU H 233 1.20 -25.12 -26.38
N LEU H 234 1.75 -25.21 -27.59
CA LEU H 234 1.51 -24.20 -28.61
C LEU H 234 0.15 -24.37 -29.27
N SER H 235 -0.26 -25.63 -29.43
CA SER H 235 -1.52 -25.98 -30.09
C SER H 235 -2.71 -25.42 -29.31
N PRO H 236 -3.89 -25.36 -29.95
CA PRO H 236 -5.06 -24.82 -29.21
C PRO H 236 -5.58 -25.80 -28.16
N LEU H 237 -4.97 -26.98 -28.07
CA LEU H 237 -5.36 -27.96 -27.06
C LEU H 237 -4.98 -27.49 -25.66
N ALA H 238 -4.00 -26.60 -25.58
CA ALA H 238 -3.55 -26.06 -24.30
C ALA H 238 -3.95 -24.59 -24.17
N SER H 239 -5.09 -24.24 -24.73
CA SER H 239 -5.56 -22.85 -24.73
C SER H 239 -5.79 -22.24 -23.34
N GLY H 240 -6.00 -23.08 -22.34
CA GLY H 240 -6.19 -22.59 -20.97
C GLY H 240 -4.93 -22.58 -20.13
N ILE H 241 -3.79 -22.89 -20.75
CA ILE H 241 -2.54 -23.09 -20.01
C ILE H 241 -1.49 -22.03 -20.34
N THR H 242 -1.09 -21.25 -19.34
CA THR H 242 -0.05 -20.24 -19.53
C THR H 242 0.69 -19.96 -18.23
N GLY H 243 1.91 -19.45 -18.34
CA GLY H 243 2.71 -19.11 -17.16
C GLY H 243 3.27 -20.32 -16.44
N GLU H 244 3.16 -21.48 -17.06
CA GLU H 244 3.54 -22.75 -16.43
C GLU H 244 4.92 -23.27 -16.78
N VAL H 245 5.49 -24.02 -15.85
CA VAL H 245 6.66 -24.83 -16.12
C VAL H 245 6.20 -26.29 -16.11
N VAL H 246 6.14 -26.90 -17.29
CA VAL H 246 5.78 -28.31 -17.38
C VAL H 246 7.04 -29.17 -17.53
N TYR H 247 7.12 -30.22 -16.71
CA TYR H 247 8.27 -31.12 -16.68
C TYR H 247 8.04 -32.34 -17.57
N VAL H 248 8.94 -32.54 -18.54
CA VAL H 248 9.05 -33.82 -19.25
C VAL H 248 10.35 -34.43 -18.79
N ASP H 249 10.34 -35.16 -17.68
CA ASP H 249 11.59 -35.69 -17.15
C ASP H 249 11.42 -37.08 -16.57
N ALA H 250 10.41 -37.81 -17.06
CA ALA H 250 10.14 -39.16 -16.60
C ALA H 250 9.84 -39.20 -15.10
N GLY H 251 9.49 -38.04 -14.54
CA GLY H 251 9.19 -37.93 -13.13
C GLY H 251 10.39 -37.69 -12.22
N TYR H 252 11.58 -37.50 -12.81
CA TYR H 252 12.78 -37.36 -11.99
C TYR H 252 12.62 -36.34 -10.85
N HIS H 253 12.15 -35.15 -11.18
CA HIS H 253 12.16 -34.04 -10.22
C HIS H 253 11.22 -34.23 -9.03
N ILE H 254 10.28 -35.16 -9.10
CA ILE H 254 9.40 -35.41 -7.95
C ILE H 254 10.08 -36.29 -6.91
N MET H 255 11.24 -36.83 -7.25
CA MET H 255 11.93 -37.77 -6.36
C MET H 255 12.70 -37.07 -5.26
N GLY H 256 12.67 -37.65 -4.06
CA GLY H 256 13.55 -37.23 -2.97
C GLY H 256 14.55 -38.34 -2.65
PA NAP I . 6.77 23.52 -19.32
O1A NAP I . 7.76 22.97 -20.25
O2A NAP I . 5.49 23.70 -20.04
O5B NAP I . 7.31 24.94 -18.72
C5B NAP I . 6.45 26.05 -18.47
C4B NAP I . 6.44 27.03 -19.64
O4B NAP I . 6.61 28.37 -19.21
C3B NAP I . 7.56 26.74 -20.64
O3B NAP I . 7.04 26.68 -21.94
C2B NAP I . 8.46 27.95 -20.51
O2B NAP I . 9.24 28.21 -21.65
C1B NAP I . 7.46 29.04 -20.14
N9A NAP I . 8.18 30.22 -19.62
C8A NAP I . 9.14 30.28 -18.64
N7A NAP I . 9.55 31.56 -18.51
C5A NAP I . 8.87 32.34 -19.40
C6A NAP I . 8.89 33.70 -19.70
N6A NAP I . 9.69 34.53 -19.04
N1A NAP I . 8.06 34.19 -20.67
C2A NAP I . 7.21 33.35 -21.36
N3A NAP I . 7.20 32.00 -21.06
C4A NAP I . 8.01 31.50 -20.10
O3 NAP I . 6.59 22.56 -18.04
PN NAP I . 5.26 22.17 -17.19
O1N NAP I . 5.66 21.38 -15.98
O2N NAP I . 4.23 21.64 -18.11
O5D NAP I . 4.79 23.64 -16.69
C5D NAP I . 3.46 24.10 -16.88
C4D NAP I . 2.90 24.58 -15.54
O4D NAP I . 2.50 23.48 -14.73
C3D NAP I . 3.95 25.34 -14.73
O3D NAP I . 3.35 26.51 -14.22
C2D NAP I . 4.32 24.40 -13.62
O2D NAP I . 4.74 25.08 -12.46
C1D NAP I . 3.02 23.62 -13.43
N1N NAP I . 3.21 22.30 -12.81
C2N NAP I . 4.04 21.37 -13.40
C3N NAP I . 4.21 20.12 -12.83
C7N NAP I . 5.13 19.11 -13.49
O7N NAP I . 5.62 18.04 -12.73
N7N NAP I . 5.43 19.24 -14.78
C4N NAP I . 3.55 19.81 -11.66
C5N NAP I . 2.72 20.75 -11.07
C6N NAP I . 2.55 21.99 -11.66
P2B NAP I . 10.80 27.76 -21.59
O1X NAP I . 10.90 26.26 -21.44
O2X NAP I . 11.50 28.20 -22.86
O3X NAP I . 11.50 28.41 -20.41
PA NAP J . 21.44 -27.00 -28.35
O1A NAP J . 22.70 -27.42 -28.99
O2A NAP J . 20.36 -26.89 -29.36
O5B NAP J . 21.69 -25.59 -27.58
C5B NAP J . 20.81 -24.48 -27.67
C4B NAP J . 21.03 -23.63 -28.92
O4B NAP J . 21.19 -22.25 -28.63
C3B NAP J . 22.28 -24.06 -29.70
O3B NAP J . 21.92 -24.39 -31.01
C2B NAP J . 23.14 -22.81 -29.70
O2B NAP J . 23.96 -22.69 -30.84
C1B NAP J . 22.12 -21.70 -29.55
N9A NAP J . 22.84 -20.50 -29.09
C8A NAP J . 23.83 -20.47 -28.15
N7A NAP J . 24.24 -19.20 -28.02
C5A NAP J . 23.55 -18.41 -28.86
C6A NAP J . 23.57 -17.04 -29.13
N6A NAP J . 24.43 -16.26 -28.48
N1A NAP J . 22.72 -16.50 -30.08
C2A NAP J . 21.84 -17.33 -30.74
N3A NAP J . 21.81 -18.68 -30.48
C4A NAP J . 22.65 -19.22 -29.55
O3 NAP J . 21.06 -28.07 -27.20
PN NAP J . 19.64 -28.42 -26.49
O1N NAP J . 19.94 -29.16 -25.25
O2N NAP J . 18.74 -29.01 -27.51
O5D NAP J . 19.09 -26.95 -26.11
C5D NAP J . 17.71 -26.63 -26.12
C4D NAP J . 17.28 -25.98 -24.82
O4D NAP J . 16.79 -26.95 -23.90
C3D NAP J . 18.41 -25.25 -24.11
O3D NAP J . 17.93 -23.99 -23.70
C2D NAP J . 18.71 -26.09 -22.87
O2D NAP J . 19.08 -25.28 -21.77
C1D NAP J . 17.40 -26.81 -22.62
N1N NAP J . 17.58 -28.13 -22.01
C2N NAP J . 18.36 -29.08 -22.61
C3N NAP J . 18.53 -30.33 -22.03
C7N NAP J . 19.39 -31.38 -22.69
O7N NAP J . 19.98 -32.40 -21.91
N7N NAP J . 19.58 -31.33 -24.02
C4N NAP J . 17.90 -30.63 -20.83
C5N NAP J . 17.11 -29.66 -20.24
C6N NAP J . 16.95 -28.41 -20.84
P2B NAP J . 25.51 -23.16 -30.75
O1X NAP J . 25.57 -24.65 -30.97
O2X NAP J . 26.33 -22.45 -31.79
O3X NAP J . 26.05 -22.82 -29.37
#